data_2IDY
# 
_entry.id   2IDY 
# 
_audit_conform.dict_name       mmcif_pdbx.dic 
_audit_conform.dict_version    5.392 
_audit_conform.dict_location   http://mmcif.pdb.org/dictionaries/ascii/mmcif_pdbx.dic 
# 
loop_
_database_2.database_id 
_database_2.database_code 
_database_2.pdbx_database_accession 
_database_2.pdbx_DOI 
PDB   2IDY         pdb_00002idy 10.2210/pdb2idy/pdb 
RCSB  RCSB039463   ?            ?                   
WWPDB D_1000039463 ?            ?                   
# 
loop_
_pdbx_audit_revision_history.ordinal 
_pdbx_audit_revision_history.data_content_type 
_pdbx_audit_revision_history.major_revision 
_pdbx_audit_revision_history.minor_revision 
_pdbx_audit_revision_history.revision_date 
1 'Structure model' 1 0 2006-12-05 
2 'Structure model' 1 1 2008-02-06 
3 'Structure model' 1 2 2011-07-13 
4 'Structure model' 1 3 2022-03-09 
5 'Structure model' 1 4 2024-05-29 
# 
_pdbx_audit_revision_details.ordinal             1 
_pdbx_audit_revision_details.revision_ordinal    1 
_pdbx_audit_revision_details.data_content_type   'Structure model' 
_pdbx_audit_revision_details.provider            repository 
_pdbx_audit_revision_details.type                'Initial release' 
_pdbx_audit_revision_details.description         ? 
_pdbx_audit_revision_details.details             ? 
# 
loop_
_pdbx_audit_revision_group.ordinal 
_pdbx_audit_revision_group.revision_ordinal 
_pdbx_audit_revision_group.data_content_type 
_pdbx_audit_revision_group.group 
1 2 'Structure model' 'Version format compliance' 
2 3 'Structure model' 'Version format compliance' 
3 4 'Structure model' 'Data collection'           
4 4 'Structure model' 'Database references'       
5 4 'Structure model' 'Derived calculations'      
6 5 'Structure model' 'Data collection'           
# 
loop_
_pdbx_audit_revision_category.ordinal 
_pdbx_audit_revision_category.revision_ordinal 
_pdbx_audit_revision_category.data_content_type 
_pdbx_audit_revision_category.category 
1 4 'Structure model' database_2            
2 4 'Structure model' pdbx_nmr_software     
3 4 'Structure model' pdbx_nmr_spectrometer 
4 4 'Structure model' pdbx_struct_assembly  
5 4 'Structure model' pdbx_struct_oper_list 
6 5 'Structure model' chem_comp_atom        
7 5 'Structure model' chem_comp_bond        
# 
loop_
_pdbx_audit_revision_item.ordinal 
_pdbx_audit_revision_item.revision_ordinal 
_pdbx_audit_revision_item.data_content_type 
_pdbx_audit_revision_item.item 
1 4 'Structure model' '_database_2.pdbx_DOI'                
2 4 'Structure model' '_database_2.pdbx_database_accession' 
3 4 'Structure model' '_pdbx_nmr_software.name'             
4 4 'Structure model' '_pdbx_nmr_spectrometer.model'        
# 
_pdbx_database_status.status_code                     REL 
_pdbx_database_status.entry_id                        2IDY 
_pdbx_database_status.recvd_initial_deposition_date   2006-09-15 
_pdbx_database_status.deposit_site                    RCSB 
_pdbx_database_status.process_site                    RCSB 
_pdbx_database_status.status_code_sf                  ? 
_pdbx_database_status.status_code_mr                  ? 
_pdbx_database_status.SG_entry                        Y 
_pdbx_database_status.pdb_format_compatible           Y 
_pdbx_database_status.status_code_cs                  ? 
_pdbx_database_status.status_code_nmr_data            ? 
_pdbx_database_status.methods_development_category    ? 
# 
loop_
_pdbx_database_related.db_name 
_pdbx_database_related.db_id 
_pdbx_database_related.details 
_pdbx_database_related.content_type 
PDB      2GRI   'Bundle of 20 conformers' unspecified 
BMRB     7029   Assignments               unspecified 
TargetDB 367632 .                         unspecified 
# 
loop_
_audit_author.name 
_audit_author.pdbx_ordinal 
'Serrano, P.'                                 1  
'Almeida, M.S.'                               2  
'Johnson, M.A.'                               3  
'Horst, R.'                                   4  
'Herrmann, T.'                                5  
'Joseph, J.'                                  6  
'Saikatendu, K.'                              7  
'Subramanian, V.'                             8  
'Stevens, R.C.'                               9  
'Kuhn, P.'                                    10 
'Wuthrich, K.'                                11 
'Joint Center for Structural Genomics (JCSG)' 12 
# 
_citation.id                        primary 
_citation.title                     
;Nuclear magnetic resonance structure of the N-terminal domain of nonstructural protein 3 from the severe acute respiratory syndrome coronavirus.
;
_citation.journal_abbrev            J.Virol. 
_citation.journal_volume            81 
_citation.page_first                12049 
_citation.page_last                 12060 
_citation.year                      2007 
_citation.journal_id_ASTM           JOVIAM 
_citation.country                   US 
_citation.journal_id_ISSN           0022-538X 
_citation.journal_id_CSD            0825 
_citation.book_publisher            ? 
_citation.pdbx_database_id_PubMed   17728234 
_citation.pdbx_database_id_DOI      10.1128/JVI.00969-07 
# 
loop_
_citation_author.citation_id 
_citation_author.name 
_citation_author.ordinal 
_citation_author.identifier_ORCID 
primary 'Serrano, P.'      1  ? 
primary 'Johnson, M.A.'    2  ? 
primary 'Almeida, M.S.'    3  ? 
primary 'Horst, R.'        4  ? 
primary 'Herrmann, T.'     5  ? 
primary 'Joseph, J.S.'     6  ? 
primary 'Neuman, B.W.'     7  ? 
primary 'Subramanian, V.'  8  ? 
primary 'Saikatendu, K.S.' 9  ? 
primary 'Buchmeier, M.J.'  10 ? 
primary 'Stevens, R.C.'    11 ? 
primary 'Kuhn, P.'         12 ? 
primary 'Wuthrich, K.'     13 ? 
# 
_entity.id                         1 
_entity.type                       polymer 
_entity.src_method                 man 
_entity.pdbx_description           NSP3 
_entity.formula_weight             12648.012 
_entity.pdbx_number_of_molecules   1 
_entity.pdbx_ec                    ? 
_entity.pdbx_mutation              ? 
_entity.pdbx_fragment              ? 
_entity.details                    ? 
# 
_entity_poly.entity_id                      1 
_entity_poly.type                           'polypeptide(L)' 
_entity_poly.nstd_linkage                   no 
_entity_poly.nstd_monomer                   no 
_entity_poly.pdbx_seq_one_letter_code       
;APIKGVTFGEDTVWEVQGYKNVRITFELDERVDKVLNEKCSVYTVESGTEVTEFACVVAEAVVKTLQPVSDLLTNMGIDL
DEWSVATFYLFDDAGEENFSSRMYCSFYPPDE
;
_entity_poly.pdbx_seq_one_letter_code_can   
;APIKGVTFGEDTVWEVQGYKNVRITFELDERVDKVLNEKCSVYTVESGTEVTEFACVVAEAVVKTLQPVSDLLTNMGIDL
DEWSVATFYLFDDAGEENFSSRMYCSFYPPDE
;
_entity_poly.pdbx_strand_id                 A 
_entity_poly.pdbx_target_identifier         367632 
# 
loop_
_entity_poly_seq.entity_id 
_entity_poly_seq.num 
_entity_poly_seq.mon_id 
_entity_poly_seq.hetero 
1 1   ALA n 
1 2   PRO n 
1 3   ILE n 
1 4   LYS n 
1 5   GLY n 
1 6   VAL n 
1 7   THR n 
1 8   PHE n 
1 9   GLY n 
1 10  GLU n 
1 11  ASP n 
1 12  THR n 
1 13  VAL n 
1 14  TRP n 
1 15  GLU n 
1 16  VAL n 
1 17  GLN n 
1 18  GLY n 
1 19  TYR n 
1 20  LYS n 
1 21  ASN n 
1 22  VAL n 
1 23  ARG n 
1 24  ILE n 
1 25  THR n 
1 26  PHE n 
1 27  GLU n 
1 28  LEU n 
1 29  ASP n 
1 30  GLU n 
1 31  ARG n 
1 32  VAL n 
1 33  ASP n 
1 34  LYS n 
1 35  VAL n 
1 36  LEU n 
1 37  ASN n 
1 38  GLU n 
1 39  LYS n 
1 40  CYS n 
1 41  SER n 
1 42  VAL n 
1 43  TYR n 
1 44  THR n 
1 45  VAL n 
1 46  GLU n 
1 47  SER n 
1 48  GLY n 
1 49  THR n 
1 50  GLU n 
1 51  VAL n 
1 52  THR n 
1 53  GLU n 
1 54  PHE n 
1 55  ALA n 
1 56  CYS n 
1 57  VAL n 
1 58  VAL n 
1 59  ALA n 
1 60  GLU n 
1 61  ALA n 
1 62  VAL n 
1 63  VAL n 
1 64  LYS n 
1 65  THR n 
1 66  LEU n 
1 67  GLN n 
1 68  PRO n 
1 69  VAL n 
1 70  SER n 
1 71  ASP n 
1 72  LEU n 
1 73  LEU n 
1 74  THR n 
1 75  ASN n 
1 76  MET n 
1 77  GLY n 
1 78  ILE n 
1 79  ASP n 
1 80  LEU n 
1 81  ASP n 
1 82  GLU n 
1 83  TRP n 
1 84  SER n 
1 85  VAL n 
1 86  ALA n 
1 87  THR n 
1 88  PHE n 
1 89  TYR n 
1 90  LEU n 
1 91  PHE n 
1 92  ASP n 
1 93  ASP n 
1 94  ALA n 
1 95  GLY n 
1 96  GLU n 
1 97  GLU n 
1 98  ASN n 
1 99  PHE n 
1 100 SER n 
1 101 SER n 
1 102 ARG n 
1 103 MET n 
1 104 TYR n 
1 105 CYS n 
1 106 SER n 
1 107 PHE n 
1 108 TYR n 
1 109 PRO n 
1 110 PRO n 
1 111 ASP n 
1 112 GLU n 
# 
_entity_src_gen.entity_id                          1 
_entity_src_gen.pdbx_src_id                        1 
_entity_src_gen.pdbx_alt_source_flag               sample 
_entity_src_gen.pdbx_seq_type                      ? 
_entity_src_gen.pdbx_beg_seq_num                   ? 
_entity_src_gen.pdbx_end_seq_num                   ? 
_entity_src_gen.gene_src_common_name               ? 
_entity_src_gen.gene_src_genus                     Coronavirus 
_entity_src_gen.pdbx_gene_src_gene                 ? 
_entity_src_gen.gene_src_species                   ? 
_entity_src_gen.gene_src_strain                    ? 
_entity_src_gen.gene_src_tissue                    ? 
_entity_src_gen.gene_src_tissue_fraction           ? 
_entity_src_gen.gene_src_details                   ? 
_entity_src_gen.pdbx_gene_src_fragment             ? 
_entity_src_gen.pdbx_gene_src_scientific_name      'SARS coronavirus' 
_entity_src_gen.pdbx_gene_src_ncbi_taxonomy_id     227859 
_entity_src_gen.pdbx_gene_src_variant              ? 
_entity_src_gen.pdbx_gene_src_cell_line            ? 
_entity_src_gen.pdbx_gene_src_atcc                 ? 
_entity_src_gen.pdbx_gene_src_organ                ? 
_entity_src_gen.pdbx_gene_src_organelle            ? 
_entity_src_gen.pdbx_gene_src_cell                 ? 
_entity_src_gen.pdbx_gene_src_cellular_location    ? 
_entity_src_gen.host_org_common_name               ? 
_entity_src_gen.pdbx_host_org_scientific_name      'Escherichia coli' 
_entity_src_gen.pdbx_host_org_ncbi_taxonomy_id     562 
_entity_src_gen.host_org_genus                     Escherichia 
_entity_src_gen.pdbx_host_org_gene                 ? 
_entity_src_gen.pdbx_host_org_organ                ? 
_entity_src_gen.host_org_species                   ? 
_entity_src_gen.pdbx_host_org_tissue               ? 
_entity_src_gen.pdbx_host_org_tissue_fraction      ? 
_entity_src_gen.pdbx_host_org_strain               'Bl21 codonplus (DE)-RIL' 
_entity_src_gen.pdbx_host_org_variant              ? 
_entity_src_gen.pdbx_host_org_cell_line            ? 
_entity_src_gen.pdbx_host_org_atcc                 ? 
_entity_src_gen.pdbx_host_org_culture_collection   ? 
_entity_src_gen.pdbx_host_org_cell                 ? 
_entity_src_gen.pdbx_host_org_organelle            ? 
_entity_src_gen.pdbx_host_org_cellular_location    ? 
_entity_src_gen.pdbx_host_org_vector_type          Plasmid 
_entity_src_gen.pdbx_host_org_vector               ? 
_entity_src_gen.host_org_details                   ? 
_entity_src_gen.expression_system_id               ? 
_entity_src_gen.plasmid_name                       pET-25b 
_entity_src_gen.plasmid_details                    ? 
_entity_src_gen.pdbx_description                   ? 
# 
loop_
_chem_comp.id 
_chem_comp.type 
_chem_comp.mon_nstd_flag 
_chem_comp.name 
_chem_comp.pdbx_synonyms 
_chem_comp.formula 
_chem_comp.formula_weight 
ALA 'L-peptide linking' y ALANINE         ? 'C3 H7 N O2'     89.093  
ARG 'L-peptide linking' y ARGININE        ? 'C6 H15 N4 O2 1' 175.209 
ASN 'L-peptide linking' y ASPARAGINE      ? 'C4 H8 N2 O3'    132.118 
ASP 'L-peptide linking' y 'ASPARTIC ACID' ? 'C4 H7 N O4'     133.103 
CYS 'L-peptide linking' y CYSTEINE        ? 'C3 H7 N O2 S'   121.158 
GLN 'L-peptide linking' y GLUTAMINE       ? 'C5 H10 N2 O3'   146.144 
GLU 'L-peptide linking' y 'GLUTAMIC ACID' ? 'C5 H9 N O4'     147.129 
GLY 'peptide linking'   y GLYCINE         ? 'C2 H5 N O2'     75.067  
ILE 'L-peptide linking' y ISOLEUCINE      ? 'C6 H13 N O2'    131.173 
LEU 'L-peptide linking' y LEUCINE         ? 'C6 H13 N O2'    131.173 
LYS 'L-peptide linking' y LYSINE          ? 'C6 H15 N2 O2 1' 147.195 
MET 'L-peptide linking' y METHIONINE      ? 'C5 H11 N O2 S'  149.211 
PHE 'L-peptide linking' y PHENYLALANINE   ? 'C9 H11 N O2'    165.189 
PRO 'L-peptide linking' y PROLINE         ? 'C5 H9 N O2'     115.130 
SER 'L-peptide linking' y SERINE          ? 'C3 H7 N O3'     105.093 
THR 'L-peptide linking' y THREONINE       ? 'C4 H9 N O3'     119.119 
TRP 'L-peptide linking' y TRYPTOPHAN      ? 'C11 H12 N2 O2'  204.225 
TYR 'L-peptide linking' y TYROSINE        ? 'C9 H11 N O3'    181.189 
VAL 'L-peptide linking' y VALINE          ? 'C5 H11 N O2'    117.146 
# 
loop_
_pdbx_poly_seq_scheme.asym_id 
_pdbx_poly_seq_scheme.entity_id 
_pdbx_poly_seq_scheme.seq_id 
_pdbx_poly_seq_scheme.mon_id 
_pdbx_poly_seq_scheme.ndb_seq_num 
_pdbx_poly_seq_scheme.pdb_seq_num 
_pdbx_poly_seq_scheme.auth_seq_num 
_pdbx_poly_seq_scheme.pdb_mon_id 
_pdbx_poly_seq_scheme.auth_mon_id 
_pdbx_poly_seq_scheme.pdb_strand_id 
_pdbx_poly_seq_scheme.pdb_ins_code 
_pdbx_poly_seq_scheme.hetero 
A 1 1   ALA 1   1   1   ALA ALA A . n 
A 1 2   PRO 2   2   2   PRO PRO A . n 
A 1 3   ILE 3   3   3   ILE ILE A . n 
A 1 4   LYS 4   4   4   LYS LYS A . n 
A 1 5   GLY 5   5   5   GLY GLY A . n 
A 1 6   VAL 6   6   6   VAL VAL A . n 
A 1 7   THR 7   7   7   THR THR A . n 
A 1 8   PHE 8   8   8   PHE PHE A . n 
A 1 9   GLY 9   9   9   GLY GLY A . n 
A 1 10  GLU 10  10  10  GLU GLU A . n 
A 1 11  ASP 11  11  11  ASP ASP A . n 
A 1 12  THR 12  12  12  THR THR A . n 
A 1 13  VAL 13  13  13  VAL VAL A . n 
A 1 14  TRP 14  14  14  TRP TRP A . n 
A 1 15  GLU 15  15  15  GLU GLU A . n 
A 1 16  VAL 16  16  16  VAL VAL A . n 
A 1 17  GLN 17  17  17  GLN GLN A . n 
A 1 18  GLY 18  18  18  GLY GLY A . n 
A 1 19  TYR 19  19  19  TYR TYR A . n 
A 1 20  LYS 20  20  20  LYS LYS A . n 
A 1 21  ASN 21  21  21  ASN ASN A . n 
A 1 22  VAL 22  22  22  VAL VAL A . n 
A 1 23  ARG 23  23  23  ARG ARG A . n 
A 1 24  ILE 24  24  24  ILE ILE A . n 
A 1 25  THR 25  25  25  THR THR A . n 
A 1 26  PHE 26  26  26  PHE PHE A . n 
A 1 27  GLU 27  27  27  GLU GLU A . n 
A 1 28  LEU 28  28  28  LEU LEU A . n 
A 1 29  ASP 29  29  29  ASP ASP A . n 
A 1 30  GLU 30  30  30  GLU GLU A . n 
A 1 31  ARG 31  31  31  ARG ARG A . n 
A 1 32  VAL 32  32  32  VAL VAL A . n 
A 1 33  ASP 33  33  33  ASP ASP A . n 
A 1 34  LYS 34  34  34  LYS LYS A . n 
A 1 35  VAL 35  35  35  VAL VAL A . n 
A 1 36  LEU 36  36  36  LEU LEU A . n 
A 1 37  ASN 37  37  37  ASN ASN A . n 
A 1 38  GLU 38  38  38  GLU GLU A . n 
A 1 39  LYS 39  39  39  LYS LYS A . n 
A 1 40  CYS 40  40  40  CYS CYS A . n 
A 1 41  SER 41  41  41  SER SER A . n 
A 1 42  VAL 42  42  42  VAL VAL A . n 
A 1 43  TYR 43  43  43  TYR TYR A . n 
A 1 44  THR 44  44  44  THR THR A . n 
A 1 45  VAL 45  45  45  VAL VAL A . n 
A 1 46  GLU 46  46  46  GLU GLU A . n 
A 1 47  SER 47  47  47  SER SER A . n 
A 1 48  GLY 48  48  48  GLY GLY A . n 
A 1 49  THR 49  49  49  THR THR A . n 
A 1 50  GLU 50  50  50  GLU GLU A . n 
A 1 51  VAL 51  51  51  VAL VAL A . n 
A 1 52  THR 52  52  52  THR THR A . n 
A 1 53  GLU 53  53  53  GLU GLU A . n 
A 1 54  PHE 54  54  54  PHE PHE A . n 
A 1 55  ALA 55  55  55  ALA ALA A . n 
A 1 56  CYS 56  56  56  CYS CYS A . n 
A 1 57  VAL 57  57  57  VAL VAL A . n 
A 1 58  VAL 58  58  58  VAL VAL A . n 
A 1 59  ALA 59  59  59  ALA ALA A . n 
A 1 60  GLU 60  60  60  GLU GLU A . n 
A 1 61  ALA 61  61  61  ALA ALA A . n 
A 1 62  VAL 62  62  62  VAL VAL A . n 
A 1 63  VAL 63  63  63  VAL VAL A . n 
A 1 64  LYS 64  64  64  LYS LYS A . n 
A 1 65  THR 65  65  65  THR THR A . n 
A 1 66  LEU 66  66  66  LEU LEU A . n 
A 1 67  GLN 67  67  67  GLN GLN A . n 
A 1 68  PRO 68  68  68  PRO PRO A . n 
A 1 69  VAL 69  69  69  VAL VAL A . n 
A 1 70  SER 70  70  70  SER SER A . n 
A 1 71  ASP 71  71  71  ASP ASP A . n 
A 1 72  LEU 72  72  72  LEU LEU A . n 
A 1 73  LEU 73  73  73  LEU LEU A . n 
A 1 74  THR 74  74  74  THR THR A . n 
A 1 75  ASN 75  75  75  ASN ASN A . n 
A 1 76  MET 76  76  76  MET MET A . n 
A 1 77  GLY 77  77  77  GLY GLY A . n 
A 1 78  ILE 78  78  78  ILE ILE A . n 
A 1 79  ASP 79  79  79  ASP ASP A . n 
A 1 80  LEU 80  80  80  LEU LEU A . n 
A 1 81  ASP 81  81  81  ASP ASP A . n 
A 1 82  GLU 82  82  82  GLU GLU A . n 
A 1 83  TRP 83  83  83  TRP TRP A . n 
A 1 84  SER 84  84  84  SER SER A . n 
A 1 85  VAL 85  85  85  VAL VAL A . n 
A 1 86  ALA 86  86  86  ALA ALA A . n 
A 1 87  THR 87  87  87  THR THR A . n 
A 1 88  PHE 88  88  88  PHE PHE A . n 
A 1 89  TYR 89  89  89  TYR TYR A . n 
A 1 90  LEU 90  90  90  LEU LEU A . n 
A 1 91  PHE 91  91  91  PHE PHE A . n 
A 1 92  ASP 92  92  92  ASP ASP A . n 
A 1 93  ASP 93  93  93  ASP ASP A . n 
A 1 94  ALA 94  94  94  ALA ALA A . n 
A 1 95  GLY 95  95  95  GLY GLY A . n 
A 1 96  GLU 96  96  96  GLU GLU A . n 
A 1 97  GLU 97  97  97  GLU GLU A . n 
A 1 98  ASN 98  98  98  ASN ASN A . n 
A 1 99  PHE 99  99  99  PHE PHE A . n 
A 1 100 SER 100 100 100 SER SER A . n 
A 1 101 SER 101 101 101 SER SER A . n 
A 1 102 ARG 102 102 102 ARG ARG A . n 
A 1 103 MET 103 103 103 MET MET A . n 
A 1 104 TYR 104 104 104 TYR TYR A . n 
A 1 105 CYS 105 105 105 CYS CYS A . n 
A 1 106 SER 106 106 106 SER SER A . n 
A 1 107 PHE 107 107 107 PHE PHE A . n 
A 1 108 TYR 108 108 108 TYR TYR A . n 
A 1 109 PRO 109 109 109 PRO PRO A . n 
A 1 110 PRO 110 110 110 PRO PRO A . n 
A 1 111 ASP 111 111 111 ASP ASP A . n 
A 1 112 GLU 112 112 112 GLU GLU A . n 
# 
_exptl.entry_id          2IDY 
_exptl.method            'SOLUTION NMR' 
_exptl.crystals_number   ? 
# 
_exptl_crystal.id                    1 
_exptl_crystal.density_meas          ? 
_exptl_crystal.density_Matthews      ? 
_exptl_crystal.density_percent_sol   ? 
_exptl_crystal.description           ? 
# 
_diffrn.id                     1 
_diffrn.ambient_temp           ? 
_diffrn.ambient_temp_details   ? 
_diffrn.crystal_id             1 
# 
_diffrn_radiation.diffrn_id                        1 
_diffrn_radiation.wavelength_id                    1 
_diffrn_radiation.monochromator                    ? 
_diffrn_radiation.pdbx_monochromatic_or_laue_m_l   M 
_diffrn_radiation.pdbx_diffrn_protocol             'SINGLE WAVELENGTH' 
_diffrn_radiation.pdbx_scattering_type             ? 
# 
_diffrn_radiation_wavelength.id           1 
_diffrn_radiation_wavelength.wavelength   . 
_diffrn_radiation_wavelength.wt           1.0 
# 
_struct.entry_id                  2IDY 
_struct.title                     'NMR Structure of the SARS-CoV non-structural protein nsp3a' 
_struct.pdbx_model_details        ? 
_struct.pdbx_CASP_flag            N 
_struct.pdbx_model_type_details   ? 
# 
_struct_keywords.entry_id        2IDY 
_struct_keywords.pdbx_keywords   'VIRAL PROTEIN' 
_struct_keywords.text            
;SARS coronavirus NMR nsp3a, Structural Genomics, PSI-2, Protein Structure Initiative, Joint Center for Structural Genomics, JCSG, Viral Protein
;
# 
_struct_asym.id                            A 
_struct_asym.pdbx_blank_PDB_chainid_flag   N 
_struct_asym.pdbx_modified                 N 
_struct_asym.entity_id                     1 
_struct_asym.details                       ? 
# 
_struct_ref.id                         1 
_struct_ref.db_name                    UNP 
_struct_ref.db_code                    R1AB_CVHSA 
_struct_ref.pdbx_db_accession          P59641 
_struct_ref.entity_id                  1 
_struct_ref.pdbx_seq_one_letter_code   
;APIKGVTFGEDTVWEVQGYKNVRITFELDERVDKVLNEKCSVYTVESGTEVTEFACVVAEAVVKTLQPVSDLLTNMGIDL
DEWSVATFYLFDDAGEENFSSRMYCSFYPPDEEEEDDAECEEEEIDETCEHEYGTEDD
;
_struct_ref.pdbx_align_begin           819 
_struct_ref.pdbx_db_isoform            ? 
# 
_struct_ref_seq.align_id                      1 
_struct_ref_seq.ref_id                        1 
_struct_ref_seq.pdbx_PDB_id_code              2IDY 
_struct_ref_seq.pdbx_strand_id                A 
_struct_ref_seq.seq_align_beg                 1 
_struct_ref_seq.pdbx_seq_align_beg_ins_code   ? 
_struct_ref_seq.seq_align_end                 112 
_struct_ref_seq.pdbx_seq_align_end_ins_code   ? 
_struct_ref_seq.pdbx_db_accession             P59641 
_struct_ref_seq.db_align_beg                  819 
_struct_ref_seq.pdbx_db_align_beg_ins_code    ? 
_struct_ref_seq.db_align_end                  930 
_struct_ref_seq.pdbx_db_align_end_ins_code    ? 
_struct_ref_seq.pdbx_auth_seq_align_beg       1 
_struct_ref_seq.pdbx_auth_seq_align_end       112 
# 
_pdbx_struct_assembly.id                   1 
_pdbx_struct_assembly.details              author_defined_assembly 
_pdbx_struct_assembly.method_details       ? 
_pdbx_struct_assembly.oligomeric_details   monomeric 
_pdbx_struct_assembly.oligomeric_count     1 
# 
_pdbx_struct_assembly_gen.assembly_id       1 
_pdbx_struct_assembly_gen.oper_expression   1 
_pdbx_struct_assembly_gen.asym_id_list      A 
# 
_pdbx_struct_oper_list.id                   1 
_pdbx_struct_oper_list.type                 'identity operation' 
_pdbx_struct_oper_list.name                 1_555 
_pdbx_struct_oper_list.symmetry_operation   x,y,z 
_pdbx_struct_oper_list.matrix[1][1]         1.0000000000 
_pdbx_struct_oper_list.matrix[1][2]         0.0000000000 
_pdbx_struct_oper_list.matrix[1][3]         0.0000000000 
_pdbx_struct_oper_list.vector[1]            0.0000000000 
_pdbx_struct_oper_list.matrix[2][1]         0.0000000000 
_pdbx_struct_oper_list.matrix[2][2]         1.0000000000 
_pdbx_struct_oper_list.matrix[2][3]         0.0000000000 
_pdbx_struct_oper_list.vector[2]            0.0000000000 
_pdbx_struct_oper_list.matrix[3][1]         0.0000000000 
_pdbx_struct_oper_list.matrix[3][2]         0.0000000000 
_pdbx_struct_oper_list.matrix[3][3]         1.0000000000 
_pdbx_struct_oper_list.vector[3]            0.0000000000 
# 
_struct_biol.id        1 
_struct_biol.details   ? 
# 
loop_
_struct_conf.conf_type_id 
_struct_conf.id 
_struct_conf.pdbx_PDB_helix_id 
_struct_conf.beg_label_comp_id 
_struct_conf.beg_label_asym_id 
_struct_conf.beg_label_seq_id 
_struct_conf.pdbx_beg_PDB_ins_code 
_struct_conf.end_label_comp_id 
_struct_conf.end_label_asym_id 
_struct_conf.end_label_seq_id 
_struct_conf.pdbx_end_PDB_ins_code 
_struct_conf.beg_auth_comp_id 
_struct_conf.beg_auth_asym_id 
_struct_conf.beg_auth_seq_id 
_struct_conf.end_auth_comp_id 
_struct_conf.end_auth_asym_id 
_struct_conf.end_auth_seq_id 
_struct_conf.pdbx_PDB_helix_class 
_struct_conf.details 
_struct_conf.pdbx_PDB_helix_length 
HELX_P HELX_P1 1 GLU A 53 ? THR A 65 ? GLU A 53 THR A 65 1 ? 13 
HELX_P HELX_P2 2 VAL A 69 ? GLY A 77 ? VAL A 69 GLY A 77 1 ? 9  
HELX_P HELX_P3 3 ASP A 79 ? SER A 84 ? ASP A 79 SER A 84 1 ? 6  
# 
_struct_conf_type.id          HELX_P 
_struct_conf_type.criteria    ? 
_struct_conf_type.reference   ? 
# 
loop_
_struct_sheet.id 
_struct_sheet.type 
_struct_sheet.number_strands 
_struct_sheet.details 
A ? 2 ? 
B ? 2 ? 
# 
loop_
_struct_sheet_order.sheet_id 
_struct_sheet_order.range_id_1 
_struct_sheet_order.range_id_2 
_struct_sheet_order.offset 
_struct_sheet_order.sense 
A 1 2 ? anti-parallel 
B 1 2 ? anti-parallel 
# 
loop_
_struct_sheet_range.sheet_id 
_struct_sheet_range.id 
_struct_sheet_range.beg_label_comp_id 
_struct_sheet_range.beg_label_asym_id 
_struct_sheet_range.beg_label_seq_id 
_struct_sheet_range.pdbx_beg_PDB_ins_code 
_struct_sheet_range.end_label_comp_id 
_struct_sheet_range.end_label_asym_id 
_struct_sheet_range.end_label_seq_id 
_struct_sheet_range.pdbx_end_PDB_ins_code 
_struct_sheet_range.beg_auth_comp_id 
_struct_sheet_range.beg_auth_asym_id 
_struct_sheet_range.beg_auth_seq_id 
_struct_sheet_range.end_auth_comp_id 
_struct_sheet_range.end_auth_asym_id 
_struct_sheet_range.end_auth_seq_id 
A 1 ASN A 21  ? ARG A 23  ? ASN A 21  ARG A 23  
A 2 VAL A 42  ? THR A 44  ? VAL A 42  THR A 44  
B 1 TYR A 89  ? PHE A 91  ? TYR A 89  PHE A 91  
B 2 TYR A 104 ? SER A 106 ? TYR A 104 SER A 106 
# 
loop_
_pdbx_struct_sheet_hbond.sheet_id 
_pdbx_struct_sheet_hbond.range_id_1 
_pdbx_struct_sheet_hbond.range_id_2 
_pdbx_struct_sheet_hbond.range_1_label_atom_id 
_pdbx_struct_sheet_hbond.range_1_label_comp_id 
_pdbx_struct_sheet_hbond.range_1_label_asym_id 
_pdbx_struct_sheet_hbond.range_1_label_seq_id 
_pdbx_struct_sheet_hbond.range_1_PDB_ins_code 
_pdbx_struct_sheet_hbond.range_1_auth_atom_id 
_pdbx_struct_sheet_hbond.range_1_auth_comp_id 
_pdbx_struct_sheet_hbond.range_1_auth_asym_id 
_pdbx_struct_sheet_hbond.range_1_auth_seq_id 
_pdbx_struct_sheet_hbond.range_2_label_atom_id 
_pdbx_struct_sheet_hbond.range_2_label_comp_id 
_pdbx_struct_sheet_hbond.range_2_label_asym_id 
_pdbx_struct_sheet_hbond.range_2_label_seq_id 
_pdbx_struct_sheet_hbond.range_2_PDB_ins_code 
_pdbx_struct_sheet_hbond.range_2_auth_atom_id 
_pdbx_struct_sheet_hbond.range_2_auth_comp_id 
_pdbx_struct_sheet_hbond.range_2_auth_asym_id 
_pdbx_struct_sheet_hbond.range_2_auth_seq_id 
A 1 2 N VAL A 22 ? N VAL A 22 O TYR A 43  ? O TYR A 43  
B 1 2 N TYR A 89 ? N TYR A 89 O SER A 106 ? O SER A 106 
# 
loop_
_pdbx_validate_torsion.id 
_pdbx_validate_torsion.PDB_model_num 
_pdbx_validate_torsion.auth_comp_id 
_pdbx_validate_torsion.auth_asym_id 
_pdbx_validate_torsion.auth_seq_id 
_pdbx_validate_torsion.PDB_ins_code 
_pdbx_validate_torsion.label_alt_id 
_pdbx_validate_torsion.phi 
_pdbx_validate_torsion.psi 
1  1 PRO A 2   ? ? -69.78  72.46   
2  1 LYS A 4   ? ? -58.67  -171.75 
3  1 PHE A 8   ? ? -174.70 134.37  
4  1 ASP A 11  ? ? -171.04 -54.60  
5  1 GLU A 15  ? ? -135.53 -40.98  
6  1 THR A 25  ? ? -161.37 75.74   
7  1 PHE A 26  ? ? -121.51 -77.64  
8  1 GLU A 27  ? ? -176.83 134.28  
9  1 LEU A 28  ? ? -148.69 -56.06  
10 1 CYS A 40  ? ? -179.80 86.98   
11 1 GLU A 46  ? ? -59.33  -174.37 
12 1 LEU A 66  ? ? -119.39 56.41   
13 1 VAL A 69  ? ? -153.61 68.34   
14 1 ASP A 92  ? ? -115.90 -166.17 
15 1 SER A 100 ? ? -79.62  -169.20 
16 1 ASP A 111 ? ? 179.89  -34.11  
# 
_pdbx_SG_project.id                    1 
_pdbx_SG_project.project_name          'PSI, Protein Structure Initiative' 
_pdbx_SG_project.full_name_of_center   'Joint Center for Structural Genomics' 
_pdbx_SG_project.initial_of_center     JCSG 
# 
_pdbx_nmr_ensemble.entry_id                                      2IDY 
_pdbx_nmr_ensemble.conformers_calculated_total_number            80 
_pdbx_nmr_ensemble.conformers_submitted_total_number             1 
_pdbx_nmr_ensemble.conformer_selection_criteria                  'conformer closest to the mean coordinates' 
_pdbx_nmr_ensemble.average_constraints_per_residue               ? 
_pdbx_nmr_ensemble.average_constraint_violations_per_residue     ? 
_pdbx_nmr_ensemble.maximum_distance_constraint_violation         ? 
_pdbx_nmr_ensemble.average_distance_constraint_violation         ? 
_pdbx_nmr_ensemble.maximum_upper_distance_constraint_violation   ? 
_pdbx_nmr_ensemble.maximum_lower_distance_constraint_violation   ? 
_pdbx_nmr_ensemble.distance_constraint_violation_method          ? 
_pdbx_nmr_ensemble.maximum_torsion_angle_constraint_violation    ? 
_pdbx_nmr_ensemble.average_torsion_angle_constraint_violation    ? 
_pdbx_nmr_ensemble.torsion_angle_constraint_violation_method     ? 
# 
_pdbx_nmr_representative.entry_id             2IDY 
_pdbx_nmr_representative.conformer_id         1 
_pdbx_nmr_representative.selection_criteria   'closest to the average' 
# 
_pdbx_nmr_sample_details.solution_id      1 
_pdbx_nmr_sample_details.contents         
;1-2.5 mM 15N, 13C  
50mM phosphate buffer pH 6.5  
150 mM NaCl; H20 90%, D20 10%
;
_pdbx_nmr_sample_details.solvent_system   'H20 90%, D20 10%' 
# 
_pdbx_nmr_exptl_sample_conditions.conditions_id       1 
_pdbx_nmr_exptl_sample_conditions.temperature         298 
_pdbx_nmr_exptl_sample_conditions.pressure            ambient 
_pdbx_nmr_exptl_sample_conditions.pH                  6.5 
_pdbx_nmr_exptl_sample_conditions.ionic_strength      '50 mM sodium phosphate, 150 mM NaCl' 
_pdbx_nmr_exptl_sample_conditions.pressure_units      . 
_pdbx_nmr_exptl_sample_conditions.temperature_units   K 
# 
loop_
_pdbx_nmr_exptl.experiment_id 
_pdbx_nmr_exptl.conditions_id 
_pdbx_nmr_exptl.type 
_pdbx_nmr_exptl.solution_id 
1 1 3D_13C-separated_NOESY 1 
2 1 3D_15N-separated_NOESY 1 
# 
_pdbx_nmr_refine.entry_id           2IDY 
_pdbx_nmr_refine.method             'opal 1.0' 
_pdbx_nmr_refine.details            ? 
_pdbx_nmr_refine.software_ordinal   1 
# 
loop_
_pdbx_nmr_software.classification 
_pdbx_nmr_software.name 
_pdbx_nmr_software.version 
_pdbx_nmr_software.authors 
_pdbx_nmr_software.ordinal 
'structure solution' ATNOS/CANDID/CYANA 1.0 Gunter 1 
collection           TopSpin            1.3 Bruker 2 
'data analysis'      CARA               1.4 Keller 3 
refinement           ATNOS/CANDID/CYANA 1.0 Gunter 4 
# 
loop_
_chem_comp_atom.comp_id 
_chem_comp_atom.atom_id 
_chem_comp_atom.type_symbol 
_chem_comp_atom.pdbx_aromatic_flag 
_chem_comp_atom.pdbx_stereo_config 
_chem_comp_atom.pdbx_ordinal 
ALA N    N N N 1   
ALA CA   C N S 2   
ALA C    C N N 3   
ALA O    O N N 4   
ALA CB   C N N 5   
ALA OXT  O N N 6   
ALA H    H N N 7   
ALA H2   H N N 8   
ALA HA   H N N 9   
ALA HB1  H N N 10  
ALA HB2  H N N 11  
ALA HB3  H N N 12  
ALA HXT  H N N 13  
ARG N    N N N 14  
ARG CA   C N S 15  
ARG C    C N N 16  
ARG O    O N N 17  
ARG CB   C N N 18  
ARG CG   C N N 19  
ARG CD   C N N 20  
ARG NE   N N N 21  
ARG CZ   C N N 22  
ARG NH1  N N N 23  
ARG NH2  N N N 24  
ARG OXT  O N N 25  
ARG H    H N N 26  
ARG H2   H N N 27  
ARG HA   H N N 28  
ARG HB2  H N N 29  
ARG HB3  H N N 30  
ARG HG2  H N N 31  
ARG HG3  H N N 32  
ARG HD2  H N N 33  
ARG HD3  H N N 34  
ARG HE   H N N 35  
ARG HH11 H N N 36  
ARG HH12 H N N 37  
ARG HH21 H N N 38  
ARG HH22 H N N 39  
ARG HXT  H N N 40  
ASN N    N N N 41  
ASN CA   C N S 42  
ASN C    C N N 43  
ASN O    O N N 44  
ASN CB   C N N 45  
ASN CG   C N N 46  
ASN OD1  O N N 47  
ASN ND2  N N N 48  
ASN OXT  O N N 49  
ASN H    H N N 50  
ASN H2   H N N 51  
ASN HA   H N N 52  
ASN HB2  H N N 53  
ASN HB3  H N N 54  
ASN HD21 H N N 55  
ASN HD22 H N N 56  
ASN HXT  H N N 57  
ASP N    N N N 58  
ASP CA   C N S 59  
ASP C    C N N 60  
ASP O    O N N 61  
ASP CB   C N N 62  
ASP CG   C N N 63  
ASP OD1  O N N 64  
ASP OD2  O N N 65  
ASP OXT  O N N 66  
ASP H    H N N 67  
ASP H2   H N N 68  
ASP HA   H N N 69  
ASP HB2  H N N 70  
ASP HB3  H N N 71  
ASP HD2  H N N 72  
ASP HXT  H N N 73  
CYS N    N N N 74  
CYS CA   C N R 75  
CYS C    C N N 76  
CYS O    O N N 77  
CYS CB   C N N 78  
CYS SG   S N N 79  
CYS OXT  O N N 80  
CYS H    H N N 81  
CYS H2   H N N 82  
CYS HA   H N N 83  
CYS HB2  H N N 84  
CYS HB3  H N N 85  
CYS HG   H N N 86  
CYS HXT  H N N 87  
GLN N    N N N 88  
GLN CA   C N S 89  
GLN C    C N N 90  
GLN O    O N N 91  
GLN CB   C N N 92  
GLN CG   C N N 93  
GLN CD   C N N 94  
GLN OE1  O N N 95  
GLN NE2  N N N 96  
GLN OXT  O N N 97  
GLN H    H N N 98  
GLN H2   H N N 99  
GLN HA   H N N 100 
GLN HB2  H N N 101 
GLN HB3  H N N 102 
GLN HG2  H N N 103 
GLN HG3  H N N 104 
GLN HE21 H N N 105 
GLN HE22 H N N 106 
GLN HXT  H N N 107 
GLU N    N N N 108 
GLU CA   C N S 109 
GLU C    C N N 110 
GLU O    O N N 111 
GLU CB   C N N 112 
GLU CG   C N N 113 
GLU CD   C N N 114 
GLU OE1  O N N 115 
GLU OE2  O N N 116 
GLU OXT  O N N 117 
GLU H    H N N 118 
GLU H2   H N N 119 
GLU HA   H N N 120 
GLU HB2  H N N 121 
GLU HB3  H N N 122 
GLU HG2  H N N 123 
GLU HG3  H N N 124 
GLU HE2  H N N 125 
GLU HXT  H N N 126 
GLY N    N N N 127 
GLY CA   C N N 128 
GLY C    C N N 129 
GLY O    O N N 130 
GLY OXT  O N N 131 
GLY H    H N N 132 
GLY H2   H N N 133 
GLY HA2  H N N 134 
GLY HA3  H N N 135 
GLY HXT  H N N 136 
ILE N    N N N 137 
ILE CA   C N S 138 
ILE C    C N N 139 
ILE O    O N N 140 
ILE CB   C N S 141 
ILE CG1  C N N 142 
ILE CG2  C N N 143 
ILE CD1  C N N 144 
ILE OXT  O N N 145 
ILE H    H N N 146 
ILE H2   H N N 147 
ILE HA   H N N 148 
ILE HB   H N N 149 
ILE HG12 H N N 150 
ILE HG13 H N N 151 
ILE HG21 H N N 152 
ILE HG22 H N N 153 
ILE HG23 H N N 154 
ILE HD11 H N N 155 
ILE HD12 H N N 156 
ILE HD13 H N N 157 
ILE HXT  H N N 158 
LEU N    N N N 159 
LEU CA   C N S 160 
LEU C    C N N 161 
LEU O    O N N 162 
LEU CB   C N N 163 
LEU CG   C N N 164 
LEU CD1  C N N 165 
LEU CD2  C N N 166 
LEU OXT  O N N 167 
LEU H    H N N 168 
LEU H2   H N N 169 
LEU HA   H N N 170 
LEU HB2  H N N 171 
LEU HB3  H N N 172 
LEU HG   H N N 173 
LEU HD11 H N N 174 
LEU HD12 H N N 175 
LEU HD13 H N N 176 
LEU HD21 H N N 177 
LEU HD22 H N N 178 
LEU HD23 H N N 179 
LEU HXT  H N N 180 
LYS N    N N N 181 
LYS CA   C N S 182 
LYS C    C N N 183 
LYS O    O N N 184 
LYS CB   C N N 185 
LYS CG   C N N 186 
LYS CD   C N N 187 
LYS CE   C N N 188 
LYS NZ   N N N 189 
LYS OXT  O N N 190 
LYS H    H N N 191 
LYS H2   H N N 192 
LYS HA   H N N 193 
LYS HB2  H N N 194 
LYS HB3  H N N 195 
LYS HG2  H N N 196 
LYS HG3  H N N 197 
LYS HD2  H N N 198 
LYS HD3  H N N 199 
LYS HE2  H N N 200 
LYS HE3  H N N 201 
LYS HZ1  H N N 202 
LYS HZ2  H N N 203 
LYS HZ3  H N N 204 
LYS HXT  H N N 205 
MET N    N N N 206 
MET CA   C N S 207 
MET C    C N N 208 
MET O    O N N 209 
MET CB   C N N 210 
MET CG   C N N 211 
MET SD   S N N 212 
MET CE   C N N 213 
MET OXT  O N N 214 
MET H    H N N 215 
MET H2   H N N 216 
MET HA   H N N 217 
MET HB2  H N N 218 
MET HB3  H N N 219 
MET HG2  H N N 220 
MET HG3  H N N 221 
MET HE1  H N N 222 
MET HE2  H N N 223 
MET HE3  H N N 224 
MET HXT  H N N 225 
PHE N    N N N 226 
PHE CA   C N S 227 
PHE C    C N N 228 
PHE O    O N N 229 
PHE CB   C N N 230 
PHE CG   C Y N 231 
PHE CD1  C Y N 232 
PHE CD2  C Y N 233 
PHE CE1  C Y N 234 
PHE CE2  C Y N 235 
PHE CZ   C Y N 236 
PHE OXT  O N N 237 
PHE H    H N N 238 
PHE H2   H N N 239 
PHE HA   H N N 240 
PHE HB2  H N N 241 
PHE HB3  H N N 242 
PHE HD1  H N N 243 
PHE HD2  H N N 244 
PHE HE1  H N N 245 
PHE HE2  H N N 246 
PHE HZ   H N N 247 
PHE HXT  H N N 248 
PRO N    N N N 249 
PRO CA   C N S 250 
PRO C    C N N 251 
PRO O    O N N 252 
PRO CB   C N N 253 
PRO CG   C N N 254 
PRO CD   C N N 255 
PRO OXT  O N N 256 
PRO H    H N N 257 
PRO HA   H N N 258 
PRO HB2  H N N 259 
PRO HB3  H N N 260 
PRO HG2  H N N 261 
PRO HG3  H N N 262 
PRO HD2  H N N 263 
PRO HD3  H N N 264 
PRO HXT  H N N 265 
SER N    N N N 266 
SER CA   C N S 267 
SER C    C N N 268 
SER O    O N N 269 
SER CB   C N N 270 
SER OG   O N N 271 
SER OXT  O N N 272 
SER H    H N N 273 
SER H2   H N N 274 
SER HA   H N N 275 
SER HB2  H N N 276 
SER HB3  H N N 277 
SER HG   H N N 278 
SER HXT  H N N 279 
THR N    N N N 280 
THR CA   C N S 281 
THR C    C N N 282 
THR O    O N N 283 
THR CB   C N R 284 
THR OG1  O N N 285 
THR CG2  C N N 286 
THR OXT  O N N 287 
THR H    H N N 288 
THR H2   H N N 289 
THR HA   H N N 290 
THR HB   H N N 291 
THR HG1  H N N 292 
THR HG21 H N N 293 
THR HG22 H N N 294 
THR HG23 H N N 295 
THR HXT  H N N 296 
TRP N    N N N 297 
TRP CA   C N S 298 
TRP C    C N N 299 
TRP O    O N N 300 
TRP CB   C N N 301 
TRP CG   C Y N 302 
TRP CD1  C Y N 303 
TRP CD2  C Y N 304 
TRP NE1  N Y N 305 
TRP CE2  C Y N 306 
TRP CE3  C Y N 307 
TRP CZ2  C Y N 308 
TRP CZ3  C Y N 309 
TRP CH2  C Y N 310 
TRP OXT  O N N 311 
TRP H    H N N 312 
TRP H2   H N N 313 
TRP HA   H N N 314 
TRP HB2  H N N 315 
TRP HB3  H N N 316 
TRP HD1  H N N 317 
TRP HE1  H N N 318 
TRP HE3  H N N 319 
TRP HZ2  H N N 320 
TRP HZ3  H N N 321 
TRP HH2  H N N 322 
TRP HXT  H N N 323 
TYR N    N N N 324 
TYR CA   C N S 325 
TYR C    C N N 326 
TYR O    O N N 327 
TYR CB   C N N 328 
TYR CG   C Y N 329 
TYR CD1  C Y N 330 
TYR CD2  C Y N 331 
TYR CE1  C Y N 332 
TYR CE2  C Y N 333 
TYR CZ   C Y N 334 
TYR OH   O N N 335 
TYR OXT  O N N 336 
TYR H    H N N 337 
TYR H2   H N N 338 
TYR HA   H N N 339 
TYR HB2  H N N 340 
TYR HB3  H N N 341 
TYR HD1  H N N 342 
TYR HD2  H N N 343 
TYR HE1  H N N 344 
TYR HE2  H N N 345 
TYR HH   H N N 346 
TYR HXT  H N N 347 
VAL N    N N N 348 
VAL CA   C N S 349 
VAL C    C N N 350 
VAL O    O N N 351 
VAL CB   C N N 352 
VAL CG1  C N N 353 
VAL CG2  C N N 354 
VAL OXT  O N N 355 
VAL H    H N N 356 
VAL H2   H N N 357 
VAL HA   H N N 358 
VAL HB   H N N 359 
VAL HG11 H N N 360 
VAL HG12 H N N 361 
VAL HG13 H N N 362 
VAL HG21 H N N 363 
VAL HG22 H N N 364 
VAL HG23 H N N 365 
VAL HXT  H N N 366 
# 
loop_
_chem_comp_bond.comp_id 
_chem_comp_bond.atom_id_1 
_chem_comp_bond.atom_id_2 
_chem_comp_bond.value_order 
_chem_comp_bond.pdbx_aromatic_flag 
_chem_comp_bond.pdbx_stereo_config 
_chem_comp_bond.pdbx_ordinal 
ALA N   CA   sing N N 1   
ALA N   H    sing N N 2   
ALA N   H2   sing N N 3   
ALA CA  C    sing N N 4   
ALA CA  CB   sing N N 5   
ALA CA  HA   sing N N 6   
ALA C   O    doub N N 7   
ALA C   OXT  sing N N 8   
ALA CB  HB1  sing N N 9   
ALA CB  HB2  sing N N 10  
ALA CB  HB3  sing N N 11  
ALA OXT HXT  sing N N 12  
ARG N   CA   sing N N 13  
ARG N   H    sing N N 14  
ARG N   H2   sing N N 15  
ARG CA  C    sing N N 16  
ARG CA  CB   sing N N 17  
ARG CA  HA   sing N N 18  
ARG C   O    doub N N 19  
ARG C   OXT  sing N N 20  
ARG CB  CG   sing N N 21  
ARG CB  HB2  sing N N 22  
ARG CB  HB3  sing N N 23  
ARG CG  CD   sing N N 24  
ARG CG  HG2  sing N N 25  
ARG CG  HG3  sing N N 26  
ARG CD  NE   sing N N 27  
ARG CD  HD2  sing N N 28  
ARG CD  HD3  sing N N 29  
ARG NE  CZ   sing N N 30  
ARG NE  HE   sing N N 31  
ARG CZ  NH1  sing N N 32  
ARG CZ  NH2  doub N N 33  
ARG NH1 HH11 sing N N 34  
ARG NH1 HH12 sing N N 35  
ARG NH2 HH21 sing N N 36  
ARG NH2 HH22 sing N N 37  
ARG OXT HXT  sing N N 38  
ASN N   CA   sing N N 39  
ASN N   H    sing N N 40  
ASN N   H2   sing N N 41  
ASN CA  C    sing N N 42  
ASN CA  CB   sing N N 43  
ASN CA  HA   sing N N 44  
ASN C   O    doub N N 45  
ASN C   OXT  sing N N 46  
ASN CB  CG   sing N N 47  
ASN CB  HB2  sing N N 48  
ASN CB  HB3  sing N N 49  
ASN CG  OD1  doub N N 50  
ASN CG  ND2  sing N N 51  
ASN ND2 HD21 sing N N 52  
ASN ND2 HD22 sing N N 53  
ASN OXT HXT  sing N N 54  
ASP N   CA   sing N N 55  
ASP N   H    sing N N 56  
ASP N   H2   sing N N 57  
ASP CA  C    sing N N 58  
ASP CA  CB   sing N N 59  
ASP CA  HA   sing N N 60  
ASP C   O    doub N N 61  
ASP C   OXT  sing N N 62  
ASP CB  CG   sing N N 63  
ASP CB  HB2  sing N N 64  
ASP CB  HB3  sing N N 65  
ASP CG  OD1  doub N N 66  
ASP CG  OD2  sing N N 67  
ASP OD2 HD2  sing N N 68  
ASP OXT HXT  sing N N 69  
CYS N   CA   sing N N 70  
CYS N   H    sing N N 71  
CYS N   H2   sing N N 72  
CYS CA  C    sing N N 73  
CYS CA  CB   sing N N 74  
CYS CA  HA   sing N N 75  
CYS C   O    doub N N 76  
CYS C   OXT  sing N N 77  
CYS CB  SG   sing N N 78  
CYS CB  HB2  sing N N 79  
CYS CB  HB3  sing N N 80  
CYS SG  HG   sing N N 81  
CYS OXT HXT  sing N N 82  
GLN N   CA   sing N N 83  
GLN N   H    sing N N 84  
GLN N   H2   sing N N 85  
GLN CA  C    sing N N 86  
GLN CA  CB   sing N N 87  
GLN CA  HA   sing N N 88  
GLN C   O    doub N N 89  
GLN C   OXT  sing N N 90  
GLN CB  CG   sing N N 91  
GLN CB  HB2  sing N N 92  
GLN CB  HB3  sing N N 93  
GLN CG  CD   sing N N 94  
GLN CG  HG2  sing N N 95  
GLN CG  HG3  sing N N 96  
GLN CD  OE1  doub N N 97  
GLN CD  NE2  sing N N 98  
GLN NE2 HE21 sing N N 99  
GLN NE2 HE22 sing N N 100 
GLN OXT HXT  sing N N 101 
GLU N   CA   sing N N 102 
GLU N   H    sing N N 103 
GLU N   H2   sing N N 104 
GLU CA  C    sing N N 105 
GLU CA  CB   sing N N 106 
GLU CA  HA   sing N N 107 
GLU C   O    doub N N 108 
GLU C   OXT  sing N N 109 
GLU CB  CG   sing N N 110 
GLU CB  HB2  sing N N 111 
GLU CB  HB3  sing N N 112 
GLU CG  CD   sing N N 113 
GLU CG  HG2  sing N N 114 
GLU CG  HG3  sing N N 115 
GLU CD  OE1  doub N N 116 
GLU CD  OE2  sing N N 117 
GLU OE2 HE2  sing N N 118 
GLU OXT HXT  sing N N 119 
GLY N   CA   sing N N 120 
GLY N   H    sing N N 121 
GLY N   H2   sing N N 122 
GLY CA  C    sing N N 123 
GLY CA  HA2  sing N N 124 
GLY CA  HA3  sing N N 125 
GLY C   O    doub N N 126 
GLY C   OXT  sing N N 127 
GLY OXT HXT  sing N N 128 
ILE N   CA   sing N N 129 
ILE N   H    sing N N 130 
ILE N   H2   sing N N 131 
ILE CA  C    sing N N 132 
ILE CA  CB   sing N N 133 
ILE CA  HA   sing N N 134 
ILE C   O    doub N N 135 
ILE C   OXT  sing N N 136 
ILE CB  CG1  sing N N 137 
ILE CB  CG2  sing N N 138 
ILE CB  HB   sing N N 139 
ILE CG1 CD1  sing N N 140 
ILE CG1 HG12 sing N N 141 
ILE CG1 HG13 sing N N 142 
ILE CG2 HG21 sing N N 143 
ILE CG2 HG22 sing N N 144 
ILE CG2 HG23 sing N N 145 
ILE CD1 HD11 sing N N 146 
ILE CD1 HD12 sing N N 147 
ILE CD1 HD13 sing N N 148 
ILE OXT HXT  sing N N 149 
LEU N   CA   sing N N 150 
LEU N   H    sing N N 151 
LEU N   H2   sing N N 152 
LEU CA  C    sing N N 153 
LEU CA  CB   sing N N 154 
LEU CA  HA   sing N N 155 
LEU C   O    doub N N 156 
LEU C   OXT  sing N N 157 
LEU CB  CG   sing N N 158 
LEU CB  HB2  sing N N 159 
LEU CB  HB3  sing N N 160 
LEU CG  CD1  sing N N 161 
LEU CG  CD2  sing N N 162 
LEU CG  HG   sing N N 163 
LEU CD1 HD11 sing N N 164 
LEU CD1 HD12 sing N N 165 
LEU CD1 HD13 sing N N 166 
LEU CD2 HD21 sing N N 167 
LEU CD2 HD22 sing N N 168 
LEU CD2 HD23 sing N N 169 
LEU OXT HXT  sing N N 170 
LYS N   CA   sing N N 171 
LYS N   H    sing N N 172 
LYS N   H2   sing N N 173 
LYS CA  C    sing N N 174 
LYS CA  CB   sing N N 175 
LYS CA  HA   sing N N 176 
LYS C   O    doub N N 177 
LYS C   OXT  sing N N 178 
LYS CB  CG   sing N N 179 
LYS CB  HB2  sing N N 180 
LYS CB  HB3  sing N N 181 
LYS CG  CD   sing N N 182 
LYS CG  HG2  sing N N 183 
LYS CG  HG3  sing N N 184 
LYS CD  CE   sing N N 185 
LYS CD  HD2  sing N N 186 
LYS CD  HD3  sing N N 187 
LYS CE  NZ   sing N N 188 
LYS CE  HE2  sing N N 189 
LYS CE  HE3  sing N N 190 
LYS NZ  HZ1  sing N N 191 
LYS NZ  HZ2  sing N N 192 
LYS NZ  HZ3  sing N N 193 
LYS OXT HXT  sing N N 194 
MET N   CA   sing N N 195 
MET N   H    sing N N 196 
MET N   H2   sing N N 197 
MET CA  C    sing N N 198 
MET CA  CB   sing N N 199 
MET CA  HA   sing N N 200 
MET C   O    doub N N 201 
MET C   OXT  sing N N 202 
MET CB  CG   sing N N 203 
MET CB  HB2  sing N N 204 
MET CB  HB3  sing N N 205 
MET CG  SD   sing N N 206 
MET CG  HG2  sing N N 207 
MET CG  HG3  sing N N 208 
MET SD  CE   sing N N 209 
MET CE  HE1  sing N N 210 
MET CE  HE2  sing N N 211 
MET CE  HE3  sing N N 212 
MET OXT HXT  sing N N 213 
PHE N   CA   sing N N 214 
PHE N   H    sing N N 215 
PHE N   H2   sing N N 216 
PHE CA  C    sing N N 217 
PHE CA  CB   sing N N 218 
PHE CA  HA   sing N N 219 
PHE C   O    doub N N 220 
PHE C   OXT  sing N N 221 
PHE CB  CG   sing N N 222 
PHE CB  HB2  sing N N 223 
PHE CB  HB3  sing N N 224 
PHE CG  CD1  doub Y N 225 
PHE CG  CD2  sing Y N 226 
PHE CD1 CE1  sing Y N 227 
PHE CD1 HD1  sing N N 228 
PHE CD2 CE2  doub Y N 229 
PHE CD2 HD2  sing N N 230 
PHE CE1 CZ   doub Y N 231 
PHE CE1 HE1  sing N N 232 
PHE CE2 CZ   sing Y N 233 
PHE CE2 HE2  sing N N 234 
PHE CZ  HZ   sing N N 235 
PHE OXT HXT  sing N N 236 
PRO N   CA   sing N N 237 
PRO N   CD   sing N N 238 
PRO N   H    sing N N 239 
PRO CA  C    sing N N 240 
PRO CA  CB   sing N N 241 
PRO CA  HA   sing N N 242 
PRO C   O    doub N N 243 
PRO C   OXT  sing N N 244 
PRO CB  CG   sing N N 245 
PRO CB  HB2  sing N N 246 
PRO CB  HB3  sing N N 247 
PRO CG  CD   sing N N 248 
PRO CG  HG2  sing N N 249 
PRO CG  HG3  sing N N 250 
PRO CD  HD2  sing N N 251 
PRO CD  HD3  sing N N 252 
PRO OXT HXT  sing N N 253 
SER N   CA   sing N N 254 
SER N   H    sing N N 255 
SER N   H2   sing N N 256 
SER CA  C    sing N N 257 
SER CA  CB   sing N N 258 
SER CA  HA   sing N N 259 
SER C   O    doub N N 260 
SER C   OXT  sing N N 261 
SER CB  OG   sing N N 262 
SER CB  HB2  sing N N 263 
SER CB  HB3  sing N N 264 
SER OG  HG   sing N N 265 
SER OXT HXT  sing N N 266 
THR N   CA   sing N N 267 
THR N   H    sing N N 268 
THR N   H2   sing N N 269 
THR CA  C    sing N N 270 
THR CA  CB   sing N N 271 
THR CA  HA   sing N N 272 
THR C   O    doub N N 273 
THR C   OXT  sing N N 274 
THR CB  OG1  sing N N 275 
THR CB  CG2  sing N N 276 
THR CB  HB   sing N N 277 
THR OG1 HG1  sing N N 278 
THR CG2 HG21 sing N N 279 
THR CG2 HG22 sing N N 280 
THR CG2 HG23 sing N N 281 
THR OXT HXT  sing N N 282 
TRP N   CA   sing N N 283 
TRP N   H    sing N N 284 
TRP N   H2   sing N N 285 
TRP CA  C    sing N N 286 
TRP CA  CB   sing N N 287 
TRP CA  HA   sing N N 288 
TRP C   O    doub N N 289 
TRP C   OXT  sing N N 290 
TRP CB  CG   sing N N 291 
TRP CB  HB2  sing N N 292 
TRP CB  HB3  sing N N 293 
TRP CG  CD1  doub Y N 294 
TRP CG  CD2  sing Y N 295 
TRP CD1 NE1  sing Y N 296 
TRP CD1 HD1  sing N N 297 
TRP CD2 CE2  doub Y N 298 
TRP CD2 CE3  sing Y N 299 
TRP NE1 CE2  sing Y N 300 
TRP NE1 HE1  sing N N 301 
TRP CE2 CZ2  sing Y N 302 
TRP CE3 CZ3  doub Y N 303 
TRP CE3 HE3  sing N N 304 
TRP CZ2 CH2  doub Y N 305 
TRP CZ2 HZ2  sing N N 306 
TRP CZ3 CH2  sing Y N 307 
TRP CZ3 HZ3  sing N N 308 
TRP CH2 HH2  sing N N 309 
TRP OXT HXT  sing N N 310 
TYR N   CA   sing N N 311 
TYR N   H    sing N N 312 
TYR N   H2   sing N N 313 
TYR CA  C    sing N N 314 
TYR CA  CB   sing N N 315 
TYR CA  HA   sing N N 316 
TYR C   O    doub N N 317 
TYR C   OXT  sing N N 318 
TYR CB  CG   sing N N 319 
TYR CB  HB2  sing N N 320 
TYR CB  HB3  sing N N 321 
TYR CG  CD1  doub Y N 322 
TYR CG  CD2  sing Y N 323 
TYR CD1 CE1  sing Y N 324 
TYR CD1 HD1  sing N N 325 
TYR CD2 CE2  doub Y N 326 
TYR CD2 HD2  sing N N 327 
TYR CE1 CZ   doub Y N 328 
TYR CE1 HE1  sing N N 329 
TYR CE2 CZ   sing Y N 330 
TYR CE2 HE2  sing N N 331 
TYR CZ  OH   sing N N 332 
TYR OH  HH   sing N N 333 
TYR OXT HXT  sing N N 334 
VAL N   CA   sing N N 335 
VAL N   H    sing N N 336 
VAL N   H2   sing N N 337 
VAL CA  C    sing N N 338 
VAL CA  CB   sing N N 339 
VAL CA  HA   sing N N 340 
VAL C   O    doub N N 341 
VAL C   OXT  sing N N 342 
VAL CB  CG1  sing N N 343 
VAL CB  CG2  sing N N 344 
VAL CB  HB   sing N N 345 
VAL CG1 HG11 sing N N 346 
VAL CG1 HG12 sing N N 347 
VAL CG1 HG13 sing N N 348 
VAL CG2 HG21 sing N N 349 
VAL CG2 HG22 sing N N 350 
VAL CG2 HG23 sing N N 351 
VAL OXT HXT  sing N N 352 
# 
loop_
_pdbx_nmr_spectrometer.spectrometer_id 
_pdbx_nmr_spectrometer.model 
_pdbx_nmr_spectrometer.manufacturer 
_pdbx_nmr_spectrometer.field_strength 
_pdbx_nmr_spectrometer.type 
1 AVANCE Bruker 600 ? 
2 DRX    Bruker 750 ? 
3 AVANCE Bruker 800 ? 
# 
_atom_sites.entry_id                    2IDY 
_atom_sites.fract_transf_matrix[1][1]   1.000000 
_atom_sites.fract_transf_matrix[1][2]   0.000000 
_atom_sites.fract_transf_matrix[1][3]   0.000000 
_atom_sites.fract_transf_matrix[2][1]   0.000000 
_atom_sites.fract_transf_matrix[2][2]   1.000000 
_atom_sites.fract_transf_matrix[2][3]   0.000000 
_atom_sites.fract_transf_matrix[3][1]   0.000000 
_atom_sites.fract_transf_matrix[3][2]   0.000000 
_atom_sites.fract_transf_matrix[3][3]   1.000000 
_atom_sites.fract_transf_vector[1]      0.00000 
_atom_sites.fract_transf_vector[2]      0.00000 
_atom_sites.fract_transf_vector[3]      0.00000 
# 
loop_
_atom_type.symbol 
C 
H 
N 
O 
S 
# 
loop_
_atom_site.group_PDB 
_atom_site.id 
_atom_site.type_symbol 
_atom_site.label_atom_id 
_atom_site.label_alt_id 
_atom_site.label_comp_id 
_atom_site.label_asym_id 
_atom_site.label_entity_id 
_atom_site.label_seq_id 
_atom_site.pdbx_PDB_ins_code 
_atom_site.Cartn_x 
_atom_site.Cartn_y 
_atom_site.Cartn_z 
_atom_site.occupancy 
_atom_site.B_iso_or_equiv 
_atom_site.pdbx_formal_charge 
_atom_site.auth_seq_id 
_atom_site.auth_comp_id 
_atom_site.auth_asym_id 
_atom_site.auth_atom_id 
_atom_site.pdbx_PDB_model_num 
ATOM 1    N N    . ALA A 1 1   ? 15.751  8.570   3.143   1.00 0.00 ? 1   ALA A N    1 
ATOM 2    C CA   . ALA A 1 1   ? 16.176  9.653   2.263   1.00 0.00 ? 1   ALA A CA   1 
ATOM 3    C C    . ALA A 1 1   ? 16.210  9.197   0.808   1.00 0.00 ? 1   ALA A C    1 
ATOM 4    O O    . ALA A 1 1   ? 17.272  9.057   0.202   1.00 0.00 ? 1   ALA A O    1 
ATOM 5    C CB   . ALA A 1 1   ? 17.540  10.173  2.688   1.00 0.00 ? 1   ALA A CB   1 
ATOM 6    H H1   . ALA A 1 1   ? 15.464  7.719   2.749   1.00 0.00 ? 1   ALA A H1   1 
ATOM 7    H HA   . ALA A 1 1   ? 15.464  10.460  2.361   1.00 0.00 ? 1   ALA A HA   1 
ATOM 8    H HB1  . ALA A 1 1   ? 18.080  10.519  1.819   1.00 0.00 ? 1   ALA A HB1  1 
ATOM 9    H HB2  . ALA A 1 1   ? 17.414  10.992  3.381   1.00 0.00 ? 1   ALA A HB2  1 
ATOM 10   H HB3  . ALA A 1 1   ? 18.096  9.379   3.165   1.00 0.00 ? 1   ALA A HB3  1 
ATOM 11   N N    . PRO A 1 2   ? 15.021  8.959   0.234   1.00 0.00 ? 2   PRO A N    1 
ATOM 12   C CA   . PRO A 1 2   ? 14.889  8.515   -1.157  1.00 0.00 ? 2   PRO A CA   1 
ATOM 13   C C    . PRO A 1 2   ? 15.261  9.609   -2.152  1.00 0.00 ? 2   PRO A C    1 
ATOM 14   O O    . PRO A 1 2   ? 14.394  10.178  -2.815  1.00 0.00 ? 2   PRO A O    1 
ATOM 15   C CB   . PRO A 1 2   ? 13.404  8.165   -1.278  1.00 0.00 ? 2   PRO A CB   1 
ATOM 16   C CG   . PRO A 1 2   ? 12.733  8.992   -0.236  1.00 0.00 ? 2   PRO A CG   1 
ATOM 17   C CD   . PRO A 1 2   ? 13.715  9.105   0.898   1.00 0.00 ? 2   PRO A CD   1 
ATOM 18   H HA   . PRO A 1 2   ? 15.485  7.636   -1.351  1.00 0.00 ? 2   PRO A HA   1 
ATOM 19   H HB2  . PRO A 1 2   ? 13.052  8.416   -2.269  1.00 0.00 ? 2   PRO A HB2  1 
ATOM 20   H HB3  . PRO A 1 2   ? 13.263  7.111   -1.095  1.00 0.00 ? 2   PRO A HB3  1 
ATOM 21   H HG2  . PRO A 1 2   ? 12.505  9.969   -0.633  1.00 0.00 ? 2   PRO A HG2  1 
ATOM 22   H HG3  . PRO A 1 2   ? 11.832  8.501   0.098   1.00 0.00 ? 2   PRO A HG3  1 
ATOM 23   H HD2  . PRO A 1 2   ? 13.631  10.070  1.375   1.00 0.00 ? 2   PRO A HD2  1 
ATOM 24   H HD3  . PRO A 1 2   ? 13.556  8.313   1.614   1.00 0.00 ? 2   PRO A HD3  1 
ATOM 25   N N    . ILE A 1 3   ? 16.554  9.897   -2.252  1.00 0.00 ? 3   ILE A N    1 
ATOM 26   C CA   . ILE A 1 3   ? 17.040  10.921  -3.168  1.00 0.00 ? 3   ILE A CA   1 
ATOM 27   C C    . ILE A 1 3   ? 17.261  10.350  -4.564  1.00 0.00 ? 3   ILE A C    1 
ATOM 28   O O    . ILE A 1 3   ? 17.446  9.145   -4.732  1.00 0.00 ? 3   ILE A O    1 
ATOM 29   C CB   . ILE A 1 3   ? 18.355  11.546  -2.667  1.00 0.00 ? 3   ILE A CB   1 
ATOM 30   C CG1  . ILE A 1 3   ? 18.230  11.941  -1.194  1.00 0.00 ? 3   ILE A CG1  1 
ATOM 31   C CG2  . ILE A 1 3   ? 18.725  12.754  -3.516  1.00 0.00 ? 3   ILE A CG2  1 
ATOM 32   C CD1  . ILE A 1 3   ? 19.522  12.447  -0.592  1.00 0.00 ? 3   ILE A CD1  1 
ATOM 33   H H    . ILE A 1 3   ? 17.198  9.408   -1.697  1.00 0.00 ? 3   ILE A H    1 
ATOM 34   H HA   . ILE A 1 3   ? 16.293  11.700  -3.223  1.00 0.00 ? 3   ILE A HA   1 
ATOM 35   H HB   . ILE A 1 3   ? 19.139  10.811  -2.769  1.00 0.00 ? 3   ILE A HB   1 
ATOM 36   H HG12 . ILE A 1 3   ? 17.492  12.722  -1.099  1.00 0.00 ? 3   ILE A HG12 1 
ATOM 37   H HG13 . ILE A 1 3   ? 17.912  11.080  -0.624  1.00 0.00 ? 3   ILE A HG13 1 
ATOM 38   H HG21 . ILE A 1 3   ? 19.081  12.421  -4.479  1.00 0.00 ? 3   ILE A HG21 1 
ATOM 39   H HG22 . ILE A 1 3   ? 17.855  13.378  -3.650  1.00 0.00 ? 3   ILE A HG22 1 
ATOM 40   H HG23 . ILE A 1 3   ? 19.500  13.318  -3.020  1.00 0.00 ? 3   ILE A HG23 1 
ATOM 41   H HD11 . ILE A 1 3   ? 19.359  13.422  -0.156  1.00 0.00 ? 3   ILE A HD11 1 
ATOM 42   H HD12 . ILE A 1 3   ? 19.854  11.763  0.176   1.00 0.00 ? 3   ILE A HD12 1 
ATOM 43   H HD13 . ILE A 1 3   ? 20.276  12.518  -1.362  1.00 0.00 ? 3   ILE A HD13 1 
ATOM 44   N N    . LYS A 1 4   ? 17.243  11.224  -5.565  1.00 0.00 ? 4   LYS A N    1 
ATOM 45   C CA   . LYS A 1 4   ? 17.444  10.809  -6.948  1.00 0.00 ? 4   LYS A CA   1 
ATOM 46   C C    . LYS A 1 4   ? 18.793  10.120  -7.118  1.00 0.00 ? 4   LYS A C    1 
ATOM 47   O O    . LYS A 1 4   ? 19.487  9.841   -6.141  1.00 0.00 ? 4   LYS A O    1 
ATOM 48   C CB   . LYS A 1 4   ? 17.355  12.017  -7.883  1.00 0.00 ? 4   LYS A CB   1 
ATOM 49   C CG   . LYS A 1 4   ? 16.216  11.929  -8.885  1.00 0.00 ? 4   LYS A CG   1 
ATOM 50   C CD   . LYS A 1 4   ? 16.687  11.361  -10.214 1.00 0.00 ? 4   LYS A CD   1 
ATOM 51   C CE   . LYS A 1 4   ? 16.282  9.903   -10.371 1.00 0.00 ? 4   LYS A CE   1 
ATOM 52   N NZ   . LYS A 1 4   ? 16.474  9.422   -11.768 1.00 0.00 ? 4   LYS A NZ   1 
ATOM 53   H H    . LYS A 1 4   ? 17.090  12.172  -5.368  1.00 0.00 ? 4   LYS A H    1 
ATOM 54   H HA   . LYS A 1 4   ? 16.662  10.110  -7.202  1.00 0.00 ? 4   LYS A HA   1 
ATOM 55   H HB2  . LYS A 1 4   ? 17.214  12.908  -7.288  1.00 0.00 ? 4   LYS A HB2  1 
ATOM 56   H HB3  . LYS A 1 4   ? 18.282  12.104  -8.430  1.00 0.00 ? 4   LYS A HB3  1 
ATOM 57   H HG2  . LYS A 1 4   ? 15.446  11.288  -8.484  1.00 0.00 ? 4   LYS A HG2  1 
ATOM 58   H HG3  . LYS A 1 4   ? 15.815  12.919  -9.048  1.00 0.00 ? 4   LYS A HG3  1 
ATOM 59   H HD2  . LYS A 1 4   ? 16.246  11.934  -11.016 1.00 0.00 ? 4   LYS A HD2  1 
ATOM 60   H HD3  . LYS A 1 4   ? 17.764  11.435  -10.265 1.00 0.00 ? 4   LYS A HD3  1 
ATOM 61   H HE2  . LYS A 1 4   ? 16.884  9.303   -9.707  1.00 0.00 ? 4   LYS A HE2  1 
ATOM 62   H HE3  . LYS A 1 4   ? 15.241  9.801   -10.104 1.00 0.00 ? 4   LYS A HE3  1 
ATOM 63   H HZ1  . LYS A 1 4   ? 15.579  9.488   -12.294 1.00 0.00 ? 4   LYS A HZ1  1 
ATOM 64   H HZ2  . LYS A 1 4   ? 16.789  8.431   -11.763 1.00 0.00 ? 4   LYS A HZ2  1 
ATOM 65   H HZ3  . LYS A 1 4   ? 17.191  10.001  -12.249 1.00 0.00 ? 4   LYS A HZ3  1 
ATOM 66   N N    . GLY A 1 5   ? 19.162  9.849   -8.367  1.00 0.00 ? 5   GLY A N    1 
ATOM 67   C CA   . GLY A 1 5   ? 20.428  9.195   -8.642  1.00 0.00 ? 5   GLY A CA   1 
ATOM 68   C C    . GLY A 1 5   ? 21.585  9.843   -7.908  1.00 0.00 ? 5   GLY A C    1 
ATOM 69   O O    . GLY A 1 5   ? 22.006  9.366   -6.853  1.00 0.00 ? 5   GLY A O    1 
ATOM 70   H H    . GLY A 1 5   ? 18.568  10.095  -9.108  1.00 0.00 ? 5   GLY A H    1 
ATOM 71   H HA2  . GLY A 1 5   ? 20.359  8.161   -8.344  1.00 0.00 ? 5   GLY A HA2  1 
ATOM 72   H HA3  . GLY A 1 5   ? 20.620  9.242   -9.705  1.00 0.00 ? 5   GLY A HA3  1 
ATOM 73   N N    . VAL A 1 6   ? 22.105  10.932  -8.467  1.00 0.00 ? 6   VAL A N    1 
ATOM 74   C CA   . VAL A 1 6   ? 23.221  11.645  -7.859  1.00 0.00 ? 6   VAL A CA   1 
ATOM 75   C C    . VAL A 1 6   ? 22.791  13.023  -7.368  1.00 0.00 ? 6   VAL A C    1 
ATOM 76   O O    . VAL A 1 6   ? 22.836  14.002  -8.114  1.00 0.00 ? 6   VAL A O    1 
ATOM 77   C CB   . VAL A 1 6   ? 24.391  11.806  -8.848  1.00 0.00 ? 6   VAL A CB   1 
ATOM 78   C CG1  . VAL A 1 6   ? 23.885  12.302  -10.194 1.00 0.00 ? 6   VAL A CG1  1 
ATOM 79   C CG2  . VAL A 1 6   ? 25.441  12.750  -8.283  1.00 0.00 ? 6   VAL A CG2  1 
ATOM 80   H H    . VAL A 1 6   ? 21.727  11.264  -9.307  1.00 0.00 ? 6   VAL A H    1 
ATOM 81   H HA   . VAL A 1 6   ? 23.568  11.065  -7.015  1.00 0.00 ? 6   VAL A HA   1 
ATOM 82   H HB   . VAL A 1 6   ? 24.848  10.838  -8.994  1.00 0.00 ? 6   VAL A HB   1 
ATOM 83   H HG11 . VAL A 1 6   ? 23.875  11.482  -10.899 1.00 0.00 ? 6   VAL A HG11 1 
ATOM 84   H HG12 . VAL A 1 6   ? 22.885  12.695  -10.083 1.00 0.00 ? 6   VAL A HG12 1 
ATOM 85   H HG13 . VAL A 1 6   ? 24.541  13.080  -10.560 1.00 0.00 ? 6   VAL A HG13 1 
ATOM 86   H HG21 . VAL A 1 6   ? 25.254  13.752  -8.640  1.00 0.00 ? 6   VAL A HG21 1 
ATOM 87   H HG22 . VAL A 1 6   ? 25.392  12.737  -7.204  1.00 0.00 ? 6   VAL A HG22 1 
ATOM 88   H HG23 . VAL A 1 6   ? 26.423  12.430  -8.602  1.00 0.00 ? 6   VAL A HG23 1 
ATOM 89   N N    . THR A 1 7   ? 22.375  13.093  -6.108  1.00 0.00 ? 7   THR A N    1 
ATOM 90   C CA   . THR A 1 7   ? 21.937  14.351  -5.516  1.00 0.00 ? 7   THR A CA   1 
ATOM 91   C C    . THR A 1 7   ? 21.964  14.283  -3.994  1.00 0.00 ? 7   THR A C    1 
ATOM 92   O O    . THR A 1 7   ? 21.757  13.220  -3.407  1.00 0.00 ? 7   THR A O    1 
ATOM 93   C CB   . THR A 1 7   ? 20.515  14.723  -5.978  1.00 0.00 ? 7   THR A CB   1 
ATOM 94   O OG1  . THR A 1 7   ? 20.240  14.126  -7.250  1.00 0.00 ? 7   THR A OG1  1 
ATOM 95   C CG2  . THR A 1 7   ? 20.355  16.233  -6.075  1.00 0.00 ? 7   THR A CG2  1 
ATOM 96   H H    . THR A 1 7   ? 22.363  12.279  -5.563  1.00 0.00 ? 7   THR A H    1 
ATOM 97   H HA   . THR A 1 7   ? 22.613  15.127  -5.844  1.00 0.00 ? 7   THR A HA   1 
ATOM 98   H HB   . THR A 1 7   ? 19.807  14.347  -5.252  1.00 0.00 ? 7   THR A HB   1 
ATOM 99   H HG1  . THR A 1 7   ? 19.482  13.542  -7.172  1.00 0.00 ? 7   THR A HG1  1 
ATOM 100  H HG21 . THR A 1 7   ? 19.325  16.472  -6.296  1.00 0.00 ? 7   THR A HG21 1 
ATOM 101  H HG22 . THR A 1 7   ? 20.989  16.612  -6.862  1.00 0.00 ? 7   THR A HG22 1 
ATOM 102  H HG23 . THR A 1 7   ? 20.636  16.686  -5.136  1.00 0.00 ? 7   THR A HG23 1 
ATOM 103  N N    . PHE A 1 8   ? 22.218  15.422  -3.359  1.00 0.00 ? 8   PHE A N    1 
ATOM 104  C CA   . PHE A 1 8   ? 22.272  15.490  -1.904  1.00 0.00 ? 8   PHE A CA   1 
ATOM 105  C C    . PHE A 1 8   ? 22.450  16.932  -1.433  1.00 0.00 ? 8   PHE A C    1 
ATOM 106  O O    . PHE A 1 8   ? 23.277  17.671  -1.964  1.00 0.00 ? 8   PHE A O    1 
ATOM 107  C CB   . PHE A 1 8   ? 23.415  14.623  -1.372  1.00 0.00 ? 8   PHE A CB   1 
ATOM 108  C CG   . PHE A 1 8   ? 24.777  15.192  -1.651  1.00 0.00 ? 8   PHE A CG   1 
ATOM 109  C CD1  . PHE A 1 8   ? 25.350  15.068  -2.906  1.00 0.00 ? 8   PHE A CD1  1 
ATOM 110  C CD2  . PHE A 1 8   ? 25.484  15.851  -0.658  1.00 0.00 ? 8   PHE A CD2  1 
ATOM 111  C CE1  . PHE A 1 8   ? 26.605  15.589  -3.165  1.00 0.00 ? 8   PHE A CE1  1 
ATOM 112  C CE2  . PHE A 1 8   ? 26.738  16.374  -0.910  1.00 0.00 ? 8   PHE A CE2  1 
ATOM 113  C CZ   . PHE A 1 8   ? 27.298  16.244  -2.166  1.00 0.00 ? 8   PHE A CZ   1 
ATOM 114  H H    . PHE A 1 8   ? 22.374  16.237  -3.882  1.00 0.00 ? 8   PHE A H    1 
ATOM 115  H HA   . PHE A 1 8   ? 21.336  15.112  -1.521  1.00 0.00 ? 8   PHE A HA   1 
ATOM 116  H HB2  . PHE A 1 8   ? 23.312  14.520  -0.303  1.00 0.00 ? 8   PHE A HB2  1 
ATOM 117  H HB3  . PHE A 1 8   ? 23.360  13.648  -1.833  1.00 0.00 ? 8   PHE A HB3  1 
ATOM 118  H HD1  . PHE A 1 8   ? 24.809  14.557  -3.688  1.00 0.00 ? 8   PHE A HD1  1 
ATOM 119  H HD2  . PHE A 1 8   ? 25.046  15.953  0.326   1.00 0.00 ? 8   PHE A HD2  1 
ATOM 120  H HE1  . PHE A 1 8   ? 27.040  15.486  -4.147  1.00 0.00 ? 8   PHE A HE1  1 
ATOM 121  H HE2  . PHE A 1 8   ? 27.277  16.885  -0.127  1.00 0.00 ? 8   PHE A HE2  1 
ATOM 122  H HZ   . PHE A 1 8   ? 28.278  16.652  -2.365  1.00 0.00 ? 8   PHE A HZ   1 
ATOM 123  N N    . GLY A 1 9   ? 21.667  17.322  -0.432  1.00 0.00 ? 9   GLY A N    1 
ATOM 124  C CA   . GLY A 1 9   ? 21.753  18.672  0.094   1.00 0.00 ? 9   GLY A CA   1 
ATOM 125  C C    . GLY A 1 9   ? 21.646  19.725  -0.992  1.00 0.00 ? 9   GLY A C    1 
ATOM 126  O O    . GLY A 1 9   ? 22.564  20.522  -1.184  1.00 0.00 ? 9   GLY A O    1 
ATOM 127  H H    . GLY A 1 9   ? 21.026  16.688  -0.047  1.00 0.00 ? 9   GLY A H    1 
ATOM 128  H HA2  . GLY A 1 9   ? 20.954  18.822  0.804   1.00 0.00 ? 9   GLY A HA2  1 
ATOM 129  H HA3  . GLY A 1 9   ? 22.699  18.790  0.601   1.00 0.00 ? 9   GLY A HA3  1 
ATOM 130  N N    . GLU A 1 10  ? 20.524  19.725  -1.706  1.00 0.00 ? 10  GLU A N    1 
ATOM 131  C CA   . GLU A 1 10  ? 20.304  20.687  -2.779  1.00 0.00 ? 10  GLU A CA   1 
ATOM 132  C C    . GLU A 1 10  ? 19.409  21.831  -2.310  1.00 0.00 ? 10  GLU A C    1 
ATOM 133  O O    . GLU A 1 10  ? 19.527  22.961  -2.786  1.00 0.00 ? 10  GLU A O    1 
ATOM 134  C CB   . GLU A 1 10  ? 19.674  19.996  -3.990  1.00 0.00 ? 10  GLU A CB   1 
ATOM 135  C CG   . GLU A 1 10  ? 20.691  19.431  -4.967  1.00 0.00 ? 10  GLU A CG   1 
ATOM 136  C CD   . GLU A 1 10  ? 21.425  20.513  -5.736  1.00 0.00 ? 10  GLU A CD   1 
ATOM 137  O OE1  . GLU A 1 10  ? 20.839  21.062  -6.692  1.00 0.00 ? 10  GLU A OE1  1 
ATOM 138  O OE2  . GLU A 1 10  ? 22.585  20.810  -5.380  1.00 0.00 ? 10  GLU A OE2  1 
ATOM 139  H H    . GLU A 1 10  ? 19.829  19.064  -1.505  1.00 0.00 ? 10  GLU A H    1 
ATOM 140  H HA   . GLU A 1 10  ? 21.263  21.090  -3.066  1.00 0.00 ? 10  GLU A HA   1 
ATOM 141  H HB2  . GLU A 1 10  ? 19.050  19.186  -3.644  1.00 0.00 ? 10  GLU A HB2  1 
ATOM 142  H HB3  . GLU A 1 10  ? 19.058  20.710  -4.518  1.00 0.00 ? 10  GLU A HB3  1 
ATOM 143  H HG2  . GLU A 1 10  ? 21.415  18.849  -4.416  1.00 0.00 ? 10  GLU A HG2  1 
ATOM 144  H HG3  . GLU A 1 10  ? 20.180  18.793  -5.672  1.00 0.00 ? 10  GLU A HG3  1 
ATOM 145  N N    . ASP A 1 11  ? 18.515  21.530  -1.376  1.00 0.00 ? 11  ASP A N    1 
ATOM 146  C CA   . ASP A 1 11  ? 17.600  22.531  -0.841  1.00 0.00 ? 11  ASP A CA   1 
ATOM 147  C C    . ASP A 1 11  ? 16.837  21.985  0.362   1.00 0.00 ? 11  ASP A C    1 
ATOM 148  O O    . ASP A 1 11  ? 16.846  22.579  1.440   1.00 0.00 ? 11  ASP A O    1 
ATOM 149  C CB   . ASP A 1 11  ? 16.617  22.984  -1.922  1.00 0.00 ? 11  ASP A CB   1 
ATOM 150  C CG   . ASP A 1 11  ? 16.136  24.406  -1.708  1.00 0.00 ? 11  ASP A CG   1 
ATOM 151  O OD1  . ASP A 1 11  ? 15.966  24.805  -0.537  1.00 0.00 ? 11  ASP A OD1  1 
ATOM 152  O OD2  . ASP A 1 11  ? 15.929  25.120  -2.712  1.00 0.00 ? 11  ASP A OD2  1 
ATOM 153  H H    . ASP A 1 11  ? 18.469  20.611  -1.036  1.00 0.00 ? 11  ASP A H    1 
ATOM 154  H HA   . ASP A 1 11  ? 18.187  23.380  -0.523  1.00 0.00 ? 11  ASP A HA   1 
ATOM 155  H HB2  . ASP A 1 11  ? 17.102  22.929  -2.886  1.00 0.00 ? 11  ASP A HB2  1 
ATOM 156  H HB3  . ASP A 1 11  ? 15.760  22.327  -1.916  1.00 0.00 ? 11  ASP A HB3  1 
ATOM 157  N N    . THR A 1 12  ? 16.175  20.847  0.168   1.00 0.00 ? 12  THR A N    1 
ATOM 158  C CA   . THR A 1 12  ? 15.405  20.221  1.236   1.00 0.00 ? 12  THR A CA   1 
ATOM 159  C C    . THR A 1 12  ? 14.826  18.886  0.784   1.00 0.00 ? 12  THR A C    1 
ATOM 160  O O    . THR A 1 12  ? 14.877  18.542  -0.397  1.00 0.00 ? 12  THR A O    1 
ATOM 161  C CB   . THR A 1 12  ? 14.256  21.132  1.708   1.00 0.00 ? 12  THR A CB   1 
ATOM 162  O OG1  . THR A 1 12  ? 13.612  20.556  2.850   1.00 0.00 ? 12  THR A OG1  1 
ATOM 163  C CG2  . THR A 1 12  ? 13.238  21.341  0.597   1.00 0.00 ? 12  THR A CG2  1 
ATOM 164  H H    . THR A 1 12  ? 16.206  20.421  -0.713  1.00 0.00 ? 12  THR A H    1 
ATOM 165  H HA   . THR A 1 12  ? 16.069  20.052  2.070   1.00 0.00 ? 12  THR A HA   1 
ATOM 166  H HB   . THR A 1 12  ? 14.669  22.093  1.983   1.00 0.00 ? 12  THR A HB   1 
ATOM 167  H HG1  . THR A 1 12  ? 13.937  20.980  3.649   1.00 0.00 ? 12  THR A HG1  1 
ATOM 168  H HG21 . THR A 1 12  ? 13.182  22.391  0.354   1.00 0.00 ? 12  THR A HG21 1 
ATOM 169  H HG22 . THR A 1 12  ? 12.270  20.995  0.927   1.00 0.00 ? 12  THR A HG22 1 
ATOM 170  H HG23 . THR A 1 12  ? 13.542  20.784  -0.277  1.00 0.00 ? 12  THR A HG23 1 
ATOM 171  N N    . VAL A 1 13  ? 14.274  18.135  1.732   1.00 0.00 ? 13  VAL A N    1 
ATOM 172  C CA   . VAL A 1 13  ? 13.684  16.836  1.431   1.00 0.00 ? 13  VAL A CA   1 
ATOM 173  C C    . VAL A 1 13  ? 12.191  16.964  1.146   1.00 0.00 ? 13  VAL A C    1 
ATOM 174  O O    . VAL A 1 13  ? 11.572  17.976  1.473   1.00 0.00 ? 13  VAL A O    1 
ATOM 175  C CB   . VAL A 1 13  ? 13.890  15.843  2.592   1.00 0.00 ? 13  VAL A CB   1 
ATOM 176  C CG1  . VAL A 1 13  ? 13.761  14.410  2.097   1.00 0.00 ? 13  VAL A CG1  1 
ATOM 177  C CG2  . VAL A 1 13  ? 15.242  16.068  3.251   1.00 0.00 ? 13  VAL A CG2  1 
ATOM 178  H H    . VAL A 1 13  ? 14.264  18.462  2.656   1.00 0.00 ? 13  VAL A H    1 
ATOM 179  H HA   . VAL A 1 13  ? 14.175  16.440  0.555   1.00 0.00 ? 13  VAL A HA   1 
ATOM 180  H HB   . VAL A 1 13  ? 13.121  16.017  3.329   1.00 0.00 ? 13  VAL A HB   1 
ATOM 181  H HG11 . VAL A 1 13  ? 14.290  14.304  1.162   1.00 0.00 ? 13  VAL A HG11 1 
ATOM 182  H HG12 . VAL A 1 13  ? 14.182  13.737  2.830   1.00 0.00 ? 13  VAL A HG12 1 
ATOM 183  H HG13 . VAL A 1 13  ? 12.717  14.174  1.948   1.00 0.00 ? 13  VAL A HG13 1 
ATOM 184  H HG21 . VAL A 1 13  ? 15.133  16.765  4.069   1.00 0.00 ? 13  VAL A HG21 1 
ATOM 185  H HG22 . VAL A 1 13  ? 15.620  15.128  3.625   1.00 0.00 ? 13  VAL A HG22 1 
ATOM 186  H HG23 . VAL A 1 13  ? 15.935  16.471  2.525   1.00 0.00 ? 13  VAL A HG23 1 
ATOM 187  N N    . TRP A 1 14  ? 11.621  15.931  0.535   1.00 0.00 ? 14  TRP A N    1 
ATOM 188  C CA   . TRP A 1 14  ? 10.200  15.928  0.207   1.00 0.00 ? 14  TRP A CA   1 
ATOM 189  C C    . TRP A 1 14  ? 9.867   17.043  -0.779  1.00 0.00 ? 14  TRP A C    1 
ATOM 190  O O    . TRP A 1 14  ? 8.704   17.404  -0.949  1.00 0.00 ? 14  TRP A O    1 
ATOM 191  C CB   . TRP A 1 14  ? 9.362   16.085  1.476   1.00 0.00 ? 14  TRP A CB   1 
ATOM 192  C CG   . TRP A 1 14  ? 9.020   14.780  2.127   1.00 0.00 ? 14  TRP A CG   1 
ATOM 193  C CD1  . TRP A 1 14  ? 9.880   13.934  2.768   1.00 0.00 ? 14  TRP A CD1  1 
ATOM 194  C CD2  . TRP A 1 14  ? 7.727   14.171  2.201   1.00 0.00 ? 14  TRP A CD2  1 
ATOM 195  N NE1  . TRP A 1 14  ? 9.199   12.835  3.234   1.00 0.00 ? 14  TRP A NE1  1 
ATOM 196  C CE2  . TRP A 1 14  ? 7.876   12.957  2.901   1.00 0.00 ? 14  TRP A CE2  1 
ATOM 197  C CE3  . TRP A 1 14  ? 6.456   14.534  1.747   1.00 0.00 ? 14  TRP A CE3  1 
ATOM 198  C CZ2  . TRP A 1 14  ? 6.803   12.107  3.154   1.00 0.00 ? 14  TRP A CZ2  1 
ATOM 199  C CZ3  . TRP A 1 14  ? 5.392   13.688  1.998   1.00 0.00 ? 14  TRP A CZ3  1 
ATOM 200  C CH2  . TRP A 1 14  ? 5.570   12.487  2.697   1.00 0.00 ? 14  TRP A CH2  1 
ATOM 201  H H    . TRP A 1 14  ? 12.169  15.152  0.300   1.00 0.00 ? 14  TRP A H    1 
ATOM 202  H HA   . TRP A 1 14  ? 9.969   14.978  -0.251  1.00 0.00 ? 14  TRP A HA   1 
ATOM 203  H HB2  . TRP A 1 14  ? 9.909   16.681  2.190   1.00 0.00 ? 14  TRP A HB2  1 
ATOM 204  H HB3  . TRP A 1 14  ? 8.437   16.586  1.228   1.00 0.00 ? 14  TRP A HB3  1 
ATOM 205  H HD1  . TRP A 1 14  ? 10.938  14.114  2.880   1.00 0.00 ? 14  TRP A HD1  1 
ATOM 206  H HE1  . TRP A 1 14  ? 9.596   12.087  3.728   1.00 0.00 ? 14  TRP A HE1  1 
ATOM 207  H HE3  . TRP A 1 14  ? 6.298   15.456  1.206   1.00 0.00 ? 14  TRP A HE3  1 
ATOM 208  H HZ2  . TRP A 1 14  ? 6.924   11.178  3.691   1.00 0.00 ? 14  TRP A HZ2  1 
ATOM 209  H HZ3  . TRP A 1 14  ? 4.402   13.952  1.653   1.00 0.00 ? 14  TRP A HZ3  1 
ATOM 210  H HH2  . TRP A 1 14  ? 4.711   11.858  2.869   1.00 0.00 ? 14  TRP A HH2  1 
ATOM 211  N N    . GLU A 1 15  ? 10.897  17.582  -1.426  1.00 0.00 ? 15  GLU A N    1 
ATOM 212  C CA   . GLU A 1 15  ? 10.710  18.657  -2.394  1.00 0.00 ? 15  GLU A CA   1 
ATOM 213  C C    . GLU A 1 15  ? 11.540  18.406  -3.650  1.00 0.00 ? 15  GLU A C    1 
ATOM 214  O O    . GLU A 1 15  ? 11.079  18.636  -4.768  1.00 0.00 ? 15  GLU A O    1 
ATOM 215  C CB   . GLU A 1 15  ? 11.095  20.002  -1.776  1.00 0.00 ? 15  GLU A CB   1 
ATOM 216  C CG   . GLU A 1 15  ? 9.975   20.646  -0.976  1.00 0.00 ? 15  GLU A CG   1 
ATOM 217  C CD   . GLU A 1 15  ? 9.375   21.850  -1.676  1.00 0.00 ? 15  GLU A CD   1 
ATOM 218  O OE1  . GLU A 1 15  ? 10.098  22.853  -1.857  1.00 0.00 ? 15  GLU A OE1  1 
ATOM 219  O OE2  . GLU A 1 15  ? 8.183   21.791  -2.043  1.00 0.00 ? 15  GLU A OE2  1 
ATOM 220  H H    . GLU A 1 15  ? 11.800  17.250  -1.247  1.00 0.00 ? 15  GLU A H    1 
ATOM 221  H HA   . GLU A 1 15  ? 9.666   18.680  -2.666  1.00 0.00 ? 15  GLU A HA   1 
ATOM 222  H HB2  . GLU A 1 15  ? 11.940  19.856  -1.120  1.00 0.00 ? 15  GLU A HB2  1 
ATOM 223  H HB3  . GLU A 1 15  ? 11.378  20.680  -2.568  1.00 0.00 ? 15  GLU A HB3  1 
ATOM 224  H HG2  . GLU A 1 15  ? 9.195   19.916  -0.819  1.00 0.00 ? 15  GLU A HG2  1 
ATOM 225  H HG3  . GLU A 1 15  ? 10.367  20.962  -0.020  1.00 0.00 ? 15  GLU A HG3  1 
ATOM 226  N N    . VAL A 1 16  ? 12.767  17.933  -3.457  1.00 0.00 ? 16  VAL A N    1 
ATOM 227  C CA   . VAL A 1 16  ? 13.663  17.651  -4.573  1.00 0.00 ? 16  VAL A CA   1 
ATOM 228  C C    . VAL A 1 16  ? 13.813  16.150  -4.790  1.00 0.00 ? 16  VAL A C    1 
ATOM 229  O O    . VAL A 1 16  ? 13.920  15.684  -5.925  1.00 0.00 ? 16  VAL A O    1 
ATOM 230  C CB   . VAL A 1 16  ? 15.055  18.268  -4.346  1.00 0.00 ? 16  VAL A CB   1 
ATOM 231  C CG1  . VAL A 1 16  ? 15.775  18.464  -5.672  1.00 0.00 ? 16  VAL A CG1  1 
ATOM 232  C CG2  . VAL A 1 16  ? 14.938  19.586  -3.594  1.00 0.00 ? 16  VAL A CG2  1 
ATOM 233  H H    . VAL A 1 16  ? 13.078  17.771  -2.543  1.00 0.00 ? 16  VAL A H    1 
ATOM 234  H HA   . VAL A 1 16  ? 13.237  18.092  -5.462  1.00 0.00 ? 16  VAL A HA   1 
ATOM 235  H HB   . VAL A 1 16  ? 15.636  17.584  -3.744  1.00 0.00 ? 16  VAL A HB   1 
ATOM 236  H HG11 . VAL A 1 16  ? 15.907  17.508  -6.154  1.00 0.00 ? 16  VAL A HG11 1 
ATOM 237  H HG12 . VAL A 1 16  ? 15.189  19.112  -6.307  1.00 0.00 ? 16  VAL A HG12 1 
ATOM 238  H HG13 . VAL A 1 16  ? 16.741  18.913  -5.493  1.00 0.00 ? 16  VAL A HG13 1 
ATOM 239  H HG21 . VAL A 1 16  ? 14.282  20.251  -4.133  1.00 0.00 ? 16  VAL A HG21 1 
ATOM 240  H HG22 . VAL A 1 16  ? 14.534  19.402  -2.609  1.00 0.00 ? 16  VAL A HG22 1 
ATOM 241  H HG23 . VAL A 1 16  ? 15.914  20.037  -3.504  1.00 0.00 ? 16  VAL A HG23 1 
ATOM 242  N N    . GLN A 1 17  ? 13.821  15.397  -3.695  1.00 0.00 ? 17  GLN A N    1 
ATOM 243  C CA   . GLN A 1 17  ? 13.958  13.947  -3.766  1.00 0.00 ? 17  GLN A CA   1 
ATOM 244  C C    . GLN A 1 17  ? 12.939  13.350  -4.729  1.00 0.00 ? 17  GLN A C    1 
ATOM 245  O O    . GLN A 1 17  ? 13.187  12.319  -5.353  1.00 0.00 ? 17  GLN A O    1 
ATOM 246  C CB   . GLN A 1 17  ? 13.789  13.329  -2.377  1.00 0.00 ? 17  GLN A CB   1 
ATOM 247  C CG   . GLN A 1 17  ? 12.349  12.984  -2.036  1.00 0.00 ? 17  GLN A CG   1 
ATOM 248  C CD   . GLN A 1 17  ? 12.171  12.589  -0.584  1.00 0.00 ? 17  GLN A CD   1 
ATOM 249  O OE1  . GLN A 1 17  ? 13.117  12.147  0.072   1.00 0.00 ? 17  GLN A OE1  1 
ATOM 250  N NE2  . GLN A 1 17  ? 10.957  12.745  -0.071  1.00 0.00 ? 17  GLN A NE2  1 
ATOM 251  H H    . GLN A 1 17  ? 13.732  15.826  -2.819  1.00 0.00 ? 17  GLN A H    1 
ATOM 252  H HA   . GLN A 1 17  ? 14.950  13.726  -4.130  1.00 0.00 ? 17  GLN A HA   1 
ATOM 253  H HB2  . GLN A 1 17  ? 14.376  12.423  -2.325  1.00 0.00 ? 17  GLN A HB2  1 
ATOM 254  H HB3  . GLN A 1 17  ? 14.154  14.027  -1.638  1.00 0.00 ? 17  GLN A HB3  1 
ATOM 255  H HG2  . GLN A 1 17  ? 11.728  13.846  -2.236  1.00 0.00 ? 17  GLN A HG2  1 
ATOM 256  H HG3  . GLN A 1 17  ? 12.032  12.161  -2.659  1.00 0.00 ? 17  GLN A HG3  1 
ATOM 257  H HE21 . GLN A 1 17  ? 10.252  13.101  -0.652  1.00 0.00 ? 17  GLN A HE21 1 
ATOM 258  H HE22 . GLN A 1 17  ? 10.814  12.496  0.866   1.00 0.00 ? 17  GLN A HE22 1 
ATOM 259  N N    . GLY A 1 18  ? 11.787  14.005  -4.845  1.00 0.00 ? 18  GLY A N    1 
ATOM 260  C CA   . GLY A 1 18  ? 10.746  13.523  -5.734  1.00 0.00 ? 18  GLY A CA   1 
ATOM 261  C C    . GLY A 1 18  ? 10.121  12.230  -5.248  1.00 0.00 ? 18  GLY A C    1 
ATOM 262  O O    . GLY A 1 18  ? 9.839   11.332  -6.042  1.00 0.00 ? 18  GLY A O    1 
ATOM 263  H H    . GLY A 1 18  ? 11.644  14.821  -4.323  1.00 0.00 ? 18  GLY A H    1 
ATOM 264  H HA2  . GLY A 1 18  ? 9.975   14.276  -5.810  1.00 0.00 ? 18  GLY A HA2  1 
ATOM 265  H HA3  . GLY A 1 18  ? 11.172  13.358  -6.713  1.00 0.00 ? 18  GLY A HA3  1 
ATOM 266  N N    . TYR A 1 19  ? 9.907   12.133  -3.941  1.00 0.00 ? 19  TYR A N    1 
ATOM 267  C CA   . TYR A 1 19  ? 9.317   10.938  -3.350  1.00 0.00 ? 19  TYR A CA   1 
ATOM 268  C C    . TYR A 1 19  ? 8.610   11.271  -2.040  1.00 0.00 ? 19  TYR A C    1 
ATOM 269  O O    . TYR A 1 19  ? 8.673   12.401  -1.555  1.00 0.00 ? 19  TYR A O    1 
ATOM 270  C CB   . TYR A 1 19  ? 10.392  9.878   -3.107  1.00 0.00 ? 19  TYR A CB   1 
ATOM 271  C CG   . TYR A 1 19  ? 10.888  9.218   -4.374  1.00 0.00 ? 19  TYR A CG   1 
ATOM 272  C CD1  . TYR A 1 19  ? 10.114  8.271   -5.035  1.00 0.00 ? 19  TYR A CD1  1 
ATOM 273  C CD2  . TYR A 1 19  ? 12.128  9.539   -4.909  1.00 0.00 ? 19  TYR A CD2  1 
ATOM 274  C CE1  . TYR A 1 19  ? 10.563  7.664   -6.192  1.00 0.00 ? 19  TYR A CE1  1 
ATOM 275  C CE2  . TYR A 1 19  ? 12.584  8.938   -6.066  1.00 0.00 ? 19  TYR A CE2  1 
ATOM 276  C CZ   . TYR A 1 19  ? 11.798  8.001   -6.705  1.00 0.00 ? 19  TYR A CZ   1 
ATOM 277  O OH   . TYR A 1 19  ? 12.250  7.399   -7.857  1.00 0.00 ? 19  TYR A OH   1 
ATOM 278  H H    . TYR A 1 19  ? 10.154  12.881  -3.359  1.00 0.00 ? 19  TYR A H    1 
ATOM 279  H HA   . TYR A 1 19  ? 8.590   10.546  -4.047  1.00 0.00 ? 19  TYR A HA   1 
ATOM 280  H HB2  . TYR A 1 19  ? 11.239  10.338  -2.621  1.00 0.00 ? 19  TYR A HB2  1 
ATOM 281  H HB3  . TYR A 1 19  ? 9.990   9.107   -2.466  1.00 0.00 ? 19  TYR A HB3  1 
ATOM 282  H HD1  . TYR A 1 19  ? 9.147   8.008   -4.632  1.00 0.00 ? 19  TYR A HD1  1 
ATOM 283  H HD2  . TYR A 1 19  ? 12.742  10.273  -4.406  1.00 0.00 ? 19  TYR A HD2  1 
ATOM 284  H HE1  . TYR A 1 19  ? 9.947   6.930   -6.692  1.00 0.00 ? 19  TYR A HE1  1 
ATOM 285  H HE2  . TYR A 1 19  ? 13.552  9.201   -6.467  1.00 0.00 ? 19  TYR A HE2  1 
ATOM 286  H HH   . TYR A 1 19  ? 11.501  7.077   -8.363  1.00 0.00 ? 19  TYR A HH   1 
ATOM 287  N N    . LYS A 1 20  ? 7.936   10.277  -1.469  1.00 0.00 ? 20  LYS A N    1 
ATOM 288  C CA   . LYS A 1 20  ? 7.219   10.461  -0.213  1.00 0.00 ? 20  LYS A CA   1 
ATOM 289  C C    . LYS A 1 20  ? 7.145   9.152   0.567   1.00 0.00 ? 20  LYS A C    1 
ATOM 290  O O    . LYS A 1 20  ? 7.722   8.145   0.163   1.00 0.00 ? 20  LYS A O    1 
ATOM 291  C CB   . LYS A 1 20  ? 5.807   10.988  -0.481  1.00 0.00 ? 20  LYS A CB   1 
ATOM 292  C CG   . LYS A 1 20  ? 5.772   12.445  -0.909  1.00 0.00 ? 20  LYS A CG   1 
ATOM 293  C CD   . LYS A 1 20  ? 5.829   12.583  -2.421  1.00 0.00 ? 20  LYS A CD   1 
ATOM 294  C CE   . LYS A 1 20  ? 4.722   13.488  -2.940  1.00 0.00 ? 20  LYS A CE   1 
ATOM 295  N NZ   . LYS A 1 20  ? 5.209   14.873  -3.189  1.00 0.00 ? 20  LYS A NZ   1 
ATOM 296  H H    . LYS A 1 20  ? 7.923   9.398   -1.903  1.00 0.00 ? 20  LYS A H    1 
ATOM 297  H HA   . LYS A 1 20  ? 7.759   11.187  0.374   1.00 0.00 ? 20  LYS A HA   1 
ATOM 298  H HB2  . LYS A 1 20  ? 5.356   10.394  -1.263  1.00 0.00 ? 20  LYS A HB2  1 
ATOM 299  H HB3  . LYS A 1 20  ? 5.221   10.885  0.420   1.00 0.00 ? 20  LYS A HB3  1 
ATOM 300  H HG2  . LYS A 1 20  ? 4.857   12.893  -0.552  1.00 0.00 ? 20  LYS A HG2  1 
ATOM 301  H HG3  . LYS A 1 20  ? 6.620   12.957  -0.478  1.00 0.00 ? 20  LYS A HG3  1 
ATOM 302  H HD2  . LYS A 1 20  ? 6.783   13.005  -2.700  1.00 0.00 ? 20  LYS A HD2  1 
ATOM 303  H HD3  . LYS A 1 20  ? 5.722   11.605  -2.868  1.00 0.00 ? 20  LYS A HD3  1 
ATOM 304  H HE2  . LYS A 1 20  ? 4.342   13.077  -3.863  1.00 0.00 ? 20  LYS A HE2  1 
ATOM 305  H HE3  . LYS A 1 20  ? 3.929   13.520  -2.208  1.00 0.00 ? 20  LYS A HE3  1 
ATOM 306  H HZ1  . LYS A 1 20  ? 5.184   15.083  -4.207  1.00 0.00 ? 20  LYS A HZ1  1 
ATOM 307  H HZ2  . LYS A 1 20  ? 6.186   14.975  -2.848  1.00 0.00 ? 20  LYS A HZ2  1 
ATOM 308  H HZ3  . LYS A 1 20  ? 4.607   15.558  -2.690  1.00 0.00 ? 20  LYS A HZ3  1 
ATOM 309  N N    . ASN A 1 21  ? 6.430   9.177   1.688   1.00 0.00 ? 21  ASN A N    1 
ATOM 310  C CA   . ASN A 1 21  ? 6.280   7.992   2.524   1.00 0.00 ? 21  ASN A CA   1 
ATOM 311  C C    . ASN A 1 21  ? 4.829   7.816   2.964   1.00 0.00 ? 21  ASN A C    1 
ATOM 312  O O    . ASN A 1 21  ? 4.220   8.734   3.511   1.00 0.00 ? 21  ASN A O    1 
ATOM 313  C CB   . ASN A 1 21  ? 7.188   8.092   3.752   1.00 0.00 ? 21  ASN A CB   1 
ATOM 314  C CG   . ASN A 1 21  ? 8.653   8.212   3.381   1.00 0.00 ? 21  ASN A CG   1 
ATOM 315  O OD1  . ASN A 1 21  ? 9.408   7.243   3.464   1.00 0.00 ? 21  ASN A OD1  1 
ATOM 316  N ND2  . ASN A 1 21  ? 9.062   9.405   2.966   1.00 0.00 ? 21  ASN A ND2  1 
ATOM 317  H H    . ASN A 1 21  ? 5.993   10.011  1.959   1.00 0.00 ? 21  ASN A H    1 
ATOM 318  H HA   . ASN A 1 21  ? 6.574   7.133   1.939   1.00 0.00 ? 21  ASN A HA   1 
ATOM 319  H HB2  . ASN A 1 21  ? 6.910   8.962   4.328   1.00 0.00 ? 21  ASN A HB2  1 
ATOM 320  H HB3  . ASN A 1 21  ? 7.061   7.208   4.359   1.00 0.00 ? 21  ASN A HB3  1 
ATOM 321  H HD21 . ASN A 1 21  ? 8.405   10.132  2.925   1.00 0.00 ? 21  ASN A HD21 1 
ATOM 322  H HD22 . ASN A 1 21  ? 10.004  9.511   2.718   1.00 0.00 ? 21  ASN A HD22 1 
ATOM 323  N N    . VAL A 1 22  ? 4.284   6.629   2.719   1.00 0.00 ? 22  VAL A N    1 
ATOM 324  C CA   . VAL A 1 22  ? 2.905   6.331   3.090   1.00 0.00 ? 22  VAL A CA   1 
ATOM 325  C C    . VAL A 1 22  ? 2.793   4.947   3.721   1.00 0.00 ? 22  VAL A C    1 
ATOM 326  O O    . VAL A 1 22  ? 3.531   4.028   3.362   1.00 0.00 ? 22  VAL A O    1 
ATOM 327  C CB   . VAL A 1 22  ? 1.967   6.406   1.872   1.00 0.00 ? 22  VAL A CB   1 
ATOM 328  C CG1  . VAL A 1 22  ? 0.525   6.161   2.292   1.00 0.00 ? 22  VAL A CG1  1 
ATOM 329  C CG2  . VAL A 1 22  ? 2.107   7.749   1.174   1.00 0.00 ? 22  VAL A CG2  1 
ATOM 330  H H    . VAL A 1 22  ? 4.820   5.937   2.280   1.00 0.00 ? 22  VAL A H    1 
ATOM 331  H HA   . VAL A 1 22  ? 2.586   7.070   3.811   1.00 0.00 ? 22  VAL A HA   1 
ATOM 332  H HB   . VAL A 1 22  ? 2.252   5.630   1.175   1.00 0.00 ? 22  VAL A HB   1 
ATOM 333  H HG11 . VAL A 1 22  ? -0.135  6.410   1.474   1.00 0.00 ? 22  VAL A HG11 1 
ATOM 334  H HG12 . VAL A 1 22  ? 0.398   5.121   2.554   1.00 0.00 ? 22  VAL A HG12 1 
ATOM 335  H HG13 . VAL A 1 22  ? 0.289   6.780   3.145   1.00 0.00 ? 22  VAL A HG13 1 
ATOM 336  H HG21 . VAL A 1 22  ? 2.989   7.742   0.550   1.00 0.00 ? 22  VAL A HG21 1 
ATOM 337  H HG22 . VAL A 1 22  ? 1.235   7.930   0.563   1.00 0.00 ? 22  VAL A HG22 1 
ATOM 338  H HG23 . VAL A 1 22  ? 2.196   8.532   1.914   1.00 0.00 ? 22  VAL A HG23 1 
ATOM 339  N N    . ARG A 1 23  ? 1.866   4.804   4.662   1.00 0.00 ? 23  ARG A N    1 
ATOM 340  C CA   . ARG A 1 23  ? 1.657   3.532   5.342   1.00 0.00 ? 23  ARG A CA   1 
ATOM 341  C C    . ARG A 1 23  ? 0.201   3.089   5.231   1.00 0.00 ? 23  ARG A C    1 
ATOM 342  O O    . ARG A 1 23  ? -0.686  3.898   4.959   1.00 0.00 ? 23  ARG A O    1 
ATOM 343  C CB   . ARG A 1 23  ? 2.055   3.646   6.815   1.00 0.00 ? 23  ARG A CB   1 
ATOM 344  C CG   . ARG A 1 23  ? 3.454   3.129   7.108   1.00 0.00 ? 23  ARG A CG   1 
ATOM 345  C CD   . ARG A 1 23  ? 3.415   1.861   7.950   1.00 0.00 ? 23  ARG A CD   1 
ATOM 346  N NE   . ARG A 1 23  ? 3.912   2.088   9.304   1.00 0.00 ? 23  ARG A NE   1 
ATOM 347  C CZ   . ARG A 1 23  ? 3.622   1.301   10.334  1.00 0.00 ? 23  ARG A CZ   1 
ATOM 348  N NH1  . ARG A 1 23  ? 2.843   0.242   10.165  1.00 0.00 ? 23  ARG A NH1  1 
ATOM 349  N NH2  . ARG A 1 23  ? 4.114   1.572   11.537  1.00 0.00 ? 23  ARG A NH2  1 
ATOM 350  H H    . ARG A 1 23  ? 1.309   5.573   4.905   1.00 0.00 ? 23  ARG A H    1 
ATOM 351  H HA   . ARG A 1 23  ? 2.284   2.793   4.865   1.00 0.00 ? 23  ARG A HA   1 
ATOM 352  H HB2  . ARG A 1 23  ? 2.011   4.684   7.109   1.00 0.00 ? 23  ARG A HB2  1 
ATOM 353  H HB3  . ARG A 1 23  ? 1.355   3.081   7.410   1.00 0.00 ? 23  ARG A HB3  1 
ATOM 354  H HG2  . ARG A 1 23  ? 3.952   2.913   6.175   1.00 0.00 ? 23  ARG A HG2  1 
ATOM 355  H HG3  . ARG A 1 23  ? 4.004   3.889   7.644   1.00 0.00 ? 23  ARG A HG3  1 
ATOM 356  H HD2  . ARG A 1 23  ? 2.394   1.515   8.005   1.00 0.00 ? 23  ARG A HD2  1 
ATOM 357  H HD3  . ARG A 1 23  ? 4.025   1.111   7.472   1.00 0.00 ? 23  ARG A HD3  1 
ATOM 358  H HE   . ARG A 1 23  ? 4.491   2.865   9.451   1.00 0.00 ? 23  ARG A HE   1 
ATOM 359  H HH11 . ARG A 1 23  ? 2.472   0.035   9.260   1.00 0.00 ? 23  ARG A HH11 1 
ATOM 360  H HH12 . ARG A 1 23  ? 2.627   -0.349  10.942  1.00 0.00 ? 23  ARG A HH12 1 
ATOM 361  H HH21 . ARG A 1 23  ? 4.703   2.370   11.668  1.00 0.00 ? 23  ARG A HH21 1 
ATOM 362  H HH22 . ARG A 1 23  ? 3.895   0.979   12.311  1.00 0.00 ? 23  ARG A HH22 1 
ATOM 363  N N    . ILE A 1 24  ? -0.037  1.799   5.445   1.00 0.00 ? 24  ILE A N    1 
ATOM 364  C CA   . ILE A 1 24  ? -1.384  1.248   5.369   1.00 0.00 ? 24  ILE A CA   1 
ATOM 365  C C    . ILE A 1 24  ? -1.761  0.537   6.664   1.00 0.00 ? 24  ILE A C    1 
ATOM 366  O O    . ILE A 1 24  ? -1.009  -0.298  7.169   1.00 0.00 ? 24  ILE A O    1 
ATOM 367  C CB   . ILE A 1 24  ? -1.524  0.261   4.195   1.00 0.00 ? 24  ILE A CB   1 
ATOM 368  C CG1  . ILE A 1 24  ? -0.646  0.702   3.022   1.00 0.00 ? 24  ILE A CG1  1 
ATOM 369  C CG2  . ILE A 1 24  ? -2.979  0.156   3.763   1.00 0.00 ? 24  ILE A CG2  1 
ATOM 370  C CD1  . ILE A 1 24  ? -0.950  2.099   2.530   1.00 0.00 ? 24  ILE A CD1  1 
ATOM 371  H H    . ILE A 1 24  ? 0.711   1.203   5.658   1.00 0.00 ? 24  ILE A H    1 
ATOM 372  H HA   . ILE A 1 24  ? -2.070  2.068   5.209   1.00 0.00 ? 24  ILE A HA   1 
ATOM 373  H HB   . ILE A 1 24  ? -1.202  -0.712  4.532   1.00 0.00 ? 24  ILE A HB   1 
ATOM 374  H HG12 . ILE A 1 24  ? 0.389   0.676   3.327   1.00 0.00 ? 24  ILE A HG12 1 
ATOM 375  H HG13 . ILE A 1 24  ? -0.791  0.019   2.198   1.00 0.00 ? 24  ILE A HG13 1 
ATOM 376  H HG21 . ILE A 1 24  ? -3.233  1.003   3.143   1.00 0.00 ? 24  ILE A HG21 1 
ATOM 377  H HG22 . ILE A 1 24  ? -3.122  -0.756  3.202   1.00 0.00 ? 24  ILE A HG22 1 
ATOM 378  H HG23 . ILE A 1 24  ? -3.614  0.145   4.636   1.00 0.00 ? 24  ILE A HG23 1 
ATOM 379  H HD11 . ILE A 1 24  ? -1.729  2.534   3.140   1.00 0.00 ? 24  ILE A HD11 1 
ATOM 380  H HD12 . ILE A 1 24  ? -0.060  2.707   2.599   1.00 0.00 ? 24  ILE A HD12 1 
ATOM 381  H HD13 . ILE A 1 24  ? -1.281  2.056   1.504   1.00 0.00 ? 24  ILE A HD13 1 
ATOM 382  N N    . THR A 1 25  ? -2.931  0.871   7.198   1.00 0.00 ? 25  THR A N    1 
ATOM 383  C CA   . THR A 1 25  ? -3.409  0.265   8.434   1.00 0.00 ? 25  THR A CA   1 
ATOM 384  C C    . THR A 1 25  ? -4.914  0.451   8.592   1.00 0.00 ? 25  THR A C    1 
ATOM 385  O O    . THR A 1 25  ? -5.368  1.281   9.380   1.00 0.00 ? 25  THR A O    1 
ATOM 386  C CB   . THR A 1 25  ? -2.698  0.860   9.663   1.00 0.00 ? 25  THR A CB   1 
ATOM 387  O OG1  . THR A 1 25  ? -1.283  0.665   9.552   1.00 0.00 ? 25  THR A OG1  1 
ATOM 388  C CG2  . THR A 1 25  ? -3.204  0.216   10.946  1.00 0.00 ? 25  THR A CG2  1 
ATOM 389  H H    . THR A 1 25  ? -3.486  1.543   6.749   1.00 0.00 ? 25  THR A H    1 
ATOM 390  H HA   . THR A 1 25  ? -3.189  -0.793  8.393   1.00 0.00 ? 25  THR A HA   1 
ATOM 391  H HB   . THR A 1 25  ? -2.906  1.918   9.704   1.00 0.00 ? 25  THR A HB   1 
ATOM 392  H HG1  . THR A 1 25  ? -0.843  1.518   9.546   1.00 0.00 ? 25  THR A HG1  1 
ATOM 393  H HG21 . THR A 1 25  ? -4.124  0.693   11.248  1.00 0.00 ? 25  THR A HG21 1 
ATOM 394  H HG22 . THR A 1 25  ? -2.465  0.335   11.724  1.00 0.00 ? 25  THR A HG22 1 
ATOM 395  H HG23 . THR A 1 25  ? -3.383  -0.835  10.775  1.00 0.00 ? 25  THR A HG23 1 
ATOM 396  N N    . PHE A 1 26  ? -5.685  -0.328  7.839   1.00 0.00 ? 26  PHE A N    1 
ATOM 397  C CA   . PHE A 1 26  ? -7.140  -0.248  7.895   1.00 0.00 ? 26  PHE A CA   1 
ATOM 398  C C    . PHE A 1 26  ? -7.743  -1.595  8.282   1.00 0.00 ? 26  PHE A C    1 
ATOM 399  O O    . PHE A 1 26  ? -8.148  -1.799  9.425   1.00 0.00 ? 26  PHE A O    1 
ATOM 400  C CB   . PHE A 1 26  ? -7.699  0.207   6.546   1.00 0.00 ? 26  PHE A CB   1 
ATOM 401  C CG   . PHE A 1 26  ? -9.190  0.397   6.549   1.00 0.00 ? 26  PHE A CG   1 
ATOM 402  C CD1  . PHE A 1 26  ? -9.781  1.325   7.391   1.00 0.00 ? 26  PHE A CD1  1 
ATOM 403  C CD2  . PHE A 1 26  ? -9.998  -0.351  5.709   1.00 0.00 ? 26  PHE A CD2  1 
ATOM 404  C CE1  . PHE A 1 26  ? -11.152 1.503   7.396   1.00 0.00 ? 26  PHE A CE1  1 
ATOM 405  C CE2  . PHE A 1 26  ? -11.369 -0.178  5.710   1.00 0.00 ? 26  PHE A CE2  1 
ATOM 406  C CZ   . PHE A 1 26  ? -11.947 0.749   6.554   1.00 0.00 ? 26  PHE A CZ   1 
ATOM 407  H H    . PHE A 1 26  ? -5.264  -0.970  7.230   1.00 0.00 ? 26  PHE A H    1 
ATOM 408  H HA   . PHE A 1 26  ? -7.401  0.479   8.648   1.00 0.00 ? 26  PHE A HA   1 
ATOM 409  H HB2  . PHE A 1 26  ? -7.246  1.148   6.275   1.00 0.00 ? 26  PHE A HB2  1 
ATOM 410  H HB3  . PHE A 1 26  ? -7.460  -0.533  5.798   1.00 0.00 ? 26  PHE A HB3  1 
ATOM 411  H HD1  . PHE A 1 26  ? -9.160  1.914   8.050   1.00 0.00 ? 26  PHE A HD1  1 
ATOM 412  H HD2  . PHE A 1 26  ? -9.548  -1.078  5.048   1.00 0.00 ? 26  PHE A HD2  1 
ATOM 413  H HE1  . PHE A 1 26  ? -11.600 2.229   8.058   1.00 0.00 ? 26  PHE A HE1  1 
ATOM 414  H HE2  . PHE A 1 26  ? -11.989 -0.768  5.052   1.00 0.00 ? 26  PHE A HE2  1 
ATOM 415  H HZ   . PHE A 1 26  ? -13.018 0.887   6.556   1.00 0.00 ? 26  PHE A HZ   1 
ATOM 416  N N    . GLU A 1 27  ? -7.800  -2.509  7.319   1.00 0.00 ? 27  GLU A N    1 
ATOM 417  C CA   . GLU A 1 27  ? -8.357  -3.835  7.558   1.00 0.00 ? 27  GLU A CA   1 
ATOM 418  C C    . GLU A 1 27  ? -8.231  -4.710  6.313   1.00 0.00 ? 27  GLU A C    1 
ATOM 419  O O    . GLU A 1 27  ? -8.531  -4.275  5.201   1.00 0.00 ? 27  GLU A O    1 
ATOM 420  C CB   . GLU A 1 27  ? -9.825  -3.730  7.974   1.00 0.00 ? 27  GLU A CB   1 
ATOM 421  C CG   . GLU A 1 27  ? -10.774 -3.505  6.809   1.00 0.00 ? 27  GLU A CG   1 
ATOM 422  C CD   . GLU A 1 27  ? -12.048 -2.795  7.223   1.00 0.00 ? 27  GLU A CD   1 
ATOM 423  O OE1  . GLU A 1 27  ? -11.967 -1.870  8.058   1.00 0.00 ? 27  GLU A OE1  1 
ATOM 424  O OE2  . GLU A 1 27  ? -13.125 -3.164  6.710   1.00 0.00 ? 27  GLU A OE2  1 
ATOM 425  H H    . GLU A 1 27  ? -7.462  -2.286  6.427   1.00 0.00 ? 27  GLU A H    1 
ATOM 426  H HA   . GLU A 1 27  ? -7.796  -4.290  8.360   1.00 0.00 ? 27  GLU A HA   1 
ATOM 427  H HB2  . GLU A 1 27  ? -10.111 -4.644  8.474   1.00 0.00 ? 27  GLU A HB2  1 
ATOM 428  H HB3  . GLU A 1 27  ? -9.933  -2.905  8.663   1.00 0.00 ? 27  GLU A HB3  1 
ATOM 429  H HG2  . GLU A 1 27  ? -10.272 -2.907  6.063   1.00 0.00 ? 27  GLU A HG2  1 
ATOM 430  H HG3  . GLU A 1 27  ? -11.035 -4.463  6.384   1.00 0.00 ? 27  GLU A HG3  1 
ATOM 431  N N    . LEU A 1 28  ? -7.785  -5.947  6.509   1.00 0.00 ? 28  LEU A N    1 
ATOM 432  C CA   . LEU A 1 28  ? -7.618  -6.884  5.404   1.00 0.00 ? 28  LEU A CA   1 
ATOM 433  C C    . LEU A 1 28  ? -7.858  -8.318  5.866   1.00 0.00 ? 28  LEU A C    1 
ATOM 434  O O    . LEU A 1 28  ? -8.701  -9.025  5.315   1.00 0.00 ? 28  LEU A O    1 
ATOM 435  C CB   . LEU A 1 28  ? -6.216  -6.755  4.807   1.00 0.00 ? 28  LEU A CB   1 
ATOM 436  C CG   . LEU A 1 28  ? -6.149  -6.445  3.311   1.00 0.00 ? 28  LEU A CG   1 
ATOM 437  C CD1  . LEU A 1 28  ? -6.766  -7.577  2.503   1.00 0.00 ? 28  LEU A CD1  1 
ATOM 438  C CD2  . LEU A 1 28  ? -6.849  -5.128  3.007   1.00 0.00 ? 28  LEU A CD2  1 
ATOM 439  H H    . LEU A 1 28  ? -7.562  -6.236  7.418   1.00 0.00 ? 28  LEU A H    1 
ATOM 440  H HA   . LEU A 1 28  ? -8.347  -6.636  4.647   1.00 0.00 ? 28  LEU A HA   1 
ATOM 441  H HB2  . LEU A 1 28  ? -5.705  -5.962  5.331   1.00 0.00 ? 28  LEU A HB2  1 
ATOM 442  H HB3  . LEU A 1 28  ? -5.699  -7.688  4.976   1.00 0.00 ? 28  LEU A HB3  1 
ATOM 443  H HG   . LEU A 1 28  ? -5.114  -6.350  3.015   1.00 0.00 ? 28  LEU A HG   1 
ATOM 444  H HD11 . LEU A 1 28  ? -7.455  -8.129  3.124   1.00 0.00 ? 28  LEU A HD11 1 
ATOM 445  H HD12 . LEU A 1 28  ? -5.984  -8.239  2.157   1.00 0.00 ? 28  LEU A HD12 1 
ATOM 446  H HD13 . LEU A 1 28  ? -7.294  -7.168  1.654   1.00 0.00 ? 28  LEU A HD13 1 
ATOM 447  H HD21 . LEU A 1 28  ? -6.437  -4.701  2.106   1.00 0.00 ? 28  LEU A HD21 1 
ATOM 448  H HD22 . LEU A 1 28  ? -6.703  -4.446  3.830   1.00 0.00 ? 28  LEU A HD22 1 
ATOM 449  H HD23 . LEU A 1 28  ? -7.906  -5.306  2.870   1.00 0.00 ? 28  LEU A HD23 1 
ATOM 450  N N    . ASP A 1 29  ? -7.111  -8.739  6.880   1.00 0.00 ? 29  ASP A N    1 
ATOM 451  C CA   . ASP A 1 29  ? -7.244  -10.087 7.419   1.00 0.00 ? 29  ASP A CA   1 
ATOM 452  C C    . ASP A 1 29  ? -7.481  -10.051 8.926   1.00 0.00 ? 29  ASP A C    1 
ATOM 453  O O    . ASP A 1 29  ? -7.667  -8.983  9.507   1.00 0.00 ? 29  ASP A O    1 
ATOM 454  C CB   . ASP A 1 29  ? -5.991  -10.910 7.108   1.00 0.00 ? 29  ASP A CB   1 
ATOM 455  C CG   . ASP A 1 29  ? -5.288  -10.439 5.850   1.00 0.00 ? 29  ASP A CG   1 
ATOM 456  O OD1  . ASP A 1 29  ? -5.980  -10.195 4.840   1.00 0.00 ? 29  ASP A OD1  1 
ATOM 457  O OD2  . ASP A 1 29  ? -4.045  -10.316 5.875   1.00 0.00 ? 29  ASP A OD2  1 
ATOM 458  H H    . ASP A 1 29  ? -6.455  -8.128  7.277   1.00 0.00 ? 29  ASP A H    1 
ATOM 459  H HA   . ASP A 1 29  ? -8.094  -10.552 6.944   1.00 0.00 ? 29  ASP A HA   1 
ATOM 460  H HB2  . ASP A 1 29  ? -5.300  -10.829 7.935   1.00 0.00 ? 29  ASP A HB2  1 
ATOM 461  H HB3  . ASP A 1 29  ? -6.271  -11.944 6.977   1.00 0.00 ? 29  ASP A HB3  1 
ATOM 462  N N    . GLU A 1 30  ? -7.473  -11.224 9.549   1.00 0.00 ? 30  GLU A N    1 
ATOM 463  C CA   . GLU A 1 30  ? -7.690  -11.325 10.988  1.00 0.00 ? 30  GLU A CA   1 
ATOM 464  C C    . GLU A 1 30  ? -6.489  -11.967 11.676  1.00 0.00 ? 30  GLU A C    1 
ATOM 465  O O    . GLU A 1 30  ? -6.130  -11.598 12.793  1.00 0.00 ? 30  GLU A O    1 
ATOM 466  C CB   . GLU A 1 30  ? -8.954  -12.138 11.280  1.00 0.00 ? 30  GLU A CB   1 
ATOM 467  C CG   . GLU A 1 30  ? -10.239 -11.347 11.104  1.00 0.00 ? 30  GLU A CG   1 
ATOM 468  C CD   . GLU A 1 30  ? -11.051 -11.262 12.382  1.00 0.00 ? 30  GLU A CD   1 
ATOM 469  O OE1  . GLU A 1 30  ? -11.616 -12.297 12.797  1.00 0.00 ? 30  GLU A OE1  1 
ATOM 470  O OE2  . GLU A 1 30  ? -11.122 -10.162 12.968  1.00 0.00 ? 30  GLU A OE2  1 
ATOM 471  H H    . GLU A 1 30  ? -7.319  -12.041 9.030   1.00 0.00 ? 30  GLU A H    1 
ATOM 472  H HA   . GLU A 1 30  ? -7.819  -10.325 11.374  1.00 0.00 ? 30  GLU A HA   1 
ATOM 473  H HB2  . GLU A 1 30  ? -8.983  -12.987 10.614  1.00 0.00 ? 30  GLU A HB2  1 
ATOM 474  H HB3  . GLU A 1 30  ? -8.911  -12.492 12.300  1.00 0.00 ? 30  GLU A HB3  1 
ATOM 475  H HG2  . GLU A 1 30  ? -9.991  -10.345 10.788  1.00 0.00 ? 30  GLU A HG2  1 
ATOM 476  H HG3  . GLU A 1 30  ? -10.840 -11.826 10.344  1.00 0.00 ? 30  GLU A HG3  1 
ATOM 477  N N    . ARG A 1 31  ? -5.873  -12.931 10.999  1.00 0.00 ? 31  ARG A N    1 
ATOM 478  C CA   . ARG A 1 31  ? -4.714  -13.627 11.545  1.00 0.00 ? 31  ARG A CA   1 
ATOM 479  C C    . ARG A 1 31  ? -3.419  -13.051 10.979  1.00 0.00 ? 31  ARG A C    1 
ATOM 480  O O    . ARG A 1 31  ? -2.468  -12.791 11.717  1.00 0.00 ? 31  ARG A O    1 
ATOM 481  C CB   . ARG A 1 31  ? -4.798  -15.123 11.237  1.00 0.00 ? 31  ARG A CB   1 
ATOM 482  C CG   . ARG A 1 31  ? -6.157  -15.732 11.541  1.00 0.00 ? 31  ARG A CG   1 
ATOM 483  C CD   . ARG A 1 31  ? -6.497  -15.625 13.019  1.00 0.00 ? 31  ARG A CD   1 
ATOM 484  N NE   . ARG A 1 31  ? -7.552  -16.557 13.408  1.00 0.00 ? 31  ARG A NE   1 
ATOM 485  C CZ   . ARG A 1 31  ? -7.980  -16.704 14.656  1.00 0.00 ? 31  ARG A CZ   1 
ATOM 486  N NH1  . ARG A 1 31  ? -7.446  -15.983 15.633  1.00 0.00 ? 31  ARG A NH1  1 
ATOM 487  N NH2  . ARG A 1 31  ? -8.945  -17.572 14.930  1.00 0.00 ? 31  ARG A NH2  1 
ATOM 488  H H    . ARG A 1 31  ? -6.206  -13.182 10.113  1.00 0.00 ? 31  ARG A H    1 
ATOM 489  H HA   . ARG A 1 31  ? -4.717  -13.488 12.616  1.00 0.00 ? 31  ARG A HA   1 
ATOM 490  H HB2  . ARG A 1 31  ? -4.586  -15.275 10.189  1.00 0.00 ? 31  ARG A HB2  1 
ATOM 491  H HB3  . ARG A 1 31  ? -4.056  -15.641 11.824  1.00 0.00 ? 31  ARG A HB3  1 
ATOM 492  H HG2  . ARG A 1 31  ? -6.911  -15.210 10.971  1.00 0.00 ? 31  ARG A HG2  1 
ATOM 493  H HG3  . ARG A 1 31  ? -6.145  -16.774 11.258  1.00 0.00 ? 31  ARG A HG3  1 
ATOM 494  H HD2  . ARG A 1 31  ? -5.610  -15.841 13.596  1.00 0.00 ? 31  ARG A HD2  1 
ATOM 495  H HD3  . ARG A 1 31  ? -6.824  -14.617 13.227  1.00 0.00 ? 31  ARG A HD3  1 
ATOM 496  H HE   . ARG A 1 31  ? -7.961  -17.099 12.701  1.00 0.00 ? 31  ARG A HE   1 
ATOM 497  H HH11 . ARG A 1 31  ? -6.720  -15.327 15.429  1.00 0.00 ? 31  ARG A HH11 1 
ATOM 498  H HH12 . ARG A 1 31  ? -7.772  -16.095 16.572  1.00 0.00 ? 31  ARG A HH12 1 
ATOM 499  H HH21 . ARG A 1 31  ? -9.350  -18.118 14.196  1.00 0.00 ? 31  ARG A HH21 1 
ATOM 500  H HH22 . ARG A 1 31  ? -9.267  -17.683 15.870  1.00 0.00 ? 31  ARG A HH22 1 
ATOM 501  N N    . VAL A 1 32  ? -3.389  -12.857 9.664   1.00 0.00 ? 32  VAL A N    1 
ATOM 502  C CA   . VAL A 1 32  ? -2.211  -12.313 8.999   1.00 0.00 ? 32  VAL A CA   1 
ATOM 503  C C    . VAL A 1 32  ? -2.390  -10.831 8.691   1.00 0.00 ? 32  VAL A C    1 
ATOM 504  O O    . VAL A 1 32  ? -1.993  -10.354 7.627   1.00 0.00 ? 32  VAL A O    1 
ATOM 505  C CB   . VAL A 1 32  ? -1.908  -13.066 7.690   1.00 0.00 ? 32  VAL A CB   1 
ATOM 506  C CG1  . VAL A 1 32  ? -1.395  -14.466 7.986   1.00 0.00 ? 32  VAL A CG1  1 
ATOM 507  C CG2  . VAL A 1 32  ? -3.145  -13.117 6.807   1.00 0.00 ? 32  VAL A CG2  1 
ATOM 508  H H    . VAL A 1 32  ? -4.178  -13.085 9.130   1.00 0.00 ? 32  VAL A H    1 
ATOM 509  H HA   . VAL A 1 32  ? -1.367  -12.433 9.663   1.00 0.00 ? 32  VAL A HA   1 
ATOM 510  H HB   . VAL A 1 32  ? -1.135  -12.528 7.160   1.00 0.00 ? 32  VAL A HB   1 
ATOM 511  H HG11 . VAL A 1 32  ? -2.130  -15.003 8.566   1.00 0.00 ? 32  VAL A HG11 1 
ATOM 512  H HG12 . VAL A 1 32  ? -1.215  -14.988 7.057   1.00 0.00 ? 32  VAL A HG12 1 
ATOM 513  H HG13 . VAL A 1 32  ? -0.474  -14.402 8.547   1.00 0.00 ? 32  VAL A HG13 1 
ATOM 514  H HG21 . VAL A 1 32  ? -2.850  -13.066 5.770   1.00 0.00 ? 32  VAL A HG21 1 
ATOM 515  H HG22 . VAL A 1 32  ? -3.676  -14.040 6.986   1.00 0.00 ? 32  VAL A HG22 1 
ATOM 516  H HG23 . VAL A 1 32  ? -3.789  -12.280 7.039   1.00 0.00 ? 32  VAL A HG23 1 
ATOM 517  N N    . ASP A 1 33  ? -2.990  -10.105 9.628   1.00 0.00 ? 33  ASP A N    1 
ATOM 518  C CA   . ASP A 1 33  ? -3.221  -8.675  9.458   1.00 0.00 ? 33  ASP A CA   1 
ATOM 519  C C    . ASP A 1 33  ? -1.934  -7.887  9.678   1.00 0.00 ? 33  ASP A C    1 
ATOM 520  O O    . ASP A 1 33  ? -1.632  -6.950  8.938   1.00 0.00 ? 33  ASP A O    1 
ATOM 521  C CB   . ASP A 1 33  ? -4.302  -8.192  10.426  1.00 0.00 ? 33  ASP A CB   1 
ATOM 522  C CG   . ASP A 1 33  ? -5.234  -7.177  9.795   1.00 0.00 ? 33  ASP A CG   1 
ATOM 523  O OD1  . ASP A 1 33  ? -5.507  -7.296  8.581   1.00 0.00 ? 33  ASP A OD1  1 
ATOM 524  O OD2  . ASP A 1 33  ? -5.692  -6.265  10.514  1.00 0.00 ? 33  ASP A OD2  1 
ATOM 525  H H    . ASP A 1 33  ? -3.285  -10.542 10.455  1.00 0.00 ? 33  ASP A H    1 
ATOM 526  H HA   . ASP A 1 33  ? -3.559  -8.512  8.445   1.00 0.00 ? 33  ASP A HA   1 
ATOM 527  H HB2  . ASP A 1 33  ? -4.888  -9.039  10.752  1.00 0.00 ? 33  ASP A HB2  1 
ATOM 528  H HB3  . ASP A 1 33  ? -3.829  -7.736  11.284  1.00 0.00 ? 33  ASP A HB3  1 
ATOM 529  N N    . LYS A 1 34  ? -1.177  -8.272  10.700  1.00 0.00 ? 34  LYS A N    1 
ATOM 530  C CA   . LYS A 1 34  ? 0.078   -7.603  11.019  1.00 0.00 ? 34  LYS A CA   1 
ATOM 531  C C    . LYS A 1 34  ? 1.155   -7.952  9.997   1.00 0.00 ? 34  LYS A C    1 
ATOM 532  O O    . LYS A 1 34  ? 2.195   -7.296  9.928   1.00 0.00 ? 34  LYS A O    1 
ATOM 533  C CB   . LYS A 1 34  ? 0.545   -7.994  12.423  1.00 0.00 ? 34  LYS A CB   1 
ATOM 534  C CG   . LYS A 1 34  ? 1.545   -9.137  12.434  1.00 0.00 ? 34  LYS A CG   1 
ATOM 535  C CD   . LYS A 1 34  ? 0.925   -10.425 11.919  1.00 0.00 ? 34  LYS A CD   1 
ATOM 536  C CE   . LYS A 1 34  ? 0.265   -11.213 13.039  1.00 0.00 ? 34  LYS A CE   1 
ATOM 537  N NZ   . LYS A 1 34  ? 0.913   -12.539 13.241  1.00 0.00 ? 34  LYS A NZ   1 
ATOM 538  H H    . LYS A 1 34  ? -1.471  -9.026  11.254  1.00 0.00 ? 34  LYS A H    1 
ATOM 539  H HA   . LYS A 1 34  ? -0.098  -6.538  10.990  1.00 0.00 ? 34  LYS A HA   1 
ATOM 540  H HB2  . LYS A 1 34  ? 1.008   -7.134  12.887  1.00 0.00 ? 34  LYS A HB2  1 
ATOM 541  H HB3  . LYS A 1 34  ? -0.314  -8.288  13.006  1.00 0.00 ? 34  LYS A HB3  1 
ATOM 542  H HG2  . LYS A 1 34  ? 2.383   -8.877  11.806  1.00 0.00 ? 34  LYS A HG2  1 
ATOM 543  H HG3  . LYS A 1 34  ? 1.886   -9.294  13.448  1.00 0.00 ? 34  LYS A HG3  1 
ATOM 544  H HD2  . LYS A 1 34  ? 0.178   -10.183 11.177  1.00 0.00 ? 34  LYS A HD2  1 
ATOM 545  H HD3  . LYS A 1 34  ? 1.698   -11.032 11.470  1.00 0.00 ? 34  LYS A HD3  1 
ATOM 546  H HE2  . LYS A 1 34  ? 0.336   -10.645 13.954  1.00 0.00 ? 34  LYS A HE2  1 
ATOM 547  H HE3  . LYS A 1 34  ? -0.775  -11.365 12.791  1.00 0.00 ? 34  LYS A HE3  1 
ATOM 548  H HZ1  . LYS A 1 34  ? 0.722   -13.158 12.428  1.00 0.00 ? 34  LYS A HZ1  1 
ATOM 549  H HZ2  . LYS A 1 34  ? 0.543   -12.990 14.102  1.00 0.00 ? 34  LYS A HZ2  1 
ATOM 550  H HZ3  . LYS A 1 34  ? 1.942   -12.422 13.340  1.00 0.00 ? 34  LYS A HZ3  1 
ATOM 551  N N    . VAL A 1 35  ? 0.899   -8.987  9.204   1.00 0.00 ? 35  VAL A N    1 
ATOM 552  C CA   . VAL A 1 35  ? 1.846   -9.421  8.184   1.00 0.00 ? 35  VAL A CA   1 
ATOM 553  C C    . VAL A 1 35  ? 1.898   -8.432  7.025   1.00 0.00 ? 35  VAL A C    1 
ATOM 554  O O    . VAL A 1 35  ? 2.856   -8.414  6.251   1.00 0.00 ? 35  VAL A O    1 
ATOM 555  C CB   . VAL A 1 35  ? 1.484   -10.815 7.639   1.00 0.00 ? 35  VAL A CB   1 
ATOM 556  C CG1  . VAL A 1 35  ? 2.478   -11.247 6.571   1.00 0.00 ? 35  VAL A CG1  1 
ATOM 557  C CG2  . VAL A 1 35  ? 1.428   -11.832 8.769   1.00 0.00 ? 35  VAL A CG2  1 
ATOM 558  H H    . VAL A 1 35  ? 0.053   -9.471  9.307   1.00 0.00 ? 35  VAL A H    1 
ATOM 559  H HA   . VAL A 1 35  ? 2.824   -9.480  8.639   1.00 0.00 ? 35  VAL A HA   1 
ATOM 560  H HB   . VAL A 1 35  ? 0.505   -10.759 7.185   1.00 0.00 ? 35  VAL A HB   1 
ATOM 561  H HG11 . VAL A 1 35  ? 3.412   -10.723 6.718   1.00 0.00 ? 35  VAL A HG11 1 
ATOM 562  H HG12 . VAL A 1 35  ? 2.646   -12.311 6.644   1.00 0.00 ? 35  VAL A HG12 1 
ATOM 563  H HG13 . VAL A 1 35  ? 2.083   -11.010 5.594   1.00 0.00 ? 35  VAL A HG13 1 
ATOM 564  H HG21 . VAL A 1 35  ? 2.342   -11.785 9.341   1.00 0.00 ? 35  VAL A HG21 1 
ATOM 565  H HG22 . VAL A 1 35  ? 0.589   -11.608 9.411   1.00 0.00 ? 35  VAL A HG22 1 
ATOM 566  H HG23 . VAL A 1 35  ? 1.311   -12.824 8.356   1.00 0.00 ? 35  VAL A HG23 1 
ATOM 567  N N    . LEU A 1 36  ? 0.862   -7.608  6.912   1.00 0.00 ? 36  LEU A N    1 
ATOM 568  C CA   . LEU A 1 36  ? 0.789   -6.613  5.848   1.00 0.00 ? 36  LEU A CA   1 
ATOM 569  C C    . LEU A 1 36  ? 0.686   -5.204  6.424   1.00 0.00 ? 36  LEU A C    1 
ATOM 570  O O    . LEU A 1 36  ? 0.558   -4.229  5.686   1.00 0.00 ? 36  LEU A O    1 
ATOM 571  C CB   . LEU A 1 36  ? -0.412  -6.894  4.942   1.00 0.00 ? 36  LEU A CB   1 
ATOM 572  C CG   . LEU A 1 36  ? -1.764  -6.386  5.443   1.00 0.00 ? 36  LEU A CG   1 
ATOM 573  C CD1  . LEU A 1 36  ? -2.089  -5.035  4.827   1.00 0.00 ? 36  LEU A CD1  1 
ATOM 574  C CD2  . LEU A 1 36  ? -2.861  -7.395  5.132   1.00 0.00 ? 36  LEU A CD2  1 
ATOM 575  H H    . LEU A 1 36  ? 0.129   -7.669  7.559   1.00 0.00 ? 36  LEU A H    1 
ATOM 576  H HA   . LEU A 1 36  ? 1.694   -6.685  5.264   1.00 0.00 ? 36  LEU A HA   1 
ATOM 577  H HB2  . LEU A 1 36  ? -0.219  -6.432  3.986   1.00 0.00 ? 36  LEU A HB2  1 
ATOM 578  H HB3  . LEU A 1 36  ? -0.486  -7.964  4.814   1.00 0.00 ? 36  LEU A HB3  1 
ATOM 579  H HG   . LEU A 1 36  ? -1.719  -6.261  6.517   1.00 0.00 ? 36  LEU A HG   1 
ATOM 580  H HD11 . LEU A 1 36  ? -1.224  -4.662  4.299   1.00 0.00 ? 36  LEU A HD11 1 
ATOM 581  H HD12 . LEU A 1 36  ? -2.362  -4.340  5.607   1.00 0.00 ? 36  LEU A HD12 1 
ATOM 582  H HD13 . LEU A 1 36  ? -2.913  -5.143  4.138   1.00 0.00 ? 36  LEU A HD13 1 
ATOM 583  H HD21 . LEU A 1 36  ? -3.692  -7.242  5.804   1.00 0.00 ? 36  LEU A HD21 1 
ATOM 584  H HD22 . LEU A 1 36  ? -2.474  -8.396  5.257   1.00 0.00 ? 36  LEU A HD22 1 
ATOM 585  H HD23 . LEU A 1 36  ? -3.192  -7.261  4.112   1.00 0.00 ? 36  LEU A HD23 1 
ATOM 586  N N    . ASN A 1 37  ? 0.747   -5.107  7.748   1.00 0.00 ? 37  ASN A N    1 
ATOM 587  C CA   . ASN A 1 37  ? 0.662   -3.817  8.424   1.00 0.00 ? 37  ASN A CA   1 
ATOM 588  C C    . ASN A 1 37  ? 1.920   -3.551  9.246   1.00 0.00 ? 37  ASN A C    1 
ATOM 589  O O    . ASN A 1 37  ? 2.324   -2.402  9.424   1.00 0.00 ? 37  ASN A O    1 
ATOM 590  C CB   . ASN A 1 37  ? -0.571  -3.773  9.330   1.00 0.00 ? 37  ASN A CB   1 
ATOM 591  C CG   . ASN A 1 37  ? -0.484  -2.673  10.370  1.00 0.00 ? 37  ASN A CG   1 
ATOM 592  O OD1  . ASN A 1 37  ? -0.047  -1.560  10.078  1.00 0.00 ? 37  ASN A OD1  1 
ATOM 593  N ND2  . ASN A 1 37  ? -0.901  -2.981  11.592  1.00 0.00 ? 37  ASN A ND2  1 
ATOM 594  H H    . ASN A 1 37  ? 0.850   -5.922  8.284   1.00 0.00 ? 37  ASN A H    1 
ATOM 595  H HA   . ASN A 1 37  ? 0.571   -3.053  7.669   1.00 0.00 ? 37  ASN A HA   1 
ATOM 596  H HB2  . ASN A 1 37  ? -1.448  -3.600  8.723   1.00 0.00 ? 37  ASN A HB2  1 
ATOM 597  H HB3  . ASN A 1 37  ? -0.670  -4.719  9.839   1.00 0.00 ? 37  ASN A HB3  1 
ATOM 598  H HD21 . ASN A 1 37  ? -1.237  -3.887  11.752  1.00 0.00 ? 37  ASN A HD21 1 
ATOM 599  H HD22 . ASN A 1 37  ? -0.857  -2.288  12.284  1.00 0.00 ? 37  ASN A HD22 1 
ATOM 600  N N    . GLU A 1 38  ? 2.534   -4.620  9.742   1.00 0.00 ? 38  GLU A N    1 
ATOM 601  C CA   . GLU A 1 38  ? 3.745   -4.501  10.545  1.00 0.00 ? 38  GLU A CA   1 
ATOM 602  C C    . GLU A 1 38  ? 4.955   -5.046  9.790   1.00 0.00 ? 38  GLU A C    1 
ATOM 603  O O    . GLU A 1 38  ? 6.024   -4.437  9.785   1.00 0.00 ? 38  GLU A O    1 
ATOM 604  C CB   . GLU A 1 38  ? 3.581   -5.246  11.871  1.00 0.00 ? 38  GLU A CB   1 
ATOM 605  C CG   . GLU A 1 38  ? 4.895   -5.510  12.588  1.00 0.00 ? 38  GLU A CG   1 
ATOM 606  C CD   . GLU A 1 38  ? 5.827   -4.315  12.557  1.00 0.00 ? 38  GLU A CD   1 
ATOM 607  O OE1  . GLU A 1 38  ? 5.332   -3.173  12.656  1.00 0.00 ? 38  GLU A OE1  1 
ATOM 608  O OE2  . GLU A 1 38  ? 7.053   -4.522  12.432  1.00 0.00 ? 38  GLU A OE2  1 
ATOM 609  H H    . GLU A 1 38  ? 2.164   -5.510  9.566   1.00 0.00 ? 38  GLU A H    1 
ATOM 610  H HA   . GLU A 1 38  ? 3.906   -3.453  10.749  1.00 0.00 ? 38  GLU A HA   1 
ATOM 611  H HB2  . GLU A 1 38  ? 2.950   -4.660  12.523  1.00 0.00 ? 38  GLU A HB2  1 
ATOM 612  H HB3  . GLU A 1 38  ? 3.103   -6.195  11.679  1.00 0.00 ? 38  GLU A HB3  1 
ATOM 613  H HG2  . GLU A 1 38  ? 4.685   -5.756  13.618  1.00 0.00 ? 38  GLU A HG2  1 
ATOM 614  H HG3  . GLU A 1 38  ? 5.388   -6.345  12.112  1.00 0.00 ? 38  GLU A HG3  1 
ATOM 615  N N    . LYS A 1 39  ? 4.776   -6.197  9.152   1.00 0.00 ? 39  LYS A N    1 
ATOM 616  C CA   . LYS A 1 39  ? 5.850   -6.827  8.392   1.00 0.00 ? 39  LYS A CA   1 
ATOM 617  C C    . LYS A 1 39  ? 6.417   -5.865  7.353   1.00 0.00 ? 39  LYS A C    1 
ATOM 618  O O    . LYS A 1 39  ? 7.631   -5.793  7.157   1.00 0.00 ? 39  LYS A O    1 
ATOM 619  C CB   . LYS A 1 39  ? 5.341   -8.095  7.704   1.00 0.00 ? 39  LYS A CB   1 
ATOM 620  C CG   . LYS A 1 39  ? 6.375   -9.205  7.631   1.00 0.00 ? 39  LYS A CG   1 
ATOM 621  C CD   . LYS A 1 39  ? 5.955   -10.414 8.450   1.00 0.00 ? 39  LYS A CD   1 
ATOM 622  C CE   . LYS A 1 39  ? 5.832   -10.071 9.927   1.00 0.00 ? 39  LYS A CE   1 
ATOM 623  N NZ   . LYS A 1 39  ? 6.656   -10.975 10.777  1.00 0.00 ? 39  LYS A NZ   1 
ATOM 624  H H    . LYS A 1 39  ? 3.900   -6.636  9.193   1.00 0.00 ? 39  LYS A H    1 
ATOM 625  H HA   . LYS A 1 39  ? 6.634   -7.093  9.084   1.00 0.00 ? 39  LYS A HA   1 
ATOM 626  H HB2  . LYS A 1 39  ? 4.483   -8.465  8.246   1.00 0.00 ? 39  LYS A HB2  1 
ATOM 627  H HB3  . LYS A 1 39  ? 5.038   -7.846  6.696   1.00 0.00 ? 39  LYS A HB3  1 
ATOM 628  H HG2  . LYS A 1 39  ? 6.494   -9.506  6.600   1.00 0.00 ? 39  LYS A HG2  1 
ATOM 629  H HG3  . LYS A 1 39  ? 7.316   -8.833  8.010   1.00 0.00 ? 39  LYS A HG3  1 
ATOM 630  H HD2  . LYS A 1 39  ? 4.997   -10.765 8.094   1.00 0.00 ? 39  LYS A HD2  1 
ATOM 631  H HD3  . LYS A 1 39  ? 6.693   -11.194 8.330   1.00 0.00 ? 39  LYS A HD3  1 
ATOM 632  H HE2  . LYS A 1 39  ? 6.161   -9.054  10.075  1.00 0.00 ? 39  LYS A HE2  1 
ATOM 633  H HE3  . LYS A 1 39  ? 4.796   -10.161 10.219  1.00 0.00 ? 39  LYS A HE3  1 
ATOM 634  H HZ1  . LYS A 1 39  ? 6.591   -10.687 11.773  1.00 0.00 ? 39  LYS A HZ1  1 
ATOM 635  H HZ2  . LYS A 1 39  ? 7.652   -10.936 10.479  1.00 0.00 ? 39  LYS A HZ2  1 
ATOM 636  H HZ3  . LYS A 1 39  ? 6.318   -11.955 10.688  1.00 0.00 ? 39  LYS A HZ3  1 
ATOM 637  N N    . CYS A 1 40  ? 5.532   -5.127  6.692   1.00 0.00 ? 40  CYS A N    1 
ATOM 638  C CA   . CYS A 1 40  ? 5.945   -4.168  5.673   1.00 0.00 ? 40  CYS A CA   1 
ATOM 639  C C    . CYS A 1 40  ? 4.737   -3.454  5.077   1.00 0.00 ? 40  CYS A C    1 
ATOM 640  O O    . CYS A 1 40  ? 4.191   -3.882  4.059   1.00 0.00 ? 40  CYS A O    1 
ATOM 641  C CB   . CYS A 1 40  ? 6.733   -4.873  4.568   1.00 0.00 ? 40  CYS A CB   1 
ATOM 642  S SG   . CYS A 1 40  ? 5.971   -6.404  3.982   1.00 0.00 ? 40  CYS A SG   1 
ATOM 643  H H    . CYS A 1 40  ? 4.579   -5.229  6.893   1.00 0.00 ? 40  CYS A H    1 
ATOM 644  H HA   . CYS A 1 40  ? 6.582   -3.436  6.147   1.00 0.00 ? 40  CYS A HA   1 
ATOM 645  H HB2  . CYS A 1 40  ? 6.827   -4.209  3.722   1.00 0.00 ? 40  CYS A HB2  1 
ATOM 646  H HB3  . CYS A 1 40  ? 7.718   -5.116  4.939   1.00 0.00 ? 40  CYS A HB3  1 
ATOM 647  H HG   . CYS A 1 40  ? 6.934   -7.189  3.522   1.00 0.00 ? 40  CYS A HG   1 
ATOM 648  N N    . SER A 1 41  ? 4.322   -2.366  5.717   1.00 0.00 ? 41  SER A N    1 
ATOM 649  C CA   . SER A 1 41  ? 3.175   -1.595  5.253   1.00 0.00 ? 41  SER A CA   1 
ATOM 650  C C    . SER A 1 41  ? 3.609   -0.221  4.755   1.00 0.00 ? 41  SER A C    1 
ATOM 651  O O    . SER A 1 41  ? 2.786   0.577   4.304   1.00 0.00 ? 41  SER A O    1 
ATOM 652  C CB   . SER A 1 41  ? 2.147   -1.443  6.377   1.00 0.00 ? 41  SER A CB   1 
ATOM 653  O OG   . SER A 1 41  ? 0.828   -1.611  5.888   1.00 0.00 ? 41  SER A OG   1 
ATOM 654  H H    . SER A 1 41  ? 4.800   -2.076  6.523   1.00 0.00 ? 41  SER A H    1 
ATOM 655  H HA   . SER A 1 41  ? 2.722   -2.136  4.435   1.00 0.00 ? 41  SER A HA   1 
ATOM 656  H HB2  . SER A 1 41  ? 2.336   -2.187  7.136   1.00 0.00 ? 41  SER A HB2  1 
ATOM 657  H HB3  . SER A 1 41  ? 2.237   -0.457  6.810   1.00 0.00 ? 41  SER A HB3  1 
ATOM 658  H HG   . SER A 1 41  ? 0.775   -1.278  4.990   1.00 0.00 ? 41  SER A HG   1 
ATOM 659  N N    . VAL A 1 42  ? 4.907   0.050   4.840   1.00 0.00 ? 42  VAL A N    1 
ATOM 660  C CA   . VAL A 1 42  ? 5.453   1.328   4.398   1.00 0.00 ? 42  VAL A CA   1 
ATOM 661  C C    . VAL A 1 42  ? 5.865   1.271   2.931   1.00 0.00 ? 42  VAL A C    1 
ATOM 662  O O    . VAL A 1 42  ? 6.483   0.304   2.487   1.00 0.00 ? 42  VAL A O    1 
ATOM 663  C CB   . VAL A 1 42  ? 6.669   1.743   5.247   1.00 0.00 ? 42  VAL A CB   1 
ATOM 664  C CG1  . VAL A 1 42  ? 7.704   0.628   5.278   1.00 0.00 ? 42  VAL A CG1  1 
ATOM 665  C CG2  . VAL A 1 42  ? 7.277   3.031   4.712   1.00 0.00 ? 42  VAL A CG2  1 
ATOM 666  H H    . VAL A 1 42  ? 5.514   -0.626  5.209   1.00 0.00 ? 42  VAL A H    1 
ATOM 667  H HA   . VAL A 1 42  ? 4.685   2.078   4.517   1.00 0.00 ? 42  VAL A HA   1 
ATOM 668  H HB   . VAL A 1 42  ? 6.333   1.921   6.258   1.00 0.00 ? 42  VAL A HB   1 
ATOM 669  H HG11 . VAL A 1 42  ? 7.313   -0.210  5.835   1.00 0.00 ? 42  VAL A HG11 1 
ATOM 670  H HG12 . VAL A 1 42  ? 7.930   0.317   4.269   1.00 0.00 ? 42  VAL A HG12 1 
ATOM 671  H HG13 . VAL A 1 42  ? 8.605   0.987   5.753   1.00 0.00 ? 42  VAL A HG13 1 
ATOM 672  H HG21 . VAL A 1 42  ? 7.625   2.874   3.701   1.00 0.00 ? 42  VAL A HG21 1 
ATOM 673  H HG22 . VAL A 1 42  ? 6.530   3.810   4.718   1.00 0.00 ? 42  VAL A HG22 1 
ATOM 674  H HG23 . VAL A 1 42  ? 8.108   3.324   5.337   1.00 0.00 ? 42  VAL A HG23 1 
ATOM 675  N N    . TYR A 1 43  ? 5.521   2.314   2.185   1.00 0.00 ? 43  TYR A N    1 
ATOM 676  C CA   . TYR A 1 43  ? 5.854   2.383   0.767   1.00 0.00 ? 43  TYR A CA   1 
ATOM 677  C C    . TYR A 1 43  ? 6.203   3.810   0.358   1.00 0.00 ? 43  TYR A C    1 
ATOM 678  O O    . TYR A 1 43  ? 5.789   4.774   1.002   1.00 0.00 ? 43  TYR A O    1 
ATOM 679  C CB   . TYR A 1 43  ? 4.687   1.869   -0.079  1.00 0.00 ? 43  TYR A CB   1 
ATOM 680  C CG   . TYR A 1 43  ? 4.189   0.505   0.343   1.00 0.00 ? 43  TYR A CG   1 
ATOM 681  C CD1  . TYR A 1 43  ? 3.320   0.362   1.417   1.00 0.00 ? 43  TYR A CD1  1 
ATOM 682  C CD2  . TYR A 1 43  ? 4.586   -0.641  -0.336  1.00 0.00 ? 43  TYR A CD2  1 
ATOM 683  C CE1  . TYR A 1 43  ? 2.863   -0.883  1.805   1.00 0.00 ? 43  TYR A CE1  1 
ATOM 684  C CE2  . TYR A 1 43  ? 4.133   -1.889  0.044   1.00 0.00 ? 43  TYR A CE2  1 
ATOM 685  C CZ   . TYR A 1 43  ? 3.272   -2.005  1.115   1.00 0.00 ? 43  TYR A CZ   1 
ATOM 686  O OH   . TYR A 1 43  ? 2.818   -3.247  1.498   1.00 0.00 ? 43  TYR A OH   1 
ATOM 687  H H    . TYR A 1 43  ? 5.029   3.056   2.596   1.00 0.00 ? 43  TYR A H    1 
ATOM 688  H HA   . TYR A 1 43  ? 6.714   1.751   0.597   1.00 0.00 ? 43  TYR A HA   1 
ATOM 689  H HB2  . TYR A 1 43  ? 3.862   2.561   0.000   1.00 0.00 ? 43  TYR A HB2  1 
ATOM 690  H HB3  . TYR A 1 43  ? 4.999   1.805   -1.110  1.00 0.00 ? 43  TYR A HB3  1 
ATOM 691  H HD1  . TYR A 1 43  ? 3.001   1.243   1.955   1.00 0.00 ? 43  TYR A HD1  1 
ATOM 692  H HD2  . TYR A 1 43  ? 5.261   -0.546  -1.175  1.00 0.00 ? 43  TYR A HD2  1 
ATOM 693  H HE1  . TYR A 1 43  ? 2.189   -0.974  2.644   1.00 0.00 ? 43  TYR A HE1  1 
ATOM 694  H HE2  . TYR A 1 43  ? 4.453   -2.768  -0.495  1.00 0.00 ? 43  TYR A HE2  1 
ATOM 695  H HH   . TYR A 1 43  ? 3.466   -3.660  2.074   1.00 0.00 ? 43  TYR A HH   1 
ATOM 696  N N    . THR A 1 44  ? 6.971   3.938   -0.721  1.00 0.00 ? 44  THR A N    1 
ATOM 697  C CA   . THR A 1 44  ? 7.377   5.247   -1.218  1.00 0.00 ? 44  THR A CA   1 
ATOM 698  C C    . THR A 1 44  ? 6.493   5.695   -2.376  1.00 0.00 ? 44  THR A C    1 
ATOM 699  O O    . THR A 1 44  ? 6.100   4.888   -3.218  1.00 0.00 ? 44  THR A O    1 
ATOM 700  C CB   . THR A 1 44  ? 8.846   5.240   -1.682  1.00 0.00 ? 44  THR A CB   1 
ATOM 701  O OG1  . THR A 1 44  ? 9.613   4.349   -0.864  1.00 0.00 ? 44  THR A OG1  1 
ATOM 702  C CG2  . THR A 1 44  ? 9.442   6.637   -1.615  1.00 0.00 ? 44  THR A CG2  1 
ATOM 703  H H    . THR A 1 44  ? 7.270   3.133   -1.192  1.00 0.00 ? 44  THR A H    1 
ATOM 704  H HA   . THR A 1 44  ? 7.281   5.956   -0.408  1.00 0.00 ? 44  THR A HA   1 
ATOM 705  H HB   . THR A 1 44  ? 8.883   4.897   -2.706  1.00 0.00 ? 44  THR A HB   1 
ATOM 706  H HG1  . THR A 1 44  ? 10.545  4.573   -0.934  1.00 0.00 ? 44  THR A HG1  1 
ATOM 707  H HG21 . THR A 1 44  ? 9.841   6.812   -0.627  1.00 0.00 ? 44  THR A HG21 1 
ATOM 708  H HG22 . THR A 1 44  ? 8.674   7.367   -1.826  1.00 0.00 ? 44  THR A HG22 1 
ATOM 709  H HG23 . THR A 1 44  ? 10.234  6.726   -2.344  1.00 0.00 ? 44  THR A HG23 1 
ATOM 710  N N    . VAL A 1 45  ? 6.182   6.987   -2.412  1.00 0.00 ? 45  VAL A N    1 
ATOM 711  C CA   . VAL A 1 45  ? 5.345   7.543   -3.468  1.00 0.00 ? 45  VAL A CA   1 
ATOM 712  C C    . VAL A 1 45  ? 6.099   8.601   -4.266  1.00 0.00 ? 45  VAL A C    1 
ATOM 713  O O    . VAL A 1 45  ? 6.516   9.622   -3.722  1.00 0.00 ? 45  VAL A O    1 
ATOM 714  C CB   . VAL A 1 45  ? 4.059   8.166   -2.895  1.00 0.00 ? 45  VAL A CB   1 
ATOM 715  C CG1  . VAL A 1 45  ? 3.200   8.741   -4.011  1.00 0.00 ? 45  VAL A CG1  1 
ATOM 716  C CG2  . VAL A 1 45  ? 3.281   7.137   -2.090  1.00 0.00 ? 45  VAL A CG2  1 
ATOM 717  H H    . VAL A 1 45  ? 6.525   7.580   -1.712  1.00 0.00 ? 45  VAL A H    1 
ATOM 718  H HA   . VAL A 1 45  ? 5.066   6.737   -4.131  1.00 0.00 ? 45  VAL A HA   1 
ATOM 719  H HB   . VAL A 1 45  ? 4.339   8.974   -2.234  1.00 0.00 ? 45  VAL A HB   1 
ATOM 720  H HG11 . VAL A 1 45  ? 3.352   8.167   -4.913  1.00 0.00 ? 45  VAL A HG11 1 
ATOM 721  H HG12 . VAL A 1 45  ? 2.160   8.697   -3.726  1.00 0.00 ? 45  VAL A HG12 1 
ATOM 722  H HG13 . VAL A 1 45  ? 3.482   9.769   -4.189  1.00 0.00 ? 45  VAL A HG13 1 
ATOM 723  H HG21 . VAL A 1 45  ? 2.773   6.462   -2.761  1.00 0.00 ? 45  VAL A HG21 1 
ATOM 724  H HG22 . VAL A 1 45  ? 3.963   6.579   -1.465  1.00 0.00 ? 45  VAL A HG22 1 
ATOM 725  H HG23 . VAL A 1 45  ? 2.554   7.640   -1.467  1.00 0.00 ? 45  VAL A HG23 1 
ATOM 726  N N    . GLU A 1 46  ? 6.268   8.348   -5.561  1.00 0.00 ? 46  GLU A N    1 
ATOM 727  C CA   . GLU A 1 46  ? 6.972   9.281   -6.434  1.00 0.00 ? 46  GLU A CA   1 
ATOM 728  C C    . GLU A 1 46  ? 6.282   10.642  -6.445  1.00 0.00 ? 46  GLU A C    1 
ATOM 729  O O    . GLU A 1 46  ? 5.331   10.874  -5.700  1.00 0.00 ? 46  GLU A O    1 
ATOM 730  C CB   . GLU A 1 46  ? 7.047   8.722   -7.857  1.00 0.00 ? 46  GLU A CB   1 
ATOM 731  C CG   . GLU A 1 46  ? 8.463   8.637   -8.402  1.00 0.00 ? 46  GLU A CG   1 
ATOM 732  C CD   . GLU A 1 46  ? 8.549   9.024   -9.865  1.00 0.00 ? 46  GLU A CD   1 
ATOM 733  O OE1  . GLU A 1 46  ? 8.437   10.231  -10.167 1.00 0.00 ? 46  GLU A OE1  1 
ATOM 734  O OE2  . GLU A 1 46  ? 8.728   8.121   -10.710 1.00 0.00 ? 46  GLU A OE2  1 
ATOM 735  H H    . GLU A 1 46  ? 5.913   7.516   -5.936  1.00 0.00 ? 46  GLU A H    1 
ATOM 736  H HA   . GLU A 1 46  ? 7.974   9.402   -6.051  1.00 0.00 ? 46  GLU A HA   1 
ATOM 737  H HB2  . GLU A 1 46  ? 6.620   7.731   -7.865  1.00 0.00 ? 46  GLU A HB2  1 
ATOM 738  H HB3  . GLU A 1 46  ? 6.471   9.359   -8.510  1.00 0.00 ? 46  GLU A HB3  1 
ATOM 739  H HG2  . GLU A 1 46  ? 9.096   9.302   -7.833  1.00 0.00 ? 46  GLU A HG2  1 
ATOM 740  H HG3  . GLU A 1 46  ? 8.817   7.623   -8.292  1.00 0.00 ? 46  GLU A HG3  1 
ATOM 741  N N    . SER A 1 47  ? 6.769   11.538  -7.297  1.00 0.00 ? 47  SER A N    1 
ATOM 742  C CA   . SER A 1 47  ? 6.204   12.878  -7.404  1.00 0.00 ? 47  SER A CA   1 
ATOM 743  C C    . SER A 1 47  ? 4.904   12.857  -8.203  1.00 0.00 ? 47  SER A C    1 
ATOM 744  O O    . SER A 1 47  ? 3.856   13.282  -7.717  1.00 0.00 ? 47  SER A O    1 
ATOM 745  C CB   . SER A 1 47  ? 7.206   13.827  -8.063  1.00 0.00 ? 47  SER A CB   1 
ATOM 746  O OG   . SER A 1 47  ? 6.697   15.148  -8.118  1.00 0.00 ? 47  SER A OG   1 
ATOM 747  H H    . SER A 1 47  ? 7.529   11.294  -7.865  1.00 0.00 ? 47  SER A H    1 
ATOM 748  H HA   . SER A 1 47  ? 5.993   13.230  -6.404  1.00 0.00 ? 47  SER A HA   1 
ATOM 749  H HB2  . SER A 1 47  ? 8.123   13.831  -7.495  1.00 0.00 ? 47  SER A HB2  1 
ATOM 750  H HB3  . SER A 1 47  ? 7.407   13.490  -9.071  1.00 0.00 ? 47  SER A HB3  1 
ATOM 751  H HG   . SER A 1 47  ? 7.018   15.646  -7.362  1.00 0.00 ? 47  SER A HG   1 
ATOM 752  N N    . GLY A 1 48  ? 4.980   12.358  -9.433  1.00 0.00 ? 48  GLY A N    1 
ATOM 753  C CA   . GLY A 1 48  ? 3.804   12.290  -10.279 1.00 0.00 ? 48  GLY A CA   1 
ATOM 754  C C    . GLY A 1 48  ? 3.224   10.892  -10.355 1.00 0.00 ? 48  GLY A C    1 
ATOM 755  O O    . GLY A 1 48  ? 3.601   10.100  -11.220 1.00 0.00 ? 48  GLY A O    1 
ATOM 756  H H    . GLY A 1 48  ? 5.842   12.034  -9.767  1.00 0.00 ? 48  GLY A H    1 
ATOM 757  H HA2  . GLY A 1 48  ? 3.053   12.960  -9.889  1.00 0.00 ? 48  GLY A HA2  1 
ATOM 758  H HA3  . GLY A 1 48  ? 4.074   12.610  -11.276 1.00 0.00 ? 48  GLY A HA3  1 
ATOM 759  N N    . THR A 1 49  ? 2.304   10.584  -9.446  1.00 0.00 ? 49  THR A N    1 
ATOM 760  C CA   . THR A 1 49  ? 1.672   9.272   -9.412  1.00 0.00 ? 49  THR A CA   1 
ATOM 761  C C    . THR A 1 49  ? 0.189   9.384   -9.080  1.00 0.00 ? 49  THR A C    1 
ATOM 762  O O    . THR A 1 49  ? -0.271  10.415  -8.590  1.00 0.00 ? 49  THR A O    1 
ATOM 763  C CB   . THR A 1 49  ? 2.348   8.350   -8.379  1.00 0.00 ? 49  THR A CB   1 
ATOM 764  O OG1  . THR A 1 49  ? 3.754   8.620   -8.329  1.00 0.00 ? 49  THR A OG1  1 
ATOM 765  C CG2  . THR A 1 49  ? 2.119   6.888   -8.727  1.00 0.00 ? 49  THR A CG2  1 
ATOM 766  H H    . THR A 1 49  ? 2.044   11.258  -8.784  1.00 0.00 ? 49  THR A H    1 
ATOM 767  H HA   . THR A 1 49  ? 1.781   8.823   -10.389 1.00 0.00 ? 49  THR A HA   1 
ATOM 768  H HB   . THR A 1 49  ? 1.917   8.546   -7.407  1.00 0.00 ? 49  THR A HB   1 
ATOM 769  H HG1  . THR A 1 49  ? 4.171   8.294   -9.130  1.00 0.00 ? 49  THR A HG1  1 
ATOM 770  H HG21 . THR A 1 49  ? 1.949   6.793   -9.789  1.00 0.00 ? 49  THR A HG21 1 
ATOM 771  H HG22 . THR A 1 49  ? 1.257   6.521   -8.190  1.00 0.00 ? 49  THR A HG22 1 
ATOM 772  H HG23 . THR A 1 49  ? 2.989   6.311   -8.449  1.00 0.00 ? 49  THR A HG23 1 
ATOM 773  N N    . GLU A 1 50  ? -0.556  8.316   -9.353  1.00 0.00 ? 50  GLU A N    1 
ATOM 774  C CA   . GLU A 1 50  ? -1.989  8.297   -9.082  1.00 0.00 ? 50  GLU A CA   1 
ATOM 775  C C    . GLU A 1 50  ? -2.309  7.374   -7.911  1.00 0.00 ? 50  GLU A C    1 
ATOM 776  O O    . GLU A 1 50  ? -1.534  6.476   -7.583  1.00 0.00 ? 50  GLU A O    1 
ATOM 777  C CB   . GLU A 1 50  ? -2.758  7.846   -10.326 1.00 0.00 ? 50  GLU A CB   1 
ATOM 778  C CG   . GLU A 1 50  ? -3.359  8.994   -11.120 1.00 0.00 ? 50  GLU A CG   1 
ATOM 779  C CD   . GLU A 1 50  ? -4.876  8.986   -11.100 1.00 0.00 ? 50  GLU A CD   1 
ATOM 780  O OE1  . GLU A 1 50  ? -5.454  9.095   -9.998  1.00 0.00 ? 50  GLU A OE1  1 
ATOM 781  O OE2  . GLU A 1 50  ? -5.483  8.870   -12.185 1.00 0.00 ? 50  GLU A OE2  1 
ATOM 782  H H    . GLU A 1 50  ? -0.132  7.524   -9.744  1.00 0.00 ? 50  GLU A H    1 
ATOM 783  H HA   . GLU A 1 50  ? -2.292  9.301   -8.827  1.00 0.00 ? 50  GLU A HA   1 
ATOM 784  H HB2  . GLU A 1 50  ? -2.086  7.302   -10.974 1.00 0.00 ? 50  GLU A HB2  1 
ATOM 785  H HB3  . GLU A 1 50  ? -3.559  7.189   -10.021 1.00 0.00 ? 50  GLU A HB3  1 
ATOM 786  H HG2  . GLU A 1 50  ? -3.015  9.926   -10.697 1.00 0.00 ? 50  GLU A HG2  1 
ATOM 787  H HG3  . GLU A 1 50  ? -3.028  8.920   -12.144 1.00 0.00 ? 50  GLU A HG3  1 
ATOM 788  N N    . VAL A 1 51  ? -3.459  7.603   -7.282  1.00 0.00 ? 51  VAL A N    1 
ATOM 789  C CA   . VAL A 1 51  ? -3.883  6.793   -6.146  1.00 0.00 ? 51  VAL A CA   1 
ATOM 790  C C    . VAL A 1 51  ? -4.139  5.350   -6.567  1.00 0.00 ? 51  VAL A C    1 
ATOM 791  O O    . VAL A 1 51  ? -4.234  4.453   -5.726  1.00 0.00 ? 51  VAL A O    1 
ATOM 792  C CB   . VAL A 1 51  ? -5.159  7.361   -5.497  1.00 0.00 ? 51  VAL A CB   1 
ATOM 793  C CG1  . VAL A 1 51  ? -5.412  6.701   -4.151  1.00 0.00 ? 51  VAL A CG1  1 
ATOM 794  C CG2  . VAL A 1 51  ? -5.053  8.871   -5.349  1.00 0.00 ? 51  VAL A CG2  1 
ATOM 795  H H    . VAL A 1 51  ? -4.034  8.333   -7.589  1.00 0.00 ? 51  VAL A H    1 
ATOM 796  H HA   . VAL A 1 51  ? -3.092  6.808   -5.411  1.00 0.00 ? 51  VAL A HA   1 
ATOM 797  H HB   . VAL A 1 51  ? -5.996  7.141   -6.143  1.00 0.00 ? 51  VAL A HB   1 
ATOM 798  H HG11 . VAL A 1 51  ? -6.100  7.306   -3.578  1.00 0.00 ? 51  VAL A HG11 1 
ATOM 799  H HG12 . VAL A 1 51  ? -5.834  5.719   -4.303  1.00 0.00 ? 51  VAL A HG12 1 
ATOM 800  H HG13 . VAL A 1 51  ? -4.479  6.613   -3.612  1.00 0.00 ? 51  VAL A HG13 1 
ATOM 801  H HG21 . VAL A 1 51  ? -5.700  9.350   -6.070  1.00 0.00 ? 51  VAL A HG21 1 
ATOM 802  H HG22 . VAL A 1 51  ? -5.351  9.156   -4.352  1.00 0.00 ? 51  VAL A HG22 1 
ATOM 803  H HG23 . VAL A 1 51  ? -4.033  9.180   -5.522  1.00 0.00 ? 51  VAL A HG23 1 
ATOM 804  N N    . THR A 1 52  ? -4.250  5.130   -7.873  1.00 0.00 ? 52  THR A N    1 
ATOM 805  C CA   . THR A 1 52  ? -4.496  3.795   -8.406  1.00 0.00 ? 52  THR A CA   1 
ATOM 806  C C    . THR A 1 52  ? -3.187  3.077   -8.713  1.00 0.00 ? 52  THR A C    1 
ATOM 807  O O    . THR A 1 52  ? -3.137  1.848   -8.743  1.00 0.00 ? 52  THR A O    1 
ATOM 808  C CB   . THR A 1 52  ? -5.352  3.851   -9.685  1.00 0.00 ? 52  THR A CB   1 
ATOM 809  O OG1  . THR A 1 52  ? -5.456  2.544   -10.261 1.00 0.00 ? 52  THR A OG1  1 
ATOM 810  C CG2  . THR A 1 52  ? -4.749  4.811   -10.699 1.00 0.00 ? 52  THR A CG2  1 
ATOM 811  H H    . THR A 1 52  ? -4.166  5.884   -8.492  1.00 0.00 ? 52  THR A H    1 
ATOM 812  H HA   . THR A 1 52  ? -5.038  3.233   -7.659  1.00 0.00 ? 52  THR A HA   1 
ATOM 813  H HB   . THR A 1 52  ? -6.340  4.200   -9.424  1.00 0.00 ? 52  THR A HB   1 
ATOM 814  H HG1  . THR A 1 52  ? -6.006  2.583   -11.047 1.00 0.00 ? 52  THR A HG1  1 
ATOM 815  H HG21 . THR A 1 52  ? -4.969  5.826   -10.407 1.00 0.00 ? 52  THR A HG21 1 
ATOM 816  H HG22 . THR A 1 52  ? -5.171  4.617   -11.673 1.00 0.00 ? 52  THR A HG22 1 
ATOM 817  H HG23 . THR A 1 52  ? -3.679  4.671   -10.735 1.00 0.00 ? 52  THR A HG23 1 
ATOM 818  N N    . GLU A 1 53  ? -2.132  3.852   -8.940  1.00 0.00 ? 53  GLU A N    1 
ATOM 819  C CA   . GLU A 1 53  ? -0.822  3.287   -9.245  1.00 0.00 ? 53  GLU A CA   1 
ATOM 820  C C    . GLU A 1 53  ? -0.263  2.528   -8.046  1.00 0.00 ? 53  GLU A C    1 
ATOM 821  O O    . GLU A 1 53  ? 0.452   1.537   -8.201  1.00 0.00 ? 53  GLU A O    1 
ATOM 822  C CB   . GLU A 1 53  ? 0.150   4.392   -9.662  1.00 0.00 ? 53  GLU A CB   1 
ATOM 823  C CG   . GLU A 1 53  ? 1.123   3.969   -10.749 1.00 0.00 ? 53  GLU A CG   1 
ATOM 824  C CD   . GLU A 1 53  ? 2.571   4.087   -10.317 1.00 0.00 ? 53  GLU A CD   1 
ATOM 825  O OE1  . GLU A 1 53  ? 2.918   3.541   -9.249  1.00 0.00 ? 53  GLU A OE1  1 
ATOM 826  O OE2  . GLU A 1 53  ? 3.358   4.728   -11.046 1.00 0.00 ? 53  GLU A OE2  1 
ATOM 827  H H    . GLU A 1 53  ? -2.235  4.825   -8.902  1.00 0.00 ? 53  GLU A H    1 
ATOM 828  H HA   . GLU A 1 53  ? -0.942  2.598   -10.068 1.00 0.00 ? 53  GLU A HA   1 
ATOM 829  H HB2  . GLU A 1 53  ? -0.417  5.238   -10.022 1.00 0.00 ? 53  GLU A HB2  1 
ATOM 830  H HB3  . GLU A 1 53  ? 0.722   4.697   -8.797  1.00 0.00 ? 53  GLU A HB3  1 
ATOM 831  H HG2  . GLU A 1 53  ? 0.925   2.941   -11.012 1.00 0.00 ? 53  GLU A HG2  1 
ATOM 832  H HG3  . GLU A 1 53  ? 0.969   4.596   -11.616 1.00 0.00 ? 53  GLU A HG3  1 
ATOM 833  N N    . PHE A 1 54  ? -0.596  2.999   -6.848  1.00 0.00 ? 54  PHE A N    1 
ATOM 834  C CA   . PHE A 1 54  ? -0.126  2.367   -5.621  1.00 0.00 ? 54  PHE A CA   1 
ATOM 835  C C    . PHE A 1 54  ? -0.889  1.074   -5.349  1.00 0.00 ? 54  PHE A C    1 
ATOM 836  O O    . PHE A 1 54  ? -0.434  0.220   -4.588  1.00 0.00 ? 54  PHE A O    1 
ATOM 837  C CB   . PHE A 1 54  ? -0.283  3.324   -4.437  1.00 0.00 ? 54  PHE A CB   1 
ATOM 838  C CG   . PHE A 1 54  ? 0.043   4.750   -4.772  1.00 0.00 ? 54  PHE A CG   1 
ATOM 839  C CD1  . PHE A 1 54  ? 1.278   5.086   -5.303  1.00 0.00 ? 54  PHE A CD1  1 
ATOM 840  C CD2  . PHE A 1 54  ? -0.885  5.756   -4.556  1.00 0.00 ? 54  PHE A CD2  1 
ATOM 841  C CE1  . PHE A 1 54  ? 1.582   6.399   -5.612  1.00 0.00 ? 54  PHE A CE1  1 
ATOM 842  C CE2  . PHE A 1 54  ? -0.587  7.070   -4.864  1.00 0.00 ? 54  PHE A CE2  1 
ATOM 843  C CZ   . PHE A 1 54  ? 0.648   7.392   -5.391  1.00 0.00 ? 54  PHE A CZ   1 
ATOM 844  H H    . PHE A 1 54  ? -1.168  3.792   -6.789  1.00 0.00 ? 54  PHE A H    1 
ATOM 845  H HA   . PHE A 1 54  ? 0.920   2.134   -5.748  1.00 0.00 ? 54  PHE A HA   1 
ATOM 846  H HB2  . PHE A 1 54  ? -1.305  3.290   -4.089  1.00 0.00 ? 54  PHE A HB2  1 
ATOM 847  H HB3  . PHE A 1 54  ? 0.375   3.009   -3.640  1.00 0.00 ? 54  PHE A HB3  1 
ATOM 848  H HD1  . PHE A 1 54  ? 2.010   4.310   -5.475  1.00 0.00 ? 54  PHE A HD1  1 
ATOM 849  H HD2  . PHE A 1 54  ? -1.851  5.506   -4.142  1.00 0.00 ? 54  PHE A HD2  1 
ATOM 850  H HE1  . PHE A 1 54  ? 2.548   6.647   -6.025  1.00 0.00 ? 54  PHE A HE1  1 
ATOM 851  H HE2  . PHE A 1 54  ? -1.320  7.845   -4.690  1.00 0.00 ? 54  PHE A HE2  1 
ATOM 852  H HZ   . PHE A 1 54  ? 0.882   8.418   -5.634  1.00 0.00 ? 54  PHE A HZ   1 
ATOM 853  N N    . ALA A 1 55  ? -2.052  0.937   -5.976  1.00 0.00 ? 55  ALA A N    1 
ATOM 854  C CA   . ALA A 1 55  ? -2.879  -0.251  -5.804  1.00 0.00 ? 55  ALA A CA   1 
ATOM 855  C C    . ALA A 1 55  ? -2.267  -1.453  -6.516  1.00 0.00 ? 55  ALA A C    1 
ATOM 856  O O    . ALA A 1 55  ? -2.731  -2.583  -6.357  1.00 0.00 ? 55  ALA A O    1 
ATOM 857  C CB   . ALA A 1 55  ? -4.287  0.007   -6.317  1.00 0.00 ? 55  ALA A CB   1 
ATOM 858  H H    . ALA A 1 55  ? -2.362  1.652   -6.571  1.00 0.00 ? 55  ALA A H    1 
ATOM 859  H HA   . ALA A 1 55  ? -2.940  -0.465  -4.747  1.00 0.00 ? 55  ALA A HA   1 
ATOM 860  H HB1  . ALA A 1 55  ? -4.443  -0.542  -7.234  1.00 0.00 ? 55  ALA A HB1  1 
ATOM 861  H HB2  . ALA A 1 55  ? -5.004  -0.319  -5.577  1.00 0.00 ? 55  ALA A HB2  1 
ATOM 862  H HB3  . ALA A 1 55  ? -4.416  1.063   -6.502  1.00 0.00 ? 55  ALA A HB3  1 
ATOM 863  N N    . CYS A 1 56  ? -1.224  -1.202  -7.301  1.00 0.00 ? 56  CYS A N    1 
ATOM 864  C CA   . CYS A 1 56  ? -0.550  -2.265  -8.038  1.00 0.00 ? 56  CYS A CA   1 
ATOM 865  C C    . CYS A 1 56  ? 0.860   -2.489  -7.501  1.00 0.00 ? 56  CYS A C    1 
ATOM 866  O O    . CYS A 1 56  ? 1.497   -3.498  -7.801  1.00 0.00 ? 56  CYS A O    1 
ATOM 867  C CB   . CYS A 1 56  ? -0.492  -1.922  -9.528  1.00 0.00 ? 56  CYS A CB   1 
ATOM 868  S SG   . CYS A 1 56  ? -0.438  -3.366  -10.615 1.00 0.00 ? 56  CYS A SG   1 
ATOM 869  H H    . CYS A 1 56  ? -0.900  -0.281  -7.387  1.00 0.00 ? 56  CYS A H    1 
ATOM 870  H HA   . CYS A 1 56  ? -1.120  -3.172  -7.908  1.00 0.00 ? 56  CYS A HA   1 
ATOM 871  H HB2  . CYS A 1 56  ? -1.367  -1.346  -9.791  1.00 0.00 ? 56  CYS A HB2  1 
ATOM 872  H HB3  . CYS A 1 56  ? 0.390   -1.332  -9.720  1.00 0.00 ? 56  CYS A HB3  1 
ATOM 873  H HG   . CYS A 1 56  ? -1.186  -4.315  -10.072 1.00 0.00 ? 56  CYS A HG   1 
ATOM 874  N N    . VAL A 1 57  ? 1.343   -1.539  -6.706  1.00 0.00 ? 57  VAL A N    1 
ATOM 875  C CA   . VAL A 1 57  ? 2.678   -1.632  -6.127  1.00 0.00 ? 57  VAL A CA   1 
ATOM 876  C C    . VAL A 1 57  ? 2.611   -1.979  -4.643  1.00 0.00 ? 57  VAL A C    1 
ATOM 877  O O    . VAL A 1 57  ? 3.554   -2.537  -4.082  1.00 0.00 ? 57  VAL A O    1 
ATOM 878  C CB   . VAL A 1 57  ? 3.457   -0.316  -6.300  1.00 0.00 ? 57  VAL A CB   1 
ATOM 879  C CG1  . VAL A 1 57  ? 4.869   -0.453  -5.747  1.00 0.00 ? 57  VAL A CG1  1 
ATOM 880  C CG2  . VAL A 1 57  ? 3.488   0.097   -7.764  1.00 0.00 ? 57  VAL A CG2  1 
ATOM 881  H H    . VAL A 1 57  ? 0.787   -0.758  -6.503  1.00 0.00 ? 57  VAL A H    1 
ATOM 882  H HA   . VAL A 1 57  ? 3.213   -2.415  -6.646  1.00 0.00 ? 57  VAL A HA   1 
ATOM 883  H HB   . VAL A 1 57  ? 2.950   0.456   -5.742  1.00 0.00 ? 57  VAL A HB   1 
ATOM 884  H HG11 . VAL A 1 57  ? 5.454   0.405   -6.039  1.00 0.00 ? 57  VAL A HG11 1 
ATOM 885  H HG12 . VAL A 1 57  ? 4.829   -0.514  -4.670  1.00 0.00 ? 57  VAL A HG12 1 
ATOM 886  H HG13 . VAL A 1 57  ? 5.323   -1.350  -6.142  1.00 0.00 ? 57  VAL A HG13 1 
ATOM 887  H HG21 . VAL A 1 57  ? 2.490   0.048   -8.173  1.00 0.00 ? 57  VAL A HG21 1 
ATOM 888  H HG22 . VAL A 1 57  ? 3.862   1.107   -7.846  1.00 0.00 ? 57  VAL A HG22 1 
ATOM 889  H HG23 . VAL A 1 57  ? 4.135   -0.572  -8.314  1.00 0.00 ? 57  VAL A HG23 1 
ATOM 890  N N    . VAL A 1 58  ? 1.489   -1.645  -4.014  1.00 0.00 ? 58  VAL A N    1 
ATOM 891  C CA   . VAL A 1 58  ? 1.297   -1.922  -2.596  1.00 0.00 ? 58  VAL A CA   1 
ATOM 892  C C    . VAL A 1 58  ? 0.685   -3.303  -2.383  1.00 0.00 ? 58  VAL A C    1 
ATOM 893  O O    . VAL A 1 58  ? 1.098   -4.047  -1.495  1.00 0.00 ? 58  VAL A O    1 
ATOM 894  C CB   . VAL A 1 58  ? 0.394   -0.865  -1.934  1.00 0.00 ? 58  VAL A CB   1 
ATOM 895  C CG1  . VAL A 1 58  ? 0.168   -1.197  -0.466  1.00 0.00 ? 58  VAL A CG1  1 
ATOM 896  C CG2  . VAL A 1 58  ? 0.998   0.523   -2.088  1.00 0.00 ? 58  VAL A CG2  1 
ATOM 897  H H    . VAL A 1 58  ? 0.773   -1.202  -4.515  1.00 0.00 ? 58  VAL A H    1 
ATOM 898  H HA   . VAL A 1 58  ? 2.265   -1.891  -2.115  1.00 0.00 ? 58  VAL A HA   1 
ATOM 899  H HB   . VAL A 1 58  ? -0.563  -0.875  -2.434  1.00 0.00 ? 58  VAL A HB   1 
ATOM 900  H HG11 . VAL A 1 58  ? 0.825   -2.004  -0.176  1.00 0.00 ? 58  VAL A HG11 1 
ATOM 901  H HG12 . VAL A 1 58  ? 0.377   -0.326  0.137   1.00 0.00 ? 58  VAL A HG12 1 
ATOM 902  H HG13 . VAL A 1 58  ? -0.859  -1.499  -0.320  1.00 0.00 ? 58  VAL A HG13 1 
ATOM 903  H HG21 . VAL A 1 58  ? 1.761   0.501   -2.851  1.00 0.00 ? 58  VAL A HG21 1 
ATOM 904  H HG22 . VAL A 1 58  ? 0.226   1.222   -2.370  1.00 0.00 ? 58  VAL A HG22 1 
ATOM 905  H HG23 . VAL A 1 58  ? 1.437   0.831   -1.149  1.00 0.00 ? 58  VAL A HG23 1 
ATOM 906  N N    . ALA A 1 59  ? -0.305  -3.637  -3.206  1.00 0.00 ? 59  ALA A N    1 
ATOM 907  C CA   . ALA A 1 59  ? -0.973  -4.929  -3.109  1.00 0.00 ? 59  ALA A CA   1 
ATOM 908  C C    . ALA A 1 59  ? -0.045  -6.060  -3.541  1.00 0.00 ? 59  ALA A C    1 
ATOM 909  O O    . ALA A 1 59  ? -0.231  -7.211  -3.147  1.00 0.00 ? 59  ALA A O    1 
ATOM 910  C CB   . ALA A 1 59  ? -2.239  -4.931  -3.952  1.00 0.00 ? 59  ALA A CB   1 
ATOM 911  H H    . ALA A 1 59  ? -0.590  -3.001  -3.893  1.00 0.00 ? 59  ALA A H    1 
ATOM 912  H HA   . ALA A 1 59  ? -1.256  -5.083  -2.077  1.00 0.00 ? 59  ALA A HA   1 
ATOM 913  H HB1  . ALA A 1 59  ? -2.019  -5.328  -4.932  1.00 0.00 ? 59  ALA A HB1  1 
ATOM 914  H HB2  . ALA A 1 59  ? -2.988  -5.548  -3.475  1.00 0.00 ? 59  ALA A HB2  1 
ATOM 915  H HB3  . ALA A 1 59  ? -2.611  -3.923  -4.047  1.00 0.00 ? 59  ALA A HB3  1 
ATOM 916  N N    . GLU A 1 60  ? 0.951   -5.725  -4.355  1.00 0.00 ? 60  GLU A N    1 
ATOM 917  C CA   . GLU A 1 60  ? 1.905   -6.714  -4.840  1.00 0.00 ? 60  GLU A CA   1 
ATOM 918  C C    . GLU A 1 60  ? 2.613   -7.404  -3.678  1.00 0.00 ? 60  GLU A C    1 
ATOM 919  O O    . GLU A 1 60  ? 2.409   -8.592  -3.430  1.00 0.00 ? 60  GLU A O    1 
ATOM 920  C CB   . GLU A 1 60  ? 2.935   -6.054  -5.759  1.00 0.00 ? 60  GLU A CB   1 
ATOM 921  C CG   . GLU A 1 60  ? 2.837   -6.504  -7.207  1.00 0.00 ? 60  GLU A CG   1 
ATOM 922  C CD   . GLU A 1 60  ? 4.194   -6.626  -7.873  1.00 0.00 ? 60  GLU A CD   1 
ATOM 923  O OE1  . GLU A 1 60  ? 4.719   -5.595  -8.345  1.00 0.00 ? 60  GLU A OE1  1 
ATOM 924  O OE2  . GLU A 1 60  ? 4.731   -7.752  -7.923  1.00 0.00 ? 60  GLU A OE2  1 
ATOM 925  H H    . GLU A 1 60  ? 1.047   -4.791  -4.634  1.00 0.00 ? 60  GLU A H    1 
ATOM 926  H HA   . GLU A 1 60  ? 1.358   -7.455  -5.403  1.00 0.00 ? 60  GLU A HA   1 
ATOM 927  H HB2  . GLU A 1 60  ? 2.796   -4.983  -5.725  1.00 0.00 ? 60  GLU A HB2  1 
ATOM 928  H HB3  . GLU A 1 60  ? 3.925   -6.289  -5.397  1.00 0.00 ? 60  GLU A HB3  1 
ATOM 929  H HG2  . GLU A 1 60  ? 2.350   -7.467  -7.239  1.00 0.00 ? 60  GLU A HG2  1 
ATOM 930  H HG3  . GLU A 1 60  ? 2.246   -5.784  -7.755  1.00 0.00 ? 60  GLU A HG3  1 
ATOM 931  N N    . ALA A 1 61  ? 3.446   -6.650  -2.968  1.00 0.00 ? 61  ALA A N    1 
ATOM 932  C CA   . ALA A 1 61  ? 4.183   -7.187  -1.831  1.00 0.00 ? 61  ALA A CA   1 
ATOM 933  C C    . ALA A 1 61  ? 3.246   -7.877  -0.845  1.00 0.00 ? 61  ALA A C    1 
ATOM 934  O O    . ALA A 1 61  ? 3.608   -8.876  -0.225  1.00 0.00 ? 61  ALA A O    1 
ATOM 935  C CB   . ALA A 1 61  ? 4.962   -6.080  -1.136  1.00 0.00 ? 61  ALA A CB   1 
ATOM 936  H H    . ALA A 1 61  ? 3.566   -5.710  -3.214  1.00 0.00 ? 61  ALA A H    1 
ATOM 937  H HA   . ALA A 1 61  ? 4.892   -7.912  -2.205  1.00 0.00 ? 61  ALA A HA   1 
ATOM 938  H HB1  . ALA A 1 61  ? 5.872   -5.883  -1.682  1.00 0.00 ? 61  ALA A HB1  1 
ATOM 939  H HB2  . ALA A 1 61  ? 4.359   -5.184  -1.103  1.00 0.00 ? 61  ALA A HB2  1 
ATOM 940  H HB3  . ALA A 1 61  ? 5.204   -6.389  -0.130  1.00 0.00 ? 61  ALA A HB3  1 
ATOM 941  N N    . VAL A 1 62  ? 2.039   -7.336  -0.706  1.00 0.00 ? 62  VAL A N    1 
ATOM 942  C CA   . VAL A 1 62  ? 1.050   -7.899  0.205   1.00 0.00 ? 62  VAL A CA   1 
ATOM 943  C C    . VAL A 1 62  ? 0.792   -9.369  -0.106  1.00 0.00 ? 62  VAL A C    1 
ATOM 944  O O    . VAL A 1 62  ? 0.353   -10.130 0.757   1.00 0.00 ? 62  VAL A O    1 
ATOM 945  C CB   . VAL A 1 62  ? -0.282  -7.130  0.132   1.00 0.00 ? 62  VAL A CB   1 
ATOM 946  C CG1  . VAL A 1 62  ? -1.337  -7.805  0.996   1.00 0.00 ? 62  VAL A CG1  1 
ATOM 947  C CG2  . VAL A 1 62  ? -0.083  -5.681  0.553   1.00 0.00 ? 62  VAL A CG2  1 
ATOM 948  H H    . VAL A 1 62  ? 1.810   -6.539  -1.227  1.00 0.00 ? 62  VAL A H    1 
ATOM 949  H HA   . VAL A 1 62  ? 1.435   -7.816  1.210   1.00 0.00 ? 62  VAL A HA   1 
ATOM 950  H HB   . VAL A 1 62  ? -0.626  -7.141  -0.892  1.00 0.00 ? 62  VAL A HB   1 
ATOM 951  H HG11 . VAL A 1 62  ? -0.853  -8.435  1.727   1.00 0.00 ? 62  VAL A HG11 1 
ATOM 952  H HG12 . VAL A 1 62  ? -1.925  -7.051  1.500   1.00 0.00 ? 62  VAL A HG12 1 
ATOM 953  H HG13 . VAL A 1 62  ? -1.981  -8.407  0.372   1.00 0.00 ? 62  VAL A HG13 1 
ATOM 954  H HG21 . VAL A 1 62  ? 0.939   -5.388  0.367   1.00 0.00 ? 62  VAL A HG21 1 
ATOM 955  H HG22 . VAL A 1 62  ? -0.749  -5.048  -0.015  1.00 0.00 ? 62  VAL A HG22 1 
ATOM 956  H HG23 . VAL A 1 62  ? -0.300  -5.579  1.607   1.00 0.00 ? 62  VAL A HG23 1 
ATOM 957  N N    . VAL A 1 63  ? 1.068   -9.764  -1.345  1.00 0.00 ? 63  VAL A N    1 
ATOM 958  C CA   . VAL A 1 63  ? 0.867   -11.144 -1.770  1.00 0.00 ? 63  VAL A CA   1 
ATOM 959  C C    . VAL A 1 63  ? 2.001   -12.039 -1.284  1.00 0.00 ? 63  VAL A C    1 
ATOM 960  O O    . VAL A 1 63  ? 1.803   -12.905 -0.432  1.00 0.00 ? 63  VAL A O    1 
ATOM 961  C CB   . VAL A 1 63  ? 0.766   -11.251 -3.304  1.00 0.00 ? 63  VAL A CB   1 
ATOM 962  C CG1  . VAL A 1 63  ? 0.731   -12.708 -3.737  1.00 0.00 ? 63  VAL A CG1  1 
ATOM 963  C CG2  . VAL A 1 63  ? -0.461  -10.506 -3.808  1.00 0.00 ? 63  VAL A CG2  1 
ATOM 964  H H    . VAL A 1 63  ? 1.415   -9.112  -1.989  1.00 0.00 ? 63  VAL A H    1 
ATOM 965  H HA   . VAL A 1 63  ? -0.062  -11.494 -1.344  1.00 0.00 ? 63  VAL A HA   1 
ATOM 966  H HB   . VAL A 1 63  ? 1.643   -10.790 -3.735  1.00 0.00 ? 63  VAL A HB   1 
ATOM 967  H HG11 . VAL A 1 63  ? 1.669   -12.965 -4.207  1.00 0.00 ? 63  VAL A HG11 1 
ATOM 968  H HG12 . VAL A 1 63  ? 0.575   -13.337 -2.874  1.00 0.00 ? 63  VAL A HG12 1 
ATOM 969  H HG13 . VAL A 1 63  ? -0.076  -12.854 -4.440  1.00 0.00 ? 63  VAL A HG13 1 
ATOM 970  H HG21 . VAL A 1 63  ? -0.429  -9.483  -3.464  1.00 0.00 ? 63  VAL A HG21 1 
ATOM 971  H HG22 . VAL A 1 63  ? -0.473  -10.523 -4.888  1.00 0.00 ? 63  VAL A HG22 1 
ATOM 972  H HG23 . VAL A 1 63  ? -1.354  -10.985 -3.431  1.00 0.00 ? 63  VAL A HG23 1 
ATOM 973  N N    . LYS A 1 64  ? 3.193   -11.825 -1.832  1.00 0.00 ? 64  LYS A N    1 
ATOM 974  C CA   . LYS A 1 64  ? 4.362   -12.611 -1.454  1.00 0.00 ? 64  LYS A CA   1 
ATOM 975  C C    . LYS A 1 64  ? 4.614   -12.522 0.048   1.00 0.00 ? 64  LYS A C    1 
ATOM 976  O O    . LYS A 1 64  ? 5.197   -13.429 0.645   1.00 0.00 ? 64  LYS A O    1 
ATOM 977  C CB   . LYS A 1 64  ? 5.596   -12.127 -2.218  1.00 0.00 ? 64  LYS A CB   1 
ATOM 978  C CG   . LYS A 1 64  ? 5.789   -10.622 -2.171  1.00 0.00 ? 64  LYS A CG   1 
ATOM 979  C CD   . LYS A 1 64  ? 5.855   -10.023 -3.566  1.00 0.00 ? 64  LYS A CD   1 
ATOM 980  C CE   . LYS A 1 64  ? 7.001   -10.613 -4.373  1.00 0.00 ? 64  LYS A CE   1 
ATOM 981  N NZ   . LYS A 1 64  ? 7.935   -9.561  -4.862  1.00 0.00 ? 64  LYS A NZ   1 
ATOM 982  H H    . LYS A 1 64  ? 3.289   -11.121 -2.507  1.00 0.00 ? 64  LYS A H    1 
ATOM 983  H HA   . LYS A 1 64  ? 4.168   -13.640 -1.714  1.00 0.00 ? 64  LYS A HA   1 
ATOM 984  H HB2  . LYS A 1 64  ? 6.473   -12.595 -1.796  1.00 0.00 ? 64  LYS A HB2  1 
ATOM 985  H HB3  . LYS A 1 64  ? 5.504   -12.425 -3.253  1.00 0.00 ? 64  LYS A HB3  1 
ATOM 986  H HG2  . LYS A 1 64  ? 4.961   -10.177 -1.639  1.00 0.00 ? 64  LYS A HG2  1 
ATOM 987  H HG3  . LYS A 1 64  ? 6.712   -10.402 -1.652  1.00 0.00 ? 64  LYS A HG3  1 
ATOM 988  H HD2  . LYS A 1 64  ? 4.927   -10.227 -4.080  1.00 0.00 ? 64  LYS A HD2  1 
ATOM 989  H HD3  . LYS A 1 64  ? 5.996   -8.954  -3.484  1.00 0.00 ? 64  LYS A HD3  1 
ATOM 990  H HE2  . LYS A 1 64  ? 7.547   -11.302 -3.747  1.00 0.00 ? 64  LYS A HE2  1 
ATOM 991  H HE3  . LYS A 1 64  ? 6.593   -11.143 -5.220  1.00 0.00 ? 64  LYS A HE3  1 
ATOM 992  H HZ1  . LYS A 1 64  ? 8.888   -9.957  -4.986  1.00 0.00 ? 64  LYS A HZ1  1 
ATOM 993  H HZ2  . LYS A 1 64  ? 7.982   -8.779  -4.177  1.00 0.00 ? 64  LYS A HZ2  1 
ATOM 994  H HZ3  . LYS A 1 64  ? 7.604   -9.187  -5.774  1.00 0.00 ? 64  LYS A HZ3  1 
ATOM 995  N N    . THR A 1 65  ? 4.171   -11.426 0.654   1.00 0.00 ? 65  THR A N    1 
ATOM 996  C CA   . THR A 1 65  ? 4.349   -11.219 2.086   1.00 0.00 ? 65  THR A CA   1 
ATOM 997  C C    . THR A 1 65  ? 3.363   -12.059 2.890   1.00 0.00 ? 65  THR A C    1 
ATOM 998  O O    . THR A 1 65  ? 3.611   -12.388 4.050   1.00 0.00 ? 65  THR A O    1 
ATOM 999  C CB   . THR A 1 65  ? 4.173   -9.737  2.466   1.00 0.00 ? 65  THR A CB   1 
ATOM 1000 O OG1  . THR A 1 65  ? 5.183   -8.945  1.831   1.00 0.00 ? 65  THR A OG1  1 
ATOM 1001 C CG2  . THR A 1 65  ? 4.250   -9.553  3.975   1.00 0.00 ? 65  THR A CG2  1 
ATOM 1002 H H    . THR A 1 65  ? 3.715   -10.739 0.124   1.00 0.00 ? 65  THR A H    1 
ATOM 1003 H HA   . THR A 1 65  ? 5.354   -11.518 2.344   1.00 0.00 ? 65  THR A HA   1 
ATOM 1004 H HB   . THR A 1 65  ? 3.201   -9.407  2.128   1.00 0.00 ? 65  THR A HB   1 
ATOM 1005 H HG1  . THR A 1 65  ? 6.030   -9.110  2.251   1.00 0.00 ? 65  THR A HG1  1 
ATOM 1006 H HG21 . THR A 1 65  ? 4.145   -8.504  4.214   1.00 0.00 ? 65  THR A HG21 1 
ATOM 1007 H HG22 . THR A 1 65  ? 5.204   -9.910  4.333   1.00 0.00 ? 65  THR A HG22 1 
ATOM 1008 H HG23 . THR A 1 65  ? 3.455   -10.111 4.447   1.00 0.00 ? 65  THR A HG23 1 
ATOM 1009 N N    . LEU A 1 66  ? 2.241   -12.403 2.266   1.00 0.00 ? 66  LEU A N    1 
ATOM 1010 C CA   . LEU A 1 66  ? 1.216   -13.207 2.922   1.00 0.00 ? 66  LEU A CA   1 
ATOM 1011 C C    . LEU A 1 66  ? 0.990   -14.518 2.176   1.00 0.00 ? 66  LEU A C    1 
ATOM 1012 O O    . LEU A 1 66  ? -0.130  -14.825 1.767   1.00 0.00 ? 66  LEU A O    1 
ATOM 1013 C CB   . LEU A 1 66  ? -0.095  -12.424 3.009   1.00 0.00 ? 66  LEU A CB   1 
ATOM 1014 C CG   . LEU A 1 66  ? -0.181  -11.380 4.124   1.00 0.00 ? 66  LEU A CG   1 
ATOM 1015 C CD1  . LEU A 1 66  ? 0.502   -10.089 3.700   1.00 0.00 ? 66  LEU A CD1  1 
ATOM 1016 C CD2  . LEU A 1 66  ? -1.632  -11.120 4.500   1.00 0.00 ? 66  LEU A CD2  1 
ATOM 1017 H H    . LEU A 1 66  ? 2.098   -12.112 1.341   1.00 0.00 ? 66  LEU A H    1 
ATOM 1018 H HA   . LEU A 1 66  ? 1.560   -13.430 3.922   1.00 0.00 ? 66  LEU A HA   1 
ATOM 1019 H HB2  . LEU A 1 66  ? -0.240  -11.916 2.069   1.00 0.00 ? 66  LEU A HB2  1 
ATOM 1020 H HB3  . LEU A 1 66  ? -0.895  -13.136 3.158   1.00 0.00 ? 66  LEU A HB3  1 
ATOM 1021 H HG   . LEU A 1 66  ? 0.330   -11.755 4.999   1.00 0.00 ? 66  LEU A HG   1 
ATOM 1022 H HD11 . LEU A 1 66  ? 1.046   -9.678  4.537   1.00 0.00 ? 66  LEU A HD11 1 
ATOM 1023 H HD12 . LEU A 1 66  ? -0.243  -9.379  3.371   1.00 0.00 ? 66  LEU A HD12 1 
ATOM 1024 H HD13 . LEU A 1 66  ? 1.186   -10.294 2.890   1.00 0.00 ? 66  LEU A HD13 1 
ATOM 1025 H HD21 . LEU A 1 66  ? -2.275  -11.775 3.929   1.00 0.00 ? 66  LEU A HD21 1 
ATOM 1026 H HD22 . LEU A 1 66  ? -1.881  -10.092 4.283   1.00 0.00 ? 66  LEU A HD22 1 
ATOM 1027 H HD23 . LEU A 1 66  ? -1.771  -11.309 5.555   1.00 0.00 ? 66  LEU A HD23 1 
ATOM 1028 N N    . GLN A 1 67  ? 2.061   -15.287 2.004   1.00 0.00 ? 67  GLN A N    1 
ATOM 1029 C CA   . GLN A 1 67  ? 1.978   -16.566 1.308   1.00 0.00 ? 67  GLN A CA   1 
ATOM 1030 C C    . GLN A 1 67  ? 2.569   -17.687 2.157   1.00 0.00 ? 67  GLN A C    1 
ATOM 1031 O O    . GLN A 1 67  ? 3.206   -18.611 1.652   1.00 0.00 ? 67  GLN A O    1 
ATOM 1032 C CB   . GLN A 1 67  ? 2.707   -16.488 -0.034  1.00 0.00 ? 67  GLN A CB   1 
ATOM 1033 C CG   . GLN A 1 67  ? 1.871   -15.876 -1.146  1.00 0.00 ? 67  GLN A CG   1 
ATOM 1034 C CD   . GLN A 1 67  ? 1.722   -16.799 -2.340  1.00 0.00 ? 67  GLN A CD   1 
ATOM 1035 O OE1  . GLN A 1 67  ? 1.259   -17.933 -2.209  1.00 0.00 ? 67  GLN A OE1  1 
ATOM 1036 N NE2  . GLN A 1 67  ? 2.114   -16.317 -3.514  1.00 0.00 ? 67  GLN A NE2  1 
ATOM 1037 H H    . GLN A 1 67  ? 2.925   -14.987 2.352   1.00 0.00 ? 67  GLN A H    1 
ATOM 1038 H HA   . GLN A 1 67  ? 0.935   -16.779 1.128   1.00 0.00 ? 67  GLN A HA   1 
ATOM 1039 H HB2  . GLN A 1 67  ? 3.598   -15.891 0.088   1.00 0.00 ? 67  GLN A HB2  1 
ATOM 1040 H HB3  . GLN A 1 67  ? 2.991   -17.485 -0.335  1.00 0.00 ? 67  GLN A HB3  1 
ATOM 1041 H HG2  . GLN A 1 67  ? 0.888   -15.653 -0.760  1.00 0.00 ? 67  GLN A HG2  1 
ATOM 1042 H HG3  . GLN A 1 67  ? 2.343   -14.961 -1.474  1.00 0.00 ? 67  GLN A HG3  1 
ATOM 1043 H HE21 . GLN A 1 67  ? 2.474   -15.405 -3.542  1.00 0.00 ? 67  GLN A HE21 1 
ATOM 1044 H HE22 . GLN A 1 67  ? 2.030   -16.893 -4.301  1.00 0.00 ? 67  GLN A HE22 1 
ATOM 1045 N N    . PRO A 1 68  ? 2.354   -17.605 3.478   1.00 0.00 ? 68  PRO A N    1 
ATOM 1046 C CA   . PRO A 1 68  ? 2.857   -18.604 4.426   1.00 0.00 ? 68  PRO A CA   1 
ATOM 1047 C C    . PRO A 1 68  ? 2.138   -19.943 4.292   1.00 0.00 ? 68  PRO A C    1 
ATOM 1048 O O    . PRO A 1 68  ? 2.773   -20.994 4.214   1.00 0.00 ? 68  PRO A O    1 
ATOM 1049 C CB   . PRO A 1 68  ? 2.568   -17.976 5.791   1.00 0.00 ? 68  PRO A CB   1 
ATOM 1050 C CG   . PRO A 1 68  ? 1.424   -17.052 5.548   1.00 0.00 ? 68  PRO A CG   1 
ATOM 1051 C CD   . PRO A 1 68  ? 1.603   -16.531 4.150   1.00 0.00 ? 68  PRO A CD   1 
ATOM 1052 H HA   . PRO A 1 68  ? 3.920   -18.756 4.315   1.00 0.00 ? 68  PRO A HA   1 
ATOM 1053 H HB2  . PRO A 1 68  ? 2.309   -18.750 6.499   1.00 0.00 ? 68  PRO A HB2  1 
ATOM 1054 H HB3  . PRO A 1 68  ? 3.440   -17.442 6.138   1.00 0.00 ? 68  PRO A HB3  1 
ATOM 1055 H HG2  . PRO A 1 68  ? 0.493   -17.591 5.632   1.00 0.00 ? 68  PRO A HG2  1 
ATOM 1056 H HG3  . PRO A 1 68  ? 1.454   -16.238 6.258   1.00 0.00 ? 68  PRO A HG3  1 
ATOM 1057 H HD2  . PRO A 1 68  ? 0.643   -16.379 3.679   1.00 0.00 ? 68  PRO A HD2  1 
ATOM 1058 H HD3  . PRO A 1 68  ? 2.170   -15.612 4.158   1.00 0.00 ? 68  PRO A HD3  1 
ATOM 1059 N N    . VAL A 1 69  ? 0.810   -19.895 4.266   1.00 0.00 ? 69  VAL A N    1 
ATOM 1060 C CA   . VAL A 1 69  ? 0.005   -21.105 4.141   1.00 0.00 ? 69  VAL A CA   1 
ATOM 1061 C C    . VAL A 1 69  ? -1.346  -20.802 3.502   1.00 0.00 ? 69  VAL A C    1 
ATOM 1062 O O    . VAL A 1 69  ? -2.386  -20.890 4.154   1.00 0.00 ? 69  VAL A O    1 
ATOM 1063 C CB   . VAL A 1 69  ? -0.226  -21.770 5.511   1.00 0.00 ? 69  VAL A CB   1 
ATOM 1064 C CG1  . VAL A 1 69  ? 1.030   -22.497 5.970   1.00 0.00 ? 69  VAL A CG1  1 
ATOM 1065 C CG2  . VAL A 1 69  ? -0.659  -20.736 6.540   1.00 0.00 ? 69  VAL A CG2  1 
ATOM 1066 H H    . VAL A 1 69  ? 0.361   -19.028 4.333   1.00 0.00 ? 69  VAL A H    1 
ATOM 1067 H HA   . VAL A 1 69  ? 0.542   -21.800 3.512   1.00 0.00 ? 69  VAL A HA   1 
ATOM 1068 H HB   . VAL A 1 69  ? -1.017  -22.498 5.407   1.00 0.00 ? 69  VAL A HB   1 
ATOM 1069 H HG11 . VAL A 1 69  ? 1.582   -22.838 5.107   1.00 0.00 ? 69  VAL A HG11 1 
ATOM 1070 H HG12 . VAL A 1 69  ? 1.644   -21.823 6.549   1.00 0.00 ? 69  VAL A HG12 1 
ATOM 1071 H HG13 . VAL A 1 69  ? 0.753   -23.346 6.578   1.00 0.00 ? 69  VAL A HG13 1 
ATOM 1072 H HG21 . VAL A 1 69  ? -0.827  -21.221 7.489   1.00 0.00 ? 69  VAL A HG21 1 
ATOM 1073 H HG22 . VAL A 1 69  ? 0.114   -19.991 6.646   1.00 0.00 ? 69  VAL A HG22 1 
ATOM 1074 H HG23 . VAL A 1 69  ? -1.573  -20.263 6.211   1.00 0.00 ? 69  VAL A HG23 1 
ATOM 1075 N N    . SER A 1 70  ? -1.322  -20.444 2.222   1.00 0.00 ? 70  SER A N    1 
ATOM 1076 C CA   . SER A 1 70  ? -2.546  -20.125 1.495   1.00 0.00 ? 70  SER A CA   1 
ATOM 1077 C C    . SER A 1 70  ? -3.555  -21.263 1.603   1.00 0.00 ? 70  SER A C    1 
ATOM 1078 O O    . SER A 1 70  ? -4.763  -21.045 1.525   1.00 0.00 ? 70  SER A O    1 
ATOM 1079 C CB   . SER A 1 70  ? -2.231  -19.844 0.025   1.00 0.00 ? 70  SER A CB   1 
ATOM 1080 O OG   . SER A 1 70  ? -0.920  -20.269 -0.306  1.00 0.00 ? 70  SER A OG   1 
ATOM 1081 H H    . SER A 1 70  ? -0.461  -20.391 1.757   1.00 0.00 ? 70  SER A H    1 
ATOM 1082 H HA   . SER A 1 70  ? -2.972  -19.237 1.939   1.00 0.00 ? 70  SER A HA   1 
ATOM 1083 H HB2  . SER A 1 70  ? -2.935  -20.373 -0.599  1.00 0.00 ? 70  SER A HB2  1 
ATOM 1084 H HB3  . SER A 1 70  ? -2.310  -18.783 -0.163  1.00 0.00 ? 70  SER A HB3  1 
ATOM 1085 H HG   . SER A 1 70  ? -0.474  -19.578 -0.801  1.00 0.00 ? 70  SER A HG   1 
ATOM 1086 N N    . ASP A 1 71  ? -3.049  -22.478 1.783   1.00 0.00 ? 71  ASP A N    1 
ATOM 1087 C CA   . ASP A 1 71  ? -3.906  -23.652 1.903   1.00 0.00 ? 71  ASP A CA   1 
ATOM 1088 C C    . ASP A 1 71  ? -4.969  -23.442 2.976   1.00 0.00 ? 71  ASP A C    1 
ATOM 1089 O O    . ASP A 1 71  ? -6.052  -24.027 2.916   1.00 0.00 ? 71  ASP A O    1 
ATOM 1090 C CB   . ASP A 1 71  ? -3.068  -24.890 2.233   1.00 0.00 ? 71  ASP A CB   1 
ATOM 1091 C CG   . ASP A 1 71  ? -3.422  -26.077 1.360   1.00 0.00 ? 71  ASP A CG   1 
ATOM 1092 O OD1  . ASP A 1 71  ? -4.586  -26.160 0.913   1.00 0.00 ? 71  ASP A OD1  1 
ATOM 1093 O OD2  . ASP A 1 71  ? -2.535  -26.924 1.124   1.00 0.00 ? 71  ASP A OD2  1 
ATOM 1094 H H    . ASP A 1 71  ? -2.077  -22.588 1.837   1.00 0.00 ? 71  ASP A H    1 
ATOM 1095 H HA   . ASP A 1 71  ? -4.395  -23.804 0.953   1.00 0.00 ? 71  ASP A HA   1 
ATOM 1096 H HB2  . ASP A 1 71  ? -2.024  -24.658 2.087   1.00 0.00 ? 71  ASP A HB2  1 
ATOM 1097 H HB3  . ASP A 1 71  ? -3.232  -25.161 3.265   1.00 0.00 ? 71  ASP A HB3  1 
ATOM 1098 N N    . LEU A 1 72  ? -4.654  -22.603 3.957   1.00 0.00 ? 72  LEU A N    1 
ATOM 1099 C CA   . LEU A 1 72  ? -5.582  -22.316 5.046   1.00 0.00 ? 72  LEU A CA   1 
ATOM 1100 C C    . LEU A 1 72  ? -6.538  -21.190 4.664   1.00 0.00 ? 72  LEU A C    1 
ATOM 1101 O O    . LEU A 1 72  ? -7.750  -21.304 4.840   1.00 0.00 ? 72  LEU A O    1 
ATOM 1102 C CB   . LEU A 1 72  ? -4.813  -21.940 6.313   1.00 0.00 ? 72  LEU A CB   1 
ATOM 1103 C CG   . LEU A 1 72  ? -4.061  -23.079 7.005   1.00 0.00 ? 72  LEU A CG   1 
ATOM 1104 C CD1  . LEU A 1 72  ? -3.032  -22.525 7.977   1.00 0.00 ? 72  LEU A CD1  1 
ATOM 1105 C CD2  . LEU A 1 72  ? -5.035  -23.999 7.724   1.00 0.00 ? 72  LEU A CD2  1 
ATOM 1106 H H    . LEU A 1 72  ? -3.777  -22.168 3.951   1.00 0.00 ? 72  LEU A H    1 
ATOM 1107 H HA   . LEU A 1 72  ? -6.157  -23.210 5.235   1.00 0.00 ? 72  LEU A HA   1 
ATOM 1108 H HB2  . LEU A 1 72  ? -4.092  -21.181 6.049   1.00 0.00 ? 72  LEU A HB2  1 
ATOM 1109 H HB3  . LEU A 1 72  ? -5.521  -21.532 7.020   1.00 0.00 ? 72  LEU A HB3  1 
ATOM 1110 H HG   . LEU A 1 72  ? -3.538  -23.661 6.260   1.00 0.00 ? 72  LEU A HG   1 
ATOM 1111 H HD11 . LEU A 1 72  ? -2.071  -22.974 7.778   1.00 0.00 ? 72  LEU A HD11 1 
ATOM 1112 H HD12 . LEU A 1 72  ? -3.333  -22.752 8.989   1.00 0.00 ? 72  LEU A HD12 1 
ATOM 1113 H HD13 . LEU A 1 72  ? -2.961  -21.453 7.856   1.00 0.00 ? 72  LEU A HD13 1 
ATOM 1114 H HD21 . LEU A 1 72  ? -5.038  -23.768 8.780   1.00 0.00 ? 72  LEU A HD21 1 
ATOM 1115 H HD22 . LEU A 1 72  ? -4.731  -25.026 7.583   1.00 0.00 ? 72  LEU A HD22 1 
ATOM 1116 H HD23 . LEU A 1 72  ? -6.028  -23.860 7.322   1.00 0.00 ? 72  LEU A HD23 1 
ATOM 1117 N N    . LEU A 1 73  ? -5.982  -20.104 4.138   1.00 0.00 ? 73  LEU A N    1 
ATOM 1118 C CA   . LEU A 1 73  ? -6.784  -18.957 3.729   1.00 0.00 ? 73  LEU A CA   1 
ATOM 1119 C C    . LEU A 1 73  ? -7.928  -19.390 2.817   1.00 0.00 ? 73  LEU A C    1 
ATOM 1120 O O    . LEU A 1 73  ? -9.083  -19.019 3.031   1.00 0.00 ? 73  LEU A O    1 
ATOM 1121 C CB   . LEU A 1 73  ? -5.908  -17.927 3.013   1.00 0.00 ? 73  LEU A CB   1 
ATOM 1122 C CG   . LEU A 1 73  ? -4.549  -17.641 3.652   1.00 0.00 ? 73  LEU A CG   1 
ATOM 1123 C CD1  . LEU A 1 73  ? -3.872  -16.466 2.966   1.00 0.00 ? 73  LEU A CD1  1 
ATOM 1124 C CD2  . LEU A 1 73  ? -4.707  -17.372 5.142   1.00 0.00 ? 73  LEU A CD2  1 
ATOM 1125 H H    . LEU A 1 73  ? -5.010  -20.071 4.023   1.00 0.00 ? 73  LEU A H    1 
ATOM 1126 H HA   . LEU A 1 73  ? -7.200  -18.508 4.619   1.00 0.00 ? 73  LEU A HA   1 
ATOM 1127 H HB2  . LEU A 1 73  ? -5.734  -18.282 2.009   1.00 0.00 ? 73  LEU A HB2  1 
ATOM 1128 H HB3  . LEU A 1 73  ? -6.459  -16.996 2.974   1.00 0.00 ? 73  LEU A HB3  1 
ATOM 1129 H HG   . LEU A 1 73  ? -3.914  -18.508 3.534   1.00 0.00 ? 73  LEU A HG   1 
ATOM 1130 H HD11 . LEU A 1 73  ? -4.387  -15.553 3.223   1.00 0.00 ? 73  LEU A HD11 1 
ATOM 1131 H HD12 . LEU A 1 73  ? -3.904  -16.608 1.896   1.00 0.00 ? 73  LEU A HD12 1 
ATOM 1132 H HD13 . LEU A 1 73  ? -2.844  -16.403 3.289   1.00 0.00 ? 73  LEU A HD13 1 
ATOM 1133 H HD21 . LEU A 1 73  ? -4.336  -18.218 5.702   1.00 0.00 ? 73  LEU A HD21 1 
ATOM 1134 H HD22 . LEU A 1 73  ? -5.750  -17.219 5.371   1.00 0.00 ? 73  LEU A HD22 1 
ATOM 1135 H HD23 . LEU A 1 73  ? -4.146  -16.489 5.410   1.00 0.00 ? 73  LEU A HD23 1 
ATOM 1136 N N    . THR A 1 74  ? -7.600  -20.179 1.799   1.00 0.00 ? 74  THR A N    1 
ATOM 1137 C CA   . THR A 1 74  ? -8.599  -20.664 0.855   1.00 0.00 ? 74  THR A CA   1 
ATOM 1138 C C    . THR A 1 74  ? -9.652  -21.515 1.556   1.00 0.00 ? 74  THR A C    1 
ATOM 1139 O O    . THR A 1 74  ? -10.779 -21.640 1.081   1.00 0.00 ? 74  THR A O    1 
ATOM 1140 C CB   . THR A 1 74  ? -7.952  -21.493 -0.271  1.00 0.00 ? 74  THR A CB   1 
ATOM 1141 O OG1  . THR A 1 74  ? -6.552  -21.204 -0.349  1.00 0.00 ? 74  THR A OG1  1 
ATOM 1142 C CG2  . THR A 1 74  ? -8.612  -21.195 -1.610  1.00 0.00 ? 74  THR A CG2  1 
ATOM 1143 H H    . THR A 1 74  ? -6.663  -20.440 1.680   1.00 0.00 ? 74  THR A H    1 
ATOM 1144 H HA   . THR A 1 74  ? -9.082  -19.806 0.409   1.00 0.00 ? 74  THR A HA   1 
ATOM 1145 H HB   . THR A 1 74  ? -8.085  -22.542 -0.047  1.00 0.00 ? 74  THR A HB   1 
ATOM 1146 H HG1  . THR A 1 74  ? -6.052  -21.959 -0.027  1.00 0.00 ? 74  THR A HG1  1 
ATOM 1147 H HG21 . THR A 1 74  ? -7.943  -21.474 -2.409  1.00 0.00 ? 74  THR A HG21 1 
ATOM 1148 H HG22 . THR A 1 74  ? -8.832  -20.140 -1.676  1.00 0.00 ? 74  THR A HG22 1 
ATOM 1149 H HG23 . THR A 1 74  ? -9.528  -21.760 -1.693  1.00 0.00 ? 74  THR A HG23 1 
ATOM 1150 N N    . ASN A 1 75  ? -9.275  -22.097 2.690   1.00 0.00 ? 75  ASN A N    1 
ATOM 1151 C CA   . ASN A 1 75  ? -10.188 -22.936 3.459   1.00 0.00 ? 75  ASN A CA   1 
ATOM 1152 C C    . ASN A 1 75  ? -11.085 -22.087 4.353   1.00 0.00 ? 75  ASN A C    1 
ATOM 1153 O O    . ASN A 1 75  ? -12.177 -22.509 4.733   1.00 0.00 ? 75  ASN A O    1 
ATOM 1154 C CB   . ASN A 1 75  ? -9.400  -23.936 4.308   1.00 0.00 ? 75  ASN A CB   1 
ATOM 1155 C CG   . ASN A 1 75  ? -10.204 -24.450 5.488   1.00 0.00 ? 75  ASN A CG   1 
ATOM 1156 O OD1  . ASN A 1 75  ? -11.341 -24.897 5.332   1.00 0.00 ? 75  ASN A OD1  1 
ATOM 1157 N ND2  . ASN A 1 75  ? -9.614  -24.389 6.676   1.00 0.00 ? 75  ASN A ND2  1 
ATOM 1158 H H    . ASN A 1 75  ? -8.362  -21.959 3.018   1.00 0.00 ? 75  ASN A H    1 
ATOM 1159 H HA   . ASN A 1 75  ? -10.805 -23.479 2.759   1.00 0.00 ? 75  ASN A HA   1 
ATOM 1160 H HB2  . ASN A 1 75  ? -9.121  -24.780 3.693   1.00 0.00 ? 75  ASN A HB2  1 
ATOM 1161 H HB3  . ASN A 1 75  ? -8.509  -23.457 4.684   1.00 0.00 ? 75  ASN A HB3  1 
ATOM 1162 H HD21 . ASN A 1 75  ? -8.707  -24.021 6.725   1.00 0.00 ? 75  ASN A HD21 1 
ATOM 1163 H HD22 . ASN A 1 75  ? -10.111 -24.715 7.455   1.00 0.00 ? 75  ASN A HD22 1 
ATOM 1164 N N    . MET A 1 76  ? -10.618 -20.888 4.684   1.00 0.00 ? 76  MET A N    1 
ATOM 1165 C CA   . MET A 1 76  ? -11.379 -19.978 5.533   1.00 0.00 ? 76  MET A CA   1 
ATOM 1166 C C    . MET A 1 76  ? -12.234 -19.037 4.690   1.00 0.00 ? 76  MET A C    1 
ATOM 1167 O O    . MET A 1 76  ? -13.253 -18.527 5.153   1.00 0.00 ? 76  MET A O    1 
ATOM 1168 C CB   . MET A 1 76  ? -10.436 -19.170 6.425   1.00 0.00 ? 76  MET A CB   1 
ATOM 1169 C CG   . MET A 1 76  ? -9.557  -20.030 7.317   1.00 0.00 ? 76  MET A CG   1 
ATOM 1170 S SD   . MET A 1 76  ? -8.552  -19.052 8.452   1.00 0.00 ? 76  MET A SD   1 
ATOM 1171 C CE   . MET A 1 76  ? -7.161  -18.640 7.402   1.00 0.00 ? 76  MET A CE   1 
ATOM 1172 H H    . MET A 1 76  ? -9.740  -20.608 4.350   1.00 0.00 ? 76  MET A H    1 
ATOM 1173 H HA   . MET A 1 76  ? -12.028 -20.574 6.156   1.00 0.00 ? 76  MET A HA   1 
ATOM 1174 H HB2  . MET A 1 76  ? -9.795  -18.567 5.798   1.00 0.00 ? 76  MET A HB2  1 
ATOM 1175 H HB3  . MET A 1 76  ? -11.024 -18.520 7.054   1.00 0.00 ? 76  MET A HB3  1 
ATOM 1176 H HG2  . MET A 1 76  ? -10.189 -20.688 7.895   1.00 0.00 ? 76  MET A HG2  1 
ATOM 1177 H HG3  . MET A 1 76  ? -8.902  -20.619 6.694   1.00 0.00 ? 76  MET A HG3  1 
ATOM 1178 H HE1  . MET A 1 76  ? -6.735  -19.546 6.998   1.00 0.00 ? 76  MET A HE1  1 
ATOM 1179 H HE2  . MET A 1 76  ? -7.495  -18.007 6.594   1.00 0.00 ? 76  MET A HE2  1 
ATOM 1180 H HE3  . MET A 1 76  ? -6.415  -18.118 7.983   1.00 0.00 ? 76  MET A HE3  1 
ATOM 1181 N N    . GLY A 1 77  ? -11.810 -18.811 3.450   1.00 0.00 ? 77  GLY A N    1 
ATOM 1182 C CA   . GLY A 1 77  ? -12.550 -17.930 2.563   1.00 0.00 ? 77  GLY A CA   1 
ATOM 1183 C C    . GLY A 1 77  ? -11.668 -16.869 1.935   1.00 0.00 ? 77  GLY A C    1 
ATOM 1184 O O    . GLY A 1 77  ? -12.052 -16.239 0.949   1.00 0.00 ? 77  GLY A O    1 
ATOM 1185 H H    . GLY A 1 77  ? -10.990 -19.245 3.134   1.00 0.00 ? 77  GLY A H    1 
ATOM 1186 H HA2  . GLY A 1 77  ? -12.999 -18.521 1.780   1.00 0.00 ? 77  GLY A HA2  1 
ATOM 1187 H HA3  . GLY A 1 77  ? -13.332 -17.444 3.128   1.00 0.00 ? 77  GLY A HA3  1 
ATOM 1188 N N    . ILE A 1 78  ? -10.487 -16.668 2.508   1.00 0.00 ? 78  ILE A N    1 
ATOM 1189 C CA   . ILE A 1 78  ? -9.549  -15.674 1.997   1.00 0.00 ? 78  ILE A CA   1 
ATOM 1190 C C    . ILE A 1 78  ? -8.708  -16.245 0.861   1.00 0.00 ? 78  ILE A C    1 
ATOM 1191 O O    . ILE A 1 78  ? -7.910  -17.159 1.065   1.00 0.00 ? 78  ILE A O    1 
ATOM 1192 C CB   . ILE A 1 78  ? -8.614  -15.161 3.107   1.00 0.00 ? 78  ILE A CB   1 
ATOM 1193 C CG1  . ILE A 1 78  ? -9.419  -14.456 4.200   1.00 0.00 ? 78  ILE A CG1  1 
ATOM 1194 C CG2  . ILE A 1 78  ? -7.567  -14.223 2.525   1.00 0.00 ? 78  ILE A CG2  1 
ATOM 1195 C CD1  . ILE A 1 78  ? -8.602  -14.107 5.423   1.00 0.00 ? 78  ILE A CD1  1 
ATOM 1196 H H    . ILE A 1 78  ? -10.238 -17.200 3.292   1.00 0.00 ? 78  ILE A H    1 
ATOM 1197 H HA   . ILE A 1 78  ? -10.123 -14.838 1.622   1.00 0.00 ? 78  ILE A HA   1 
ATOM 1198 H HB   . ILE A 1 78  ? -8.102  -16.009 3.537   1.00 0.00 ? 78  ILE A HB   1 
ATOM 1199 H HG12 . ILE A 1 78  ? -9.829  -13.541 3.802   1.00 0.00 ? 78  ILE A HG12 1 
ATOM 1200 H HG13 . ILE A 1 78  ? -10.228 -15.101 4.512   1.00 0.00 ? 78  ILE A HG13 1 
ATOM 1201 H HG21 . ILE A 1 78  ? -7.189  -13.577 3.304   1.00 0.00 ? 78  ILE A HG21 1 
ATOM 1202 H HG22 . ILE A 1 78  ? -6.753  -14.802 2.114   1.00 0.00 ? 78  ILE A HG22 1 
ATOM 1203 H HG23 . ILE A 1 78  ? -8.013  -13.624 1.745   1.00 0.00 ? 78  ILE A HG23 1 
ATOM 1204 H HD11 . ILE A 1 78  ? -7.818  -14.838 5.553   1.00 0.00 ? 78  ILE A HD11 1 
ATOM 1205 H HD12 . ILE A 1 78  ? -8.162  -13.129 5.296   1.00 0.00 ? 78  ILE A HD12 1 
ATOM 1206 H HD13 . ILE A 1 78  ? -9.239  -14.105 6.295   1.00 0.00 ? 78  ILE A HD13 1 
ATOM 1207 N N    . ASP A 1 79  ? -8.892  -15.698 -0.336  1.00 0.00 ? 79  ASP A N    1 
ATOM 1208 C CA   . ASP A 1 79  ? -8.148  -16.150 -1.505  1.00 0.00 ? 79  ASP A CA   1 
ATOM 1209 C C    . ASP A 1 79  ? -6.884  -15.319 -1.701  1.00 0.00 ? 79  ASP A C    1 
ATOM 1210 O O    . ASP A 1 79  ? -6.918  -14.090 -1.619  1.00 0.00 ? 79  ASP A O    1 
ATOM 1211 C CB   . ASP A 1 79  ? -9.024  -16.070 -2.757  1.00 0.00 ? 79  ASP A CB   1 
ATOM 1212 C CG   . ASP A 1 79  ? -9.122  -17.398 -3.481  1.00 0.00 ? 79  ASP A CG   1 
ATOM 1213 O OD1  . ASP A 1 79  ? -9.899  -18.264 -3.030  1.00 0.00 ? 79  ASP A OD1  1 
ATOM 1214 O OD2  . ASP A 1 79  ? -8.418  -17.571 -4.500  1.00 0.00 ? 79  ASP A OD2  1 
ATOM 1215 H H    . ASP A 1 79  ? -9.543  -14.972 -0.435  1.00 0.00 ? 79  ASP A H    1 
ATOM 1216 H HA   . ASP A 1 79  ? -7.865  -17.179 -1.341  1.00 0.00 ? 79  ASP A HA   1 
ATOM 1217 H HB2  . ASP A 1 79  ? -10.020 -15.763 -2.472  1.00 0.00 ? 79  ASP A HB2  1 
ATOM 1218 H HB3  . ASP A 1 79  ? -8.607  -15.341 -3.434  1.00 0.00 ? 79  ASP A HB3  1 
ATOM 1219 N N    . LEU A 1 80  ? -5.770  -15.996 -1.958  1.00 0.00 ? 80  LEU A N    1 
ATOM 1220 C CA   . LEU A 1 80  ? -4.494  -15.320 -2.164  1.00 0.00 ? 80  LEU A CA   1 
ATOM 1221 C C    . LEU A 1 80  ? -4.288  -14.982 -3.636  1.00 0.00 ? 80  LEU A C    1 
ATOM 1222 O O    . LEU A 1 80  ? -3.621  -14.003 -3.972  1.00 0.00 ? 80  LEU A O    1 
ATOM 1223 C CB   . LEU A 1 80  ? -3.344  -16.194 -1.663  1.00 0.00 ? 80  LEU A CB   1 
ATOM 1224 C CG   . LEU A 1 80  ? -2.244  -15.475 -0.881  1.00 0.00 ? 80  LEU A CG   1 
ATOM 1225 C CD1  . LEU A 1 80  ? -1.483  -14.522 -1.788  1.00 0.00 ? 80  LEU A CD1  1 
ATOM 1226 C CD2  . LEU A 1 80  ? -2.834  -14.729 0.306   1.00 0.00 ? 80  LEU A CD2  1 
ATOM 1227 H H    . LEU A 1 80  ? -5.806  -16.973 -2.011  1.00 0.00 ? 80  LEU A H    1 
ATOM 1228 H HA   . LEU A 1 80  ? -4.511  -14.401 -1.596  1.00 0.00 ? 80  LEU A HA   1 
ATOM 1229 H HB2  . LEU A 1 80  ? -3.762  -16.955 -1.020  1.00 0.00 ? 80  LEU A HB2  1 
ATOM 1230 H HB3  . LEU A 1 80  ? -2.888  -16.664 -2.523  1.00 0.00 ? 80  LEU A HB3  1 
ATOM 1231 H HG   . LEU A 1 80  ? -1.543  -16.207 -0.503  1.00 0.00 ? 80  LEU A HG   1 
ATOM 1232 H HD11 . LEU A 1 80  ? -2.153  -13.758 -2.151  1.00 0.00 ? 80  LEU A HD11 1 
ATOM 1233 H HD12 . LEU A 1 80  ? -1.074  -15.069 -2.624  1.00 0.00 ? 80  LEU A HD12 1 
ATOM 1234 H HD13 . LEU A 1 80  ? -0.678  -14.061 -1.232  1.00 0.00 ? 80  LEU A HD13 1 
ATOM 1235 H HD21 . LEU A 1 80  ? -2.602  -13.678 0.222   1.00 0.00 ? 80  LEU A HD21 1 
ATOM 1236 H HD22 . LEU A 1 80  ? -2.413  -15.119 1.221   1.00 0.00 ? 80  LEU A HD22 1 
ATOM 1237 H HD23 . LEU A 1 80  ? -3.906  -14.862 0.318   1.00 0.00 ? 80  LEU A HD23 1 
ATOM 1238 N N    . ASP A 1 81  ? -4.865  -15.799 -4.511  1.00 0.00 ? 81  ASP A N    1 
ATOM 1239 C CA   . ASP A 1 81  ? -4.747  -15.586 -5.949  1.00 0.00 ? 81  ASP A CA   1 
ATOM 1240 C C    . ASP A 1 81  ? -5.591  -14.395 -6.392  1.00 0.00 ? 81  ASP A C    1 
ATOM 1241 O O    . ASP A 1 81  ? -5.320  -13.781 -7.424  1.00 0.00 ? 81  ASP A O    1 
ATOM 1242 C CB   . ASP A 1 81  ? -5.175  -16.843 -6.709  1.00 0.00 ? 81  ASP A CB   1 
ATOM 1243 C CG   . ASP A 1 81  ? -4.052  -17.426 -7.543  1.00 0.00 ? 81  ASP A CG   1 
ATOM 1244 O OD1  . ASP A 1 81  ? -2.880  -17.305 -7.127  1.00 0.00 ? 81  ASP A OD1  1 
ATOM 1245 O OD2  . ASP A 1 81  ? -4.344  -18.005 -8.609  1.00 0.00 ? 81  ASP A OD2  1 
ATOM 1246 H H    . ASP A 1 81  ? -5.383  -16.563 -4.182  1.00 0.00 ? 81  ASP A H    1 
ATOM 1247 H HA   . ASP A 1 81  ? -3.711  -15.379 -6.170  1.00 0.00 ? 81  ASP A HA   1 
ATOM 1248 H HB2  . ASP A 1 81  ? -5.499  -17.591 -6.001  1.00 0.00 ? 81  ASP A HB2  1 
ATOM 1249 H HB3  . ASP A 1 81  ? -5.996  -16.594 -7.367  1.00 0.00 ? 81  ASP A HB3  1 
ATOM 1250 N N    . GLU A 1 82  ? -6.614  -14.075 -5.607  1.00 0.00 ? 82  GLU A N    1 
ATOM 1251 C CA   . GLU A 1 82  ? -7.499  -12.960 -5.921  1.00 0.00 ? 82  GLU A CA   1 
ATOM 1252 C C    . GLU A 1 82  ? -6.862  -11.632 -5.520  1.00 0.00 ? 82  GLU A C    1 
ATOM 1253 O O    . GLU A 1 82  ? -7.104  -10.601 -6.148  1.00 0.00 ? 82  GLU A O    1 
ATOM 1254 C CB   . GLU A 1 82  ? -8.843  -13.128 -5.209  1.00 0.00 ? 82  GLU A CB   1 
ATOM 1255 C CG   . GLU A 1 82  ? -8.843  -12.613 -3.780  1.00 0.00 ? 82  GLU A CG   1 
ATOM 1256 C CD   . GLU A 1 82  ? -10.010 -13.142 -2.970  1.00 0.00 ? 82  GLU A CD   1 
ATOM 1257 O OE1  . GLU A 1 82  ? -10.956 -13.688 -3.576  1.00 0.00 ? 82  GLU A OE1  1 
ATOM 1258 O OE2  . GLU A 1 82  ? -9.978  -13.011 -1.728  1.00 0.00 ? 82  GLU A OE2  1 
ATOM 1259 H H    . GLU A 1 82  ? -6.778  -14.603 -4.798  1.00 0.00 ? 82  GLU A H    1 
ATOM 1260 H HA   . GLU A 1 82  ? -7.664  -12.958 -6.987  1.00 0.00 ? 82  GLU A HA   1 
ATOM 1261 H HB2  . GLU A 1 82  ? -9.600  -12.594 -5.763  1.00 0.00 ? 82  GLU A HB2  1 
ATOM 1262 H HB3  . GLU A 1 82  ? -9.096  -14.178 -5.191  1.00 0.00 ? 82  GLU A HB3  1 
ATOM 1263 H HG2  . GLU A 1 82  ? -7.925  -12.919 -3.300  1.00 0.00 ? 82  GLU A HG2  1 
ATOM 1264 H HG3  . GLU A 1 82  ? -8.897  -11.535 -3.799  1.00 0.00 ? 82  GLU A HG3  1 
ATOM 1265 N N    . TRP A 1 83  ? -6.048  -11.665 -4.472  1.00 0.00 ? 83  TRP A N    1 
ATOM 1266 C CA   . TRP A 1 83  ? -5.377  -10.465 -3.986  1.00 0.00 ? 83  TRP A CA   1 
ATOM 1267 C C    . TRP A 1 83  ? -4.566  -9.808  -5.098  1.00 0.00 ? 83  TRP A C    1 
ATOM 1268 O O    . TRP A 1 83  ? -4.519  -8.582  -5.202  1.00 0.00 ? 83  TRP A O    1 
ATOM 1269 C CB   . TRP A 1 83  ? -4.466  -10.807 -2.806  1.00 0.00 ? 83  TRP A CB   1 
ATOM 1270 C CG   . TRP A 1 83  ? -5.201  -10.952 -1.509  1.00 0.00 ? 83  TRP A CG   1 
ATOM 1271 C CD1  . TRP A 1 83  ? -6.534  -11.207 -1.347  1.00 0.00 ? 83  TRP A CD1  1 
ATOM 1272 C CD2  . TRP A 1 83  ? -4.648  -10.846 -0.192  1.00 0.00 ? 83  TRP A CD2  1 
ATOM 1273 N NE1  . TRP A 1 83  ? -6.840  -11.266 -0.008  1.00 0.00 ? 83  TRP A NE1  1 
ATOM 1274 C CE2  . TRP A 1 83  ? -5.701  -11.050 0.720   1.00 0.00 ? 83  TRP A CE2  1 
ATOM 1275 C CE3  . TRP A 1 83  ? -3.364  -10.602 0.304   1.00 0.00 ? 83  TRP A CE3  1 
ATOM 1276 C CZ2  . TRP A 1 83  ? -5.509  -11.015 2.099   1.00 0.00 ? 83  TRP A CZ2  1 
ATOM 1277 C CZ3  . TRP A 1 83  ? -3.175  -10.568 1.672   1.00 0.00 ? 83  TRP A CZ3  1 
ATOM 1278 C CH2  . TRP A 1 83  ? -4.242  -10.775 2.556   1.00 0.00 ? 83  TRP A CH2  1 
ATOM 1279 H H    . TRP A 1 83  ? -5.894  -12.518 -4.012  1.00 0.00 ? 83  TRP A H    1 
ATOM 1280 H HA   . TRP A 1 83  ? -6.137  -9.773  -3.653  1.00 0.00 ? 83  TRP A HA   1 
ATOM 1281 H HB2  . TRP A 1 83  ? -3.960  -11.739 -3.008  1.00 0.00 ? 83  TRP A HB2  1 
ATOM 1282 H HB3  . TRP A 1 83  ? -3.732  -10.022 -2.688  1.00 0.00 ? 83  TRP A HB3  1 
ATOM 1283 H HD1  . TRP A 1 83  ? -7.231  -11.338 -2.160  1.00 0.00 ? 83  TRP A HD1  1 
ATOM 1284 H HE1  . TRP A 1 83  ? -7.732  -11.438 0.363   1.00 0.00 ? 83  TRP A HE1  1 
ATOM 1285 H HE3  . TRP A 1 83  ? -2.530  -10.441 -0.362  1.00 0.00 ? 83  TRP A HE3  1 
ATOM 1286 H HZ2  . TRP A 1 83  ? -6.320  -11.173 2.794   1.00 0.00 ? 83  TRP A HZ2  1 
ATOM 1287 H HZ3  . TRP A 1 83  ? -2.190  -10.380 2.074   1.00 0.00 ? 83  TRP A HZ3  1 
ATOM 1288 H HH2  . TRP A 1 83  ? -4.047  -10.739 3.618   1.00 0.00 ? 83  TRP A HH2  1 
ATOM 1289 N N    . SER A 1 84  ? -3.928  -10.630 -5.924  1.00 0.00 ? 84  SER A N    1 
ATOM 1290 C CA   . SER A 1 84  ? -3.115  -10.128 -7.025  1.00 0.00 ? 84  SER A CA   1 
ATOM 1291 C C    . SER A 1 84  ? -3.996  -9.583  -8.146  1.00 0.00 ? 84  SER A C    1 
ATOM 1292 O O    . SER A 1 84  ? -3.573  -8.728  -8.925  1.00 0.00 ? 84  SER A O    1 
ATOM 1293 C CB   . SER A 1 84  ? -2.211  -11.236 -7.567  1.00 0.00 ? 84  SER A CB   1 
ATOM 1294 O OG   . SER A 1 84  ? -2.895  -12.036 -8.516  1.00 0.00 ? 84  SER A OG   1 
ATOM 1295 H H    . SER A 1 84  ? -4.004  -11.598 -5.789  1.00 0.00 ? 84  SER A H    1 
ATOM 1296 H HA   . SER A 1 84  ? -2.500  -9.326  -6.645  1.00 0.00 ? 84  SER A HA   1 
ATOM 1297 H HB2  . SER A 1 84  ? -1.349  -10.793 -8.042  1.00 0.00 ? 84  SER A HB2  1 
ATOM 1298 H HB3  . SER A 1 84  ? -1.887  -11.865 -6.750  1.00 0.00 ? 84  SER A HB3  1 
ATOM 1299 H HG   . SER A 1 84  ? -2.317  -12.739 -8.820  1.00 0.00 ? 84  SER A HG   1 
ATOM 1300 N N    . VAL A 1 85  ? -5.225  -10.083 -8.220  1.00 0.00 ? 85  VAL A N    1 
ATOM 1301 C CA   . VAL A 1 85  ? -6.168  -9.647  -9.244  1.00 0.00 ? 85  VAL A CA   1 
ATOM 1302 C C    . VAL A 1 85  ? -7.400  -9.004  -8.618  1.00 0.00 ? 85  VAL A C    1 
ATOM 1303 O O    . VAL A 1 85  ? -8.522  -9.206  -9.081  1.00 0.00 ? 85  VAL A O    1 
ATOM 1304 C CB   . VAL A 1 85  ? -6.613  -10.822 -10.135 1.00 0.00 ? 85  VAL A CB   1 
ATOM 1305 C CG1  . VAL A 1 85  ? -5.415  -11.445 -10.835 1.00 0.00 ? 85  VAL A CG1  1 
ATOM 1306 C CG2  . VAL A 1 85  ? -7.360  -11.861 -9.312  1.00 0.00 ? 85  VAL A CG2  1 
ATOM 1307 H H    . VAL A 1 85  ? -5.505  -10.762 -7.572  1.00 0.00 ? 85  VAL A H    1 
ATOM 1308 H HA   . VAL A 1 85  ? -5.670  -8.918  -9.867  1.00 0.00 ? 85  VAL A HA   1 
ATOM 1309 H HB   . VAL A 1 85  ? -7.284  -10.441 -10.890 1.00 0.00 ? 85  VAL A HB   1 
ATOM 1310 H HG11 . VAL A 1 85  ? -4.973  -12.195 -10.194 1.00 0.00 ? 85  VAL A HG11 1 
ATOM 1311 H HG12 . VAL A 1 85  ? -5.734  -11.902 -11.760 1.00 0.00 ? 85  VAL A HG12 1 
ATOM 1312 H HG13 . VAL A 1 85  ? -4.684  -10.678 -11.047 1.00 0.00 ? 85  VAL A HG13 1 
ATOM 1313 H HG21 . VAL A 1 85  ? -7.529  -11.479 -8.317  1.00 0.00 ? 85  VAL A HG21 1 
ATOM 1314 H HG22 . VAL A 1 85  ? -8.308  -12.077 -9.782  1.00 0.00 ? 85  VAL A HG22 1 
ATOM 1315 H HG23 . VAL A 1 85  ? -6.772  -12.766 -9.256  1.00 0.00 ? 85  VAL A HG23 1 
ATOM 1316 N N    . ALA A 1 86  ? -7.183  -8.227  -7.560  1.00 0.00 ? 86  ALA A N    1 
ATOM 1317 C CA   . ALA A 1 86  ? -8.276  -7.552  -6.872  1.00 0.00 ? 86  ALA A CA   1 
ATOM 1318 C C    . ALA A 1 86  ? -8.095  -6.038  -6.911  1.00 0.00 ? 86  ALA A C    1 
ATOM 1319 O O    . ALA A 1 86  ? -7.053  -5.536  -7.330  1.00 0.00 ? 86  ALA A O    1 
ATOM 1320 C CB   . ALA A 1 86  ? -8.374  -8.038  -5.434  1.00 0.00 ? 86  ALA A CB   1 
ATOM 1321 H H    . ALA A 1 86  ? -6.266  -8.105  -7.238  1.00 0.00 ? 86  ALA A H    1 
ATOM 1322 H HA   . ALA A 1 86  ? -9.197  -7.808  -7.376  1.00 0.00 ? 86  ALA A HA   1 
ATOM 1323 H HB1  . ALA A 1 86  ? -8.612  -7.205  -4.789  1.00 0.00 ? 86  ALA A HB1  1 
ATOM 1324 H HB2  . ALA A 1 86  ? -9.148  -8.786  -5.359  1.00 0.00 ? 86  ALA A HB2  1 
ATOM 1325 H HB3  . ALA A 1 86  ? -7.428  -8.466  -5.134  1.00 0.00 ? 86  ALA A HB3  1 
ATOM 1326 N N    . THR A 1 87  ? -9.120  -5.314  -6.471  1.00 0.00 ? 87  THR A N    1 
ATOM 1327 C CA   . THR A 1 87  ? -9.076  -3.857  -6.457  1.00 0.00 ? 87  THR A CA   1 
ATOM 1328 C C    . THR A 1 87  ? -8.646  -3.333  -5.091  1.00 0.00 ? 87  THR A C    1 
ATOM 1329 O O    . THR A 1 87  ? -9.142  -3.784  -4.058  1.00 0.00 ? 87  THR A O    1 
ATOM 1330 C CB   . THR A 1 87  ? -10.445 -3.250  -6.819  1.00 0.00 ? 87  THR A CB   1 
ATOM 1331 O OG1  . THR A 1 87  ? -10.327 -1.831  -6.970  1.00 0.00 ? 87  THR A OG1  1 
ATOM 1332 C CG2  . THR A 1 87  ? -11.478 -3.567  -5.749  1.00 0.00 ? 87  THR A CG2  1 
ATOM 1333 H H    . THR A 1 87  ? -9.925  -5.772  -6.149  1.00 0.00 ? 87  THR A H    1 
ATOM 1334 H HA   . THR A 1 87  ? -8.357  -3.538  -7.197  1.00 0.00 ? 87  THR A HA   1 
ATOM 1335 H HB   . THR A 1 87  ? -10.775 -3.678  -7.755  1.00 0.00 ? 87  THR A HB   1 
ATOM 1336 H HG1  . THR A 1 87  ? -10.730 -1.563  -7.800  1.00 0.00 ? 87  THR A HG1  1 
ATOM 1337 H HG21 . THR A 1 87  ? -11.196 -3.088  -4.823  1.00 0.00 ? 87  THR A HG21 1 
ATOM 1338 H HG22 . THR A 1 87  ? -11.526 -4.636  -5.601  1.00 0.00 ? 87  THR A HG22 1 
ATOM 1339 H HG23 . THR A 1 87  ? -12.446 -3.202  -6.063  1.00 0.00 ? 87  THR A HG23 1 
ATOM 1340 N N    . PHE A 1 88  ? -7.723  -2.378  -5.092  1.00 0.00 ? 88  PHE A N    1 
ATOM 1341 C CA   . PHE A 1 88  ? -7.226  -1.793  -3.853  1.00 0.00 ? 88  PHE A CA   1 
ATOM 1342 C C    . PHE A 1 88  ? -7.513  -0.294  -3.806  1.00 0.00 ? 88  PHE A C    1 
ATOM 1343 O O    . PHE A 1 88  ? -6.748  0.512   -4.334  1.00 0.00 ? 88  PHE A O    1 
ATOM 1344 C CB   . PHE A 1 88  ? -5.723  -2.040  -3.713  1.00 0.00 ? 88  PHE A CB   1 
ATOM 1345 C CG   . PHE A 1 88  ? -5.390  -3.301  -2.968  1.00 0.00 ? 88  PHE A CG   1 
ATOM 1346 C CD1  . PHE A 1 88  ? -5.975  -4.506  -3.321  1.00 0.00 ? 88  PHE A CD1  1 
ATOM 1347 C CD2  . PHE A 1 88  ? -4.491  -3.281  -1.913  1.00 0.00 ? 88  PHE A CD2  1 
ATOM 1348 C CE1  . PHE A 1 88  ? -5.671  -5.668  -2.638  1.00 0.00 ? 88  PHE A CE1  1 
ATOM 1349 C CE2  . PHE A 1 88  ? -4.182  -4.440  -1.227  1.00 0.00 ? 88  PHE A CE2  1 
ATOM 1350 C CZ   . PHE A 1 88  ? -4.774  -5.635  -1.589  1.00 0.00 ? 88  PHE A CZ   1 
ATOM 1351 H H    . PHE A 1 88  ? -7.366  -2.060  -5.949  1.00 0.00 ? 88  PHE A H    1 
ATOM 1352 H HA   . PHE A 1 88  ? -7.738  -2.271  -3.033  1.00 0.00 ? 88  PHE A HA   1 
ATOM 1353 H HB2  . PHE A 1 88  ? -5.284  -2.112  -4.697  1.00 0.00 ? 88  PHE A HB2  1 
ATOM 1354 H HB3  . PHE A 1 88  ? -5.277  -1.212  -3.183  1.00 0.00 ? 88  PHE A HB3  1 
ATOM 1355 H HD1  . PHE A 1 88  ? -6.678  -4.533  -4.143  1.00 0.00 ? 88  PHE A HD1  1 
ATOM 1356 H HD2  . PHE A 1 88  ? -4.029  -2.348  -1.628  1.00 0.00 ? 88  PHE A HD2  1 
ATOM 1357 H HE1  . PHE A 1 88  ? -6.135  -6.601  -2.924  1.00 0.00 ? 88  PHE A HE1  1 
ATOM 1358 H HE2  . PHE A 1 88  ? -3.481  -4.411  -0.407  1.00 0.00 ? 88  PHE A HE2  1 
ATOM 1359 H HZ   . PHE A 1 88  ? -4.534  -6.542  -1.054  1.00 0.00 ? 88  PHE A HZ   1 
ATOM 1360 N N    . TYR A 1 89  ? -8.621  0.070   -3.170  1.00 0.00 ? 89  TYR A N    1 
ATOM 1361 C CA   . TYR A 1 89  ? -9.011  1.470   -3.056  1.00 0.00 ? 89  TYR A CA   1 
ATOM 1362 C C    . TYR A 1 89  ? -8.347  2.124   -1.847  1.00 0.00 ? 89  TYR A C    1 
ATOM 1363 O O    . TYR A 1 89  ? -8.742  1.887   -0.704  1.00 0.00 ? 89  TYR A O    1 
ATOM 1364 C CB   . TYR A 1 89  ? -10.531 1.589   -2.944  1.00 0.00 ? 89  TYR A CB   1 
ATOM 1365 C CG   . TYR A 1 89  ? -11.267 1.145   -4.188  1.00 0.00 ? 89  TYR A CG   1 
ATOM 1366 C CD1  . TYR A 1 89  ? -11.261 1.923   -5.339  1.00 0.00 ? 89  TYR A CD1  1 
ATOM 1367 C CD2  . TYR A 1 89  ? -11.968 -0.055  -4.212  1.00 0.00 ? 89  TYR A CD2  1 
ATOM 1368 C CE1  . TYR A 1 89  ? -11.931 1.521   -6.477  1.00 0.00 ? 89  TYR A CE1  1 
ATOM 1369 C CE2  . TYR A 1 89  ? -12.640 -0.466  -5.347  1.00 0.00 ? 89  TYR A CE2  1 
ATOM 1370 C CZ   . TYR A 1 89  ? -12.619 0.325   -6.476  1.00 0.00 ? 89  TYR A CZ   1 
ATOM 1371 O OH   . TYR A 1 89  ? -13.289 -0.080  -7.609  1.00 0.00 ? 89  TYR A OH   1 
ATOM 1372 H H    . TYR A 1 89  ? -9.191  -0.619  -2.768  1.00 0.00 ? 89  TYR A H    1 
ATOM 1373 H HA   . TYR A 1 89  ? -8.684  1.979   -3.950  1.00 0.00 ? 89  TYR A HA   1 
ATOM 1374 H HB2  . TYR A 1 89  ? -10.875 0.981   -2.121  1.00 0.00 ? 89  TYR A HB2  1 
ATOM 1375 H HB3  . TYR A 1 89  ? -10.792 2.621   -2.755  1.00 0.00 ? 89  TYR A HB3  1 
ATOM 1376 H HD1  . TYR A 1 89  ? -10.720 2.859   -5.336  1.00 0.00 ? 89  TYR A HD1  1 
ATOM 1377 H HD2  . TYR A 1 89  ? -11.982 -0.673  -3.326  1.00 0.00 ? 89  TYR A HD2  1 
ATOM 1378 H HE1  . TYR A 1 89  ? -11.915 2.140   -7.362  1.00 0.00 ? 89  TYR A HE1  1 
ATOM 1379 H HE2  . TYR A 1 89  ? -13.180 -1.402  -5.347  1.00 0.00 ? 89  TYR A HE2  1 
ATOM 1380 H HH   . TYR A 1 89  ? -14.164 -0.393  -7.369  1.00 0.00 ? 89  TYR A HH   1 
ATOM 1381 N N    . LEU A 1 90  ? -7.340  2.948   -2.108  1.00 0.00 ? 90  LEU A N    1 
ATOM 1382 C CA   . LEU A 1 90  ? -6.621  3.638   -1.042  1.00 0.00 ? 90  LEU A CA   1 
ATOM 1383 C C    . LEU A 1 90  ? -7.397  4.860   -0.564  1.00 0.00 ? 90  LEU A C    1 
ATOM 1384 O O    . LEU A 1 90  ? -7.542  5.841   -1.294  1.00 0.00 ? 90  LEU A O    1 
ATOM 1385 C CB   . LEU A 1 90  ? -5.232  4.058   -1.527  1.00 0.00 ? 90  LEU A CB   1 
ATOM 1386 C CG   . LEU A 1 90  ? -4.250  2.923   -1.817  1.00 0.00 ? 90  LEU A CG   1 
ATOM 1387 C CD1  . LEU A 1 90  ? -4.219  1.935   -0.662  1.00 0.00 ? 90  LEU A CD1  1 
ATOM 1388 C CD2  . LEU A 1 90  ? -4.619  2.218   -3.115  1.00 0.00 ? 90  LEU A CD2  1 
ATOM 1389 H H    . LEU A 1 90  ? -7.071  3.097   -3.038  1.00 0.00 ? 90  LEU A H    1 
ATOM 1390 H HA   . LEU A 1 90  ? -6.512  2.950   -0.216  1.00 0.00 ? 90  LEU A HA   1 
ATOM 1391 H HB2  . LEU A 1 90  ? -5.357  4.627   -2.435  1.00 0.00 ? 90  LEU A HB2  1 
ATOM 1392 H HB3  . LEU A 1 90  ? -4.795  4.690   -0.765  1.00 0.00 ? 90  LEU A HB3  1 
ATOM 1393 H HG   . LEU A 1 90  ? -3.256  3.335   -1.930  1.00 0.00 ? 90  LEU A HG   1 
ATOM 1394 H HD11 . LEU A 1 90  ? -3.257  1.446   -0.632  1.00 0.00 ? 90  LEU A HD11 1 
ATOM 1395 H HD12 . LEU A 1 90  ? -4.995  1.195   -0.801  1.00 0.00 ? 90  LEU A HD12 1 
ATOM 1396 H HD13 . LEU A 1 90  ? -4.388  2.461   0.266   1.00 0.00 ? 90  LEU A HD13 1 
ATOM 1397 H HD21 . LEU A 1 90  ? -5.143  1.303   -2.890  1.00 0.00 ? 90  LEU A HD21 1 
ATOM 1398 H HD22 . LEU A 1 90  ? -3.719  1.993   -3.669  1.00 0.00 ? 90  LEU A HD22 1 
ATOM 1399 H HD23 . LEU A 1 90  ? -5.253  2.863   -3.707  1.00 0.00 ? 90  LEU A HD23 1 
ATOM 1400 N N    . PHE A 1 91  ? -7.893  4.797   0.667   1.00 0.00 ? 91  PHE A N    1 
ATOM 1401 C CA   . PHE A 1 91  ? -8.654  5.899   1.243   1.00 0.00 ? 91  PHE A CA   1 
ATOM 1402 C C    . PHE A 1 91  ? -7.786  6.722   2.192   1.00 0.00 ? 91  PHE A C    1 
ATOM 1403 O O    . PHE A 1 91  ? -6.650  6.350   2.491   1.00 0.00 ? 91  PHE A O    1 
ATOM 1404 C CB   . PHE A 1 91  ? -9.880  5.367   1.987   1.00 0.00 ? 91  PHE A CB   1 
ATOM 1405 C CG   . PHE A 1 91  ? -11.166 5.556   1.236   1.00 0.00 ? 91  PHE A CG   1 
ATOM 1406 C CD1  . PHE A 1 91  ? -11.263 5.197   -0.099  1.00 0.00 ? 91  PHE A CD1  1 
ATOM 1407 C CD2  . PHE A 1 91  ? -12.278 6.095   1.864   1.00 0.00 ? 91  PHE A CD2  1 
ATOM 1408 C CE1  . PHE A 1 91  ? -12.446 5.370   -0.794  1.00 0.00 ? 91  PHE A CE1  1 
ATOM 1409 C CE2  . PHE A 1 91  ? -13.463 6.269   1.174   1.00 0.00 ? 91  PHE A CE2  1 
ATOM 1410 C CZ   . PHE A 1 91  ? -13.546 5.908   -0.156  1.00 0.00 ? 91  PHE A CZ   1 
ATOM 1411 H H    . PHE A 1 91  ? -7.744  3.988   1.201   1.00 0.00 ? 91  PHE A H    1 
ATOM 1412 H HA   . PHE A 1 91  ? -8.981  6.534   0.434   1.00 0.00 ? 91  PHE A HA   1 
ATOM 1413 H HB2  . PHE A 1 91  ? -9.752  4.310   2.165   1.00 0.00 ? 91  PHE A HB2  1 
ATOM 1414 H HB3  . PHE A 1 91  ? -9.968  5.879   2.934   1.00 0.00 ? 91  PHE A HB3  1 
ATOM 1415 H HD1  . PHE A 1 91  ? -10.402 4.777   -0.598  1.00 0.00 ? 91  PHE A HD1  1 
ATOM 1416 H HD2  . PHE A 1 91  ? -12.214 6.379   2.903   1.00 0.00 ? 91  PHE A HD2  1 
ATOM 1417 H HE1  . PHE A 1 91  ? -12.508 5.086   -1.834  1.00 0.00 ? 91  PHE A HE1  1 
ATOM 1418 H HE2  . PHE A 1 91  ? -14.322 6.691   1.675   1.00 0.00 ? 91  PHE A HE2  1 
ATOM 1419 H HZ   . PHE A 1 91  ? -14.472 6.044   -0.696  1.00 0.00 ? 91  PHE A HZ   1 
ATOM 1420 N N    . ASP A 1 92  ? -8.329  7.839   2.661   1.00 0.00 ? 92  ASP A N    1 
ATOM 1421 C CA   . ASP A 1 92  ? -7.606  8.714   3.577   1.00 0.00 ? 92  ASP A CA   1 
ATOM 1422 C C    . ASP A 1 92  ? -8.302  8.776   4.933   1.00 0.00 ? 92  ASP A C    1 
ATOM 1423 O O    . ASP A 1 92  ? -9.174  7.961   5.232   1.00 0.00 ? 92  ASP A O    1 
ATOM 1424 C CB   . ASP A 1 92  ? -7.487  10.120  2.986   1.00 0.00 ? 92  ASP A CB   1 
ATOM 1425 C CG   . ASP A 1 92  ? -6.064  10.640  3.007   1.00 0.00 ? 92  ASP A CG   1 
ATOM 1426 O OD1  . ASP A 1 92  ? -5.185  9.986   2.408   1.00 0.00 ? 92  ASP A OD1  1 
ATOM 1427 O OD2  . ASP A 1 92  ? -5.828  11.700  3.624   1.00 0.00 ? 92  ASP A OD2  1 
ATOM 1428 H H    . ASP A 1 92  ? -9.238  8.081   2.386   1.00 0.00 ? 92  ASP A H    1 
ATOM 1429 H HA   . ASP A 1 92  ? -6.616  8.306   3.713   1.00 0.00 ? 92  ASP A HA   1 
ATOM 1430 H HB2  . ASP A 1 92  ? -7.829  10.103  1.961   1.00 0.00 ? 92  ASP A HB2  1 
ATOM 1431 H HB3  . ASP A 1 92  ? -8.108  10.797  3.556   1.00 0.00 ? 92  ASP A HB3  1 
ATOM 1432 N N    . ASP A 1 93  ? -7.909  9.747   5.750   1.00 0.00 ? 93  ASP A N    1 
ATOM 1433 C CA   . ASP A 1 93  ? -8.495  9.915   7.075   1.00 0.00 ? 93  ASP A CA   1 
ATOM 1434 C C    . ASP A 1 93  ? -9.794  10.712  6.997   1.00 0.00 ? 93  ASP A C    1 
ATOM 1435 O O    . ASP A 1 93  ? -10.466 10.920  8.007   1.00 0.00 ? 93  ASP A O    1 
ATOM 1436 C CB   . ASP A 1 93  ? -7.506  10.617  8.007   1.00 0.00 ? 93  ASP A CB   1 
ATOM 1437 C CG   . ASP A 1 93  ? -6.082  10.134  7.813   1.00 0.00 ? 93  ASP A CG   1 
ATOM 1438 O OD1  . ASP A 1 93  ? -5.738  9.065   8.361   1.00 0.00 ? 93  ASP A OD1  1 
ATOM 1439 O OD2  . ASP A 1 93  ? -5.312  10.822  7.111   1.00 0.00 ? 93  ASP A OD2  1 
ATOM 1440 H H    . ASP A 1 93  ? -7.208  10.367  5.454   1.00 0.00 ? 93  ASP A H    1 
ATOM 1441 H HA   . ASP A 1 93  ? -8.712  8.934   7.469   1.00 0.00 ? 93  ASP A HA   1 
ATOM 1442 H HB2  . ASP A 1 93  ? -7.534  11.680  7.816   1.00 0.00 ? 93  ASP A HB2  1 
ATOM 1443 H HB3  . ASP A 1 93  ? -7.793  10.431  9.032   1.00 0.00 ? 93  ASP A HB3  1 
ATOM 1444 N N    . ALA A 1 94  ? -10.139 11.155  5.794   1.00 0.00 ? 94  ALA A N    1 
ATOM 1445 C CA   . ALA A 1 94  ? -11.357 11.928  5.584   1.00 0.00 ? 94  ALA A CA   1 
ATOM 1446 C C    . ALA A 1 94  ? -12.412 11.103  4.854   1.00 0.00 ? 94  ALA A C    1 
ATOM 1447 O O    . ALA A 1 94  ? -13.599 11.419  4.896   1.00 0.00 ? 94  ALA A O    1 
ATOM 1448 C CB   . ALA A 1 94  ? -11.049 13.200  4.809   1.00 0.00 ? 94  ALA A CB   1 
ATOM 1449 H H    . ALA A 1 94  ? -9.562  10.957  5.027   1.00 0.00 ? 94  ALA A H    1 
ATOM 1450 H HA   . ALA A 1 94  ? -11.743 12.211  6.553   1.00 0.00 ? 94  ALA A HA   1 
ATOM 1451 H HB1  . ALA A 1 94  ? -11.754 13.307  3.999   1.00 0.00 ? 94  ALA A HB1  1 
ATOM 1452 H HB2  . ALA A 1 94  ? -11.127 14.051  5.470   1.00 0.00 ? 94  ALA A HB2  1 
ATOM 1453 H HB3  . ALA A 1 94  ? -10.047 13.145  4.410   1.00 0.00 ? 94  ALA A HB3  1 
ATOM 1454 N N    . GLY A 1 95  ? -11.967 10.044  4.183   1.00 0.00 ? 95  GLY A N    1 
ATOM 1455 C CA   . GLY A 1 95  ? -12.886 9.192   3.452   1.00 0.00 ? 95  GLY A CA   1 
ATOM 1456 C C    . GLY A 1 95  ? -12.802 9.399   1.953   1.00 0.00 ? 95  GLY A C    1 
ATOM 1457 O O    . GLY A 1 95  ? -13.767 9.151   1.231   1.00 0.00 ? 95  GLY A O    1 
ATOM 1458 H H    . GLY A 1 95  ? -11.009 9.841   4.185   1.00 0.00 ? 95  GLY A H    1 
ATOM 1459 H HA2  . GLY A 1 95  ? -12.658 8.160   3.675   1.00 0.00 ? 95  GLY A HA2  1 
ATOM 1460 H HA3  . GLY A 1 95  ? -13.894 9.405   3.777   1.00 0.00 ? 95  GLY A HA3  1 
ATOM 1461 N N    . GLU A 1 96  ? -11.647 9.860   1.484   1.00 0.00 ? 96  GLU A N    1 
ATOM 1462 C CA   . GLU A 1 96  ? -11.443 10.105  0.061   1.00 0.00 ? 96  GLU A CA   1 
ATOM 1463 C C    . GLU A 1 96  ? -10.223 9.343   -0.452  1.00 0.00 ? 96  GLU A C    1 
ATOM 1464 O O    . GLU A 1 96  ? -9.475  8.752   0.326   1.00 0.00 ? 96  GLU A O    1 
ATOM 1465 C CB   . GLU A 1 96  ? -11.270 11.602  -0.202  1.00 0.00 ? 96  GLU A CB   1 
ATOM 1466 C CG   . GLU A 1 96  ? -10.009 12.187  0.411   1.00 0.00 ? 96  GLU A CG   1 
ATOM 1467 C CD   . GLU A 1 96  ? -10.183 12.541  1.875   1.00 0.00 ? 96  GLU A CD   1 
ATOM 1468 O OE1  . GLU A 1 96  ? -10.050 11.635  2.724   1.00 0.00 ? 96  GLU A OE1  1 
ATOM 1469 O OE2  . GLU A 1 96  ? -10.451 13.724  2.171   1.00 0.00 ? 96  GLU A OE2  1 
ATOM 1470 H H    . GLU A 1 96  ? -10.914 10.040  2.111   1.00 0.00 ? 96  GLU A H    1 
ATOM 1471 H HA   . GLU A 1 96  ? -12.319 9.754   -0.464  1.00 0.00 ? 96  GLU A HA   1 
ATOM 1472 H HB2  . GLU A 1 96  ? -11.238 11.766  -1.269  1.00 0.00 ? 96  GLU A HB2  1 
ATOM 1473 H HB3  . GLU A 1 96  ? -12.121 12.126  0.207   1.00 0.00 ? 96  GLU A HB3  1 
ATOM 1474 H HG2  . GLU A 1 96  ? -9.213  11.463  0.324   1.00 0.00 ? 96  GLU A HG2  1 
ATOM 1475 H HG3  . GLU A 1 96  ? -9.742  13.082  -0.132  1.00 0.00 ? 96  GLU A HG3  1 
ATOM 1476 N N    . GLU A 1 97  ? -10.033 9.361   -1.768  1.00 0.00 ? 97  GLU A N    1 
ATOM 1477 C CA   . GLU A 1 97  ? -8.906  8.672   -2.385  1.00 0.00 ? 97  GLU A CA   1 
ATOM 1478 C C    . GLU A 1 97  ? -7.657  9.549   -2.371  1.00 0.00 ? 97  GLU A C    1 
ATOM 1479 O O    . GLU A 1 97  ? -7.329  10.196  -3.366  1.00 0.00 ? 97  GLU A O    1 
ATOM 1480 C CB   . GLU A 1 97  ? -9.248  8.274   -3.822  1.00 0.00 ? 97  GLU A CB   1 
ATOM 1481 C CG   . GLU A 1 97  ? -8.581  6.985   -4.273  1.00 0.00 ? 97  GLU A CG   1 
ATOM 1482 C CD   . GLU A 1 97  ? -9.553  6.022   -4.923  1.00 0.00 ? 97  GLU A CD   1 
ATOM 1483 O OE1  . GLU A 1 97  ? -9.835  6.189   -6.129  1.00 0.00 ? 97  GLU A OE1  1 
ATOM 1484 O OE2  . GLU A 1 97  ? -10.033 5.101   -4.229  1.00 0.00 ? 97  GLU A OE2  1 
ATOM 1485 H H    . GLU A 1 97  ? -10.664 9.850   -2.335  1.00 0.00 ? 97  GLU A H    1 
ATOM 1486 H HA   . GLU A 1 97  ? -8.708  7.779   -1.811  1.00 0.00 ? 97  GLU A HA   1 
ATOM 1487 H HB2  . GLU A 1 97  ? -10.317 8.149   -3.904  1.00 0.00 ? 97  GLU A HB2  1 
ATOM 1488 H HB3  . GLU A 1 97  ? -8.936  9.067   -4.486  1.00 0.00 ? 97  GLU A HB3  1 
ATOM 1489 H HG2  . GLU A 1 97  ? -7.805  7.226   -4.984  1.00 0.00 ? 97  GLU A HG2  1 
ATOM 1490 H HG3  . GLU A 1 97  ? -8.140  6.504   -3.412  1.00 0.00 ? 97  GLU A HG3  1 
ATOM 1491 N N    . ASN A 1 98  ? -6.966  9.568   -1.237  1.00 0.00 ? 98  ASN A N    1 
ATOM 1492 C CA   . ASN A 1 98  ? -5.753  10.366  -1.093  1.00 0.00 ? 98  ASN A CA   1 
ATOM 1493 C C    . ASN A 1 98  ? -4.564  9.488   -0.718  1.00 0.00 ? 98  ASN A C    1 
ATOM 1494 O O    . ASN A 1 98  ? -4.734  8.384   -0.198  1.00 0.00 ? 98  ASN A O    1 
ATOM 1495 C CB   . ASN A 1 98  ? -5.956  11.451  -0.033  1.00 0.00 ? 98  ASN A CB   1 
ATOM 1496 C CG   . ASN A 1 98  ? -6.396  12.771  -0.633  1.00 0.00 ? 98  ASN A CG   1 
ATOM 1497 O OD1  . ASN A 1 98  ? -5.666  13.762  -0.585  1.00 0.00 ? 98  ASN A OD1  1 
ATOM 1498 N ND2  . ASN A 1 98  ? -7.595  12.792  -1.204  1.00 0.00 ? 98  ASN A ND2  1 
ATOM 1499 H H    . ASN A 1 98  ? -7.277  9.031   -0.479  1.00 0.00 ? 98  ASN A H    1 
ATOM 1500 H HA   . ASN A 1 98  ? -5.552  10.837  -2.043  1.00 0.00 ? 98  ASN A HA   1 
ATOM 1501 H HB2  . ASN A 1 98  ? -6.712  11.125  0.666   1.00 0.00 ? 98  ASN A HB2  1 
ATOM 1502 H HB3  . ASN A 1 98  ? -5.027  11.607  0.495   1.00 0.00 ? 98  ASN A HB3  1 
ATOM 1503 H HD21 . ASN A 1 98  ? -8.121  11.965  -1.205  1.00 0.00 ? 98  ASN A HD21 1 
ATOM 1504 H HD22 . ASN A 1 98  ? -7.904  13.632  -1.600  1.00 0.00 ? 98  ASN A HD22 1 
ATOM 1505 N N    . PHE A 1 99  ? -3.361  9.984   -0.984  1.00 0.00 ? 99  PHE A N    1 
ATOM 1506 C CA   . PHE A 1 99  ? -2.143  9.245   -0.675  1.00 0.00 ? 99  PHE A CA   1 
ATOM 1507 C C    . PHE A 1 99  ? -1.259  10.031  0.289   1.00 0.00 ? 99  PHE A C    1 
ATOM 1508 O O    . PHE A 1 99  ? -0.108  10.340  -0.019  1.00 0.00 ? 99  PHE A O    1 
ATOM 1509 C CB   . PHE A 1 99  ? -1.369  8.936   -1.958  1.00 0.00 ? 99  PHE A CB   1 
ATOM 1510 C CG   . PHE A 1 99  ? -1.259  10.110  -2.888  1.00 0.00 ? 99  PHE A CG   1 
ATOM 1511 C CD1  . PHE A 1 99  ? -2.264  10.383  -3.802  1.00 0.00 ? 99  PHE A CD1  1 
ATOM 1512 C CD2  . PHE A 1 99  ? -0.149  10.939  -2.850  1.00 0.00 ? 99  PHE A CD2  1 
ATOM 1513 C CE1  . PHE A 1 99  ? -2.166  11.463  -4.659  1.00 0.00 ? 99  PHE A CE1  1 
ATOM 1514 C CE2  . PHE A 1 99  ? -0.046  12.020  -3.705  1.00 0.00 ? 99  PHE A CE2  1 
ATOM 1515 C CZ   . PHE A 1 99  ? -1.055  12.282  -4.612  1.00 0.00 ? 99  PHE A CZ   1 
ATOM 1516 H H    . PHE A 1 99  ? -3.291  10.869  -1.399  1.00 0.00 ? 99  PHE A H    1 
ATOM 1517 H HA   . PHE A 1 99  ? -2.430  8.317   -0.206  1.00 0.00 ? 99  PHE A HA   1 
ATOM 1518 H HB2  . PHE A 1 99  ? -0.368  8.624   -1.700  1.00 0.00 ? 99  PHE A HB2  1 
ATOM 1519 H HB3  . PHE A 1 99  ? -1.866  8.138   -2.487  1.00 0.00 ? 99  PHE A HB3  1 
ATOM 1520 H HD1  . PHE A 1 99  ? -3.133  9.743   -3.840  1.00 0.00 ? 99  PHE A HD1  1 
ATOM 1521 H HD2  . PHE A 1 99  ? 0.641   10.736  -2.143  1.00 0.00 ? 99  PHE A HD2  1 
ATOM 1522 H HE1  . PHE A 1 99  ? -2.957  11.664  -5.367  1.00 0.00 ? 99  PHE A HE1  1 
ATOM 1523 H HE2  . PHE A 1 99  ? 0.824   12.660  -3.666  1.00 0.00 ? 99  PHE A HE2  1 
ATOM 1524 H HZ   . PHE A 1 99  ? -0.976  13.127  -5.280  1.00 0.00 ? 99  PHE A HZ   1 
ATOM 1525 N N    . SER A 1 100 ? -1.807  10.352  1.457   1.00 0.00 ? 100 SER A N    1 
ATOM 1526 C CA   . SER A 1 100 ? -1.071  11.106  2.465   1.00 0.00 ? 100 SER A CA   1 
ATOM 1527 C C    . SER A 1 100 ? -0.118  10.197  3.235   1.00 0.00 ? 100 SER A C    1 
ATOM 1528 O O    . SER A 1 100 ? 0.107   9.048   2.853   1.00 0.00 ? 100 SER A O    1 
ATOM 1529 C CB   . SER A 1 100 ? -2.041  11.784  3.435   1.00 0.00 ? 100 SER A CB   1 
ATOM 1530 O OG   . SER A 1 100 ? -1.384  12.776  4.204   1.00 0.00 ? 100 SER A OG   1 
ATOM 1531 H H    . SER A 1 100 ? -2.729  10.077  1.644   1.00 0.00 ? 100 SER A H    1 
ATOM 1532 H HA   . SER A 1 100 ? -0.495  11.864  1.956   1.00 0.00 ? 100 SER A HA   1 
ATOM 1533 H HB2  . SER A 1 100 ? -2.839  12.249  2.875   1.00 0.00 ? 100 SER A HB2  1 
ATOM 1534 H HB3  . SER A 1 100 ? -2.455  11.043  4.102   1.00 0.00 ? 100 SER A HB3  1 
ATOM 1535 H HG   . SER A 1 100 ? -1.237  13.555  3.662   1.00 0.00 ? 100 SER A HG   1 
ATOM 1536 N N    . SER A 1 101 ? 0.441   10.721  4.321   1.00 0.00 ? 101 SER A N    1 
ATOM 1537 C CA   . SER A 1 101 ? 1.374   9.959   5.144   1.00 0.00 ? 101 SER A CA   1 
ATOM 1538 C C    . SER A 1 101 ? 0.777   8.610   5.534   1.00 0.00 ? 101 SER A C    1 
ATOM 1539 O O    . SER A 1 101 ? 1.501   7.637   5.746   1.00 0.00 ? 101 SER A O    1 
ATOM 1540 C CB   . SER A 1 101 ? 1.741   10.750  6.401   1.00 0.00 ? 101 SER A CB   1 
ATOM 1541 O OG   . SER A 1 101 ? 3.028   11.330  6.280   1.00 0.00 ? 101 SER A OG   1 
ATOM 1542 H H    . SER A 1 101 ? 0.222   11.642  4.575   1.00 0.00 ? 101 SER A H    1 
ATOM 1543 H HA   . SER A 1 101 ? 2.267   9.789   4.562   1.00 0.00 ? 101 SER A HA   1 
ATOM 1544 H HB2  . SER A 1 101 ? 1.018   11.536  6.553   1.00 0.00 ? 101 SER A HB2  1 
ATOM 1545 H HB3  . SER A 1 101 ? 1.736   10.087  7.254   1.00 0.00 ? 101 SER A HB3  1 
ATOM 1546 H HG   . SER A 1 101 ? 2.942   12.250  6.020   1.00 0.00 ? 101 SER A HG   1 
ATOM 1547 N N    . ARG A 1 102 ? -0.548  8.560   5.628   1.00 0.00 ? 102 ARG A N    1 
ATOM 1548 C CA   . ARG A 1 102 ? -1.243  7.333   5.994   1.00 0.00 ? 102 ARG A CA   1 
ATOM 1549 C C    . ARG A 1 102 ? -2.525  7.170   5.181   1.00 0.00 ? 102 ARG A C    1 
ATOM 1550 O O    . ARG A 1 102 ? -3.411  8.023   5.224   1.00 0.00 ? 102 ARG A O    1 
ATOM 1551 C CB   . ARG A 1 102 ? -1.570  7.332   7.488   1.00 0.00 ? 102 ARG A CB   1 
ATOM 1552 C CG   . ARG A 1 102 ? -2.270  6.068   7.959   1.00 0.00 ? 102 ARG A CG   1 
ATOM 1553 C CD   . ARG A 1 102 ? -1.270  5.002   8.378   1.00 0.00 ? 102 ARG A CD   1 
ATOM 1554 N NE   . ARG A 1 102 ? -0.728  5.253   9.710   1.00 0.00 ? 102 ARG A NE   1 
ATOM 1555 C CZ   . ARG A 1 102 ? -1.410  5.050   10.831  1.00 0.00 ? 102 ARG A CZ   1 
ATOM 1556 N NH1  . ARG A 1 102 ? -2.654  4.595   10.781  1.00 0.00 ? 102 ARG A NH1  1 
ATOM 1557 N NH2  . ARG A 1 102 ? -0.848  5.302   12.006  1.00 0.00 ? 102 ARG A NH2  1 
ATOM 1558 H H    . ARG A 1 102 ? -1.070  9.370   5.446   1.00 0.00 ? 102 ARG A H    1 
ATOM 1559 H HA   . ARG A 1 102 ? -0.586  6.503   5.778   1.00 0.00 ? 102 ARG A HA   1 
ATOM 1560 H HB2  . ARG A 1 102 ? -0.652  7.438   8.046   1.00 0.00 ? 102 ARG A HB2  1 
ATOM 1561 H HB3  . ARG A 1 102 ? -2.212  8.174   7.703   1.00 0.00 ? 102 ARG A HB3  1 
ATOM 1562 H HG2  . ARG A 1 102 ? -2.898  6.308   8.802   1.00 0.00 ? 102 ARG A HG2  1 
ATOM 1563 H HG3  . ARG A 1 102 ? -2.877  5.683   7.153   1.00 0.00 ? 102 ARG A HG3  1 
ATOM 1564 H HD2  . ARG A 1 102 ? -1.765  4.042   8.377   1.00 0.00 ? 102 ARG A HD2  1 
ATOM 1565 H HD3  . ARG A 1 102 ? -0.459  4.988   7.665   1.00 0.00 ? 102 ARG A HD3  1 
ATOM 1566 H HE   . ARG A 1 102 ? 0.190   5.590   9.771   1.00 0.00 ? 102 ARG A HE   1 
ATOM 1567 H HH11 . ARG A 1 102 ? -3.081  4.403   9.897   1.00 0.00 ? 102 ARG A HH11 1 
ATOM 1568 H HH12 . ARG A 1 102 ? -3.166  4.441   11.627  1.00 0.00 ? 102 ARG A HH12 1 
ATOM 1569 H HH21 . ARG A 1 102 ? 0.090   5.645   12.049  1.00 0.00 ? 102 ARG A HH21 1 
ATOM 1570 H HH22 . ARG A 1 102 ? -1.363  5.150   12.849  1.00 0.00 ? 102 ARG A HH22 1 
ATOM 1571 N N    . MET A 1 103 ? -2.614  6.070   4.441   1.00 0.00 ? 103 MET A N    1 
ATOM 1572 C CA   . MET A 1 103 ? -3.787  5.796   3.619   1.00 0.00 ? 103 MET A CA   1 
ATOM 1573 C C    . MET A 1 103 ? -4.372  4.425   3.947   1.00 0.00 ? 103 MET A C    1 
ATOM 1574 O O    . MET A 1 103 ? -3.647  3.434   4.028   1.00 0.00 ? 103 MET A O    1 
ATOM 1575 C CB   . MET A 1 103 ? -3.424  5.866   2.135   1.00 0.00 ? 103 MET A CB   1 
ATOM 1576 C CG   . MET A 1 103 ? -2.510  4.741   1.678   1.00 0.00 ? 103 MET A CG   1 
ATOM 1577 S SD   . MET A 1 103 ? -1.972  4.933   -0.032  1.00 0.00 ? 103 MET A SD   1 
ATOM 1578 C CE   . MET A 1 103 ? -0.452  3.986   -0.018  1.00 0.00 ? 103 MET A CE   1 
ATOM 1579 H H    . MET A 1 103 ? -1.875  5.426   4.447   1.00 0.00 ? 103 MET A H    1 
ATOM 1580 H HA   . MET A 1 103 ? -4.527  6.552   3.836   1.00 0.00 ? 103 MET A HA   1 
ATOM 1581 H HB2  . MET A 1 103 ? -4.332  5.822   1.552   1.00 0.00 ? 103 MET A HB2  1 
ATOM 1582 H HB3  . MET A 1 103 ? -2.927  6.805   1.941   1.00 0.00 ? 103 MET A HB3  1 
ATOM 1583 H HG2  . MET A 1 103 ? -1.637  4.723   2.315   1.00 0.00 ? 103 MET A HG2  1 
ATOM 1584 H HG3  . MET A 1 103 ? -3.040  3.805   1.772   1.00 0.00 ? 103 MET A HG3  1 
ATOM 1585 H HE1  . MET A 1 103 ? -0.043  3.977   0.983   1.00 0.00 ? 103 MET A HE1  1 
ATOM 1586 H HE2  . MET A 1 103 ? -0.655  2.973   -0.332  1.00 0.00 ? 103 MET A HE2  1 
ATOM 1587 H HE3  . MET A 1 103 ? 0.259   4.437   -0.693  1.00 0.00 ? 103 MET A HE3  1 
ATOM 1588 N N    . TYR A 1 104 ? -5.686  4.378   4.135   1.00 0.00 ? 104 TYR A N    1 
ATOM 1589 C CA   . TYR A 1 104 ? -6.368  3.130   4.456   1.00 0.00 ? 104 TYR A CA   1 
ATOM 1590 C C    . TYR A 1 104 ? -6.574  2.283   3.204   1.00 0.00 ? 104 TYR A C    1 
ATOM 1591 O O    . TYR A 1 104 ? -6.623  2.805   2.089   1.00 0.00 ? 104 TYR A O    1 
ATOM 1592 C CB   . TYR A 1 104 ? -7.716  3.418   5.119   1.00 0.00 ? 104 TYR A CB   1 
ATOM 1593 C CG   . TYR A 1 104 ? -7.596  4.064   6.480   1.00 0.00 ? 104 TYR A CG   1 
ATOM 1594 C CD1  . TYR A 1 104 ? -6.810  3.496   7.475   1.00 0.00 ? 104 TYR A CD1  1 
ATOM 1595 C CD2  . TYR A 1 104 ? -8.269  5.245   6.771   1.00 0.00 ? 104 TYR A CD2  1 
ATOM 1596 C CE1  . TYR A 1 104 ? -6.699  4.084   8.721   1.00 0.00 ? 104 TYR A CE1  1 
ATOM 1597 C CE2  . TYR A 1 104 ? -8.162  5.841   8.013   1.00 0.00 ? 104 TYR A CE2  1 
ATOM 1598 C CZ   . TYR A 1 104 ? -7.376  5.256   8.984   1.00 0.00 ? 104 TYR A CZ   1 
ATOM 1599 O OH   . TYR A 1 104 ? -7.267  5.845   10.223  1.00 0.00 ? 104 TYR A OH   1 
ATOM 1600 H H    . TYR A 1 104 ? -6.211  5.202   4.057   1.00 0.00 ? 104 TYR A H    1 
ATOM 1601 H HA   . TYR A 1 104 ? -5.746  2.583   5.149   1.00 0.00 ? 104 TYR A HA   1 
ATOM 1602 H HB2  . TYR A 1 104 ? -8.287  4.080   4.486   1.00 0.00 ? 104 TYR A HB2  1 
ATOM 1603 H HB3  . TYR A 1 104 ? -8.256  2.489   5.239   1.00 0.00 ? 104 TYR A HB3  1 
ATOM 1604 H HD1  . TYR A 1 104 ? -6.280  2.578   7.264   1.00 0.00 ? 104 TYR A HD1  1 
ATOM 1605 H HD2  . TYR A 1 104 ? -8.884  5.701   6.009   1.00 0.00 ? 104 TYR A HD2  1 
ATOM 1606 H HE1  . TYR A 1 104 ? -6.083  3.626   9.480   1.00 0.00 ? 104 TYR A HE1  1 
ATOM 1607 H HE2  . TYR A 1 104 ? -8.693  6.758   8.221   1.00 0.00 ? 104 TYR A HE2  1 
ATOM 1608 H HH   . TYR A 1 104 ? -7.954  6.508   10.325  1.00 0.00 ? 104 TYR A HH   1 
ATOM 1609 N N    . CYS A 1 105 ? -6.694  0.974   3.396   1.00 0.00 ? 105 CYS A N    1 
ATOM 1610 C CA   . CYS A 1 105 ? -6.895  0.054   2.283   1.00 0.00 ? 105 CYS A CA   1 
ATOM 1611 C C    . CYS A 1 105 ? -8.297  -0.547  2.321   1.00 0.00 ? 105 CYS A C    1 
ATOM 1612 O O    . CYS A 1 105 ? -8.547  -1.519  3.034   1.00 0.00 ? 105 CYS A O    1 
ATOM 1613 C CB   . CYS A 1 105 ? -5.848  -1.061  2.321   1.00 0.00 ? 105 CYS A CB   1 
ATOM 1614 S SG   . CYS A 1 105 ? -5.675  -1.856  3.936   1.00 0.00 ? 105 CYS A SG   1 
ATOM 1615 H H    . CYS A 1 105 ? -6.647  0.618   4.308   1.00 0.00 ? 105 CYS A H    1 
ATOM 1616 H HA   . CYS A 1 105 ? -6.780  0.612   1.367   1.00 0.00 ? 105 CYS A HA   1 
ATOM 1617 H HB2  . CYS A 1 105 ? -6.120  -1.824  1.608   1.00 0.00 ? 105 CYS A HB2  1 
ATOM 1618 H HB3  . CYS A 1 105 ? -4.887  -0.651  2.050   1.00 0.00 ? 105 CYS A HB3  1 
ATOM 1619 H HG   . CYS A 1 105 ? -6.889  -2.048  4.429   1.00 0.00 ? 105 CYS A HG   1 
ATOM 1620 N N    . SER A 1 106 ? -9.206  0.039   1.548   1.00 0.00 ? 106 SER A N    1 
ATOM 1621 C CA   . SER A 1 106 ? -10.584 -0.434  1.497   1.00 0.00 ? 106 SER A CA   1 
ATOM 1622 C C    . SER A 1 106 ? -10.839 -1.227  0.219   1.00 0.00 ? 106 SER A C    1 
ATOM 1623 O O    . SER A 1 106 ? -10.357 -0.867  -0.856  1.00 0.00 ? 106 SER A O    1 
ATOM 1624 C CB   . SER A 1 106 ? -11.554 0.746   1.581   1.00 0.00 ? 106 SER A CB   1 
ATOM 1625 O OG   . SER A 1 106 ? -10.927 1.951   1.184   1.00 0.00 ? 106 SER A OG   1 
ATOM 1626 H H    . SER A 1 106 ? -8.945  0.810   1.003   1.00 0.00 ? 106 SER A H    1 
ATOM 1627 H HA   . SER A 1 106 ? -10.744 -1.082  2.346   1.00 0.00 ? 106 SER A HA   1 
ATOM 1628 H HB2  . SER A 1 106 ? -12.398 0.562   0.932   1.00 0.00 ? 106 SER A HB2  1 
ATOM 1629 H HB3  . SER A 1 106 ? -11.901 0.852   2.600   1.00 0.00 ? 106 SER A HB3  1 
ATOM 1630 H HG   . SER A 1 106 ? -10.954 2.581   1.909   1.00 0.00 ? 106 SER A HG   1 
ATOM 1631 N N    . PHE A 1 107 ? -11.600 -2.309  0.343   1.00 0.00 ? 107 PHE A N    1 
ATOM 1632 C CA   . PHE A 1 107 ? -11.919 -3.155  -0.801  1.00 0.00 ? 107 PHE A CA   1 
ATOM 1633 C C    . PHE A 1 107 ? -13.060 -2.557  -1.619  1.00 0.00 ? 107 PHE A C    1 
ATOM 1634 O O    . PHE A 1 107 ? -13.069 -2.639  -2.847  1.00 0.00 ? 107 PHE A O    1 
ATOM 1635 C CB   . PHE A 1 107 ? -12.295 -4.563  -0.333  1.00 0.00 ? 107 PHE A CB   1 
ATOM 1636 C CG   . PHE A 1 107 ? -13.545 -4.604  0.497   1.00 0.00 ? 107 PHE A CG   1 
ATOM 1637 C CD1  . PHE A 1 107 ? -14.784 -4.777  -0.100  1.00 0.00 ? 107 PHE A CD1  1 
ATOM 1638 C CD2  . PHE A 1 107 ? -13.483 -4.469  1.875   1.00 0.00 ? 107 PHE A CD2  1 
ATOM 1639 C CE1  . PHE A 1 107 ? -15.937 -4.816  0.661   1.00 0.00 ? 107 PHE A CE1  1 
ATOM 1640 C CE2  . PHE A 1 107 ? -14.632 -4.507  2.642   1.00 0.00 ? 107 PHE A CE2  1 
ATOM 1641 C CZ   . PHE A 1 107 ? -15.861 -4.680  2.034   1.00 0.00 ? 107 PHE A CZ   1 
ATOM 1642 H H    . PHE A 1 107 ? -11.955 -2.545  1.226   1.00 0.00 ? 107 PHE A H    1 
ATOM 1643 H HA   . PHE A 1 107 ? -11.039 -3.215  -1.423  1.00 0.00 ? 107 PHE A HA   1 
ATOM 1644 H HB2  . PHE A 1 107 ? -12.450 -5.192  -1.197  1.00 0.00 ? 107 PHE A HB2  1 
ATOM 1645 H HB3  . PHE A 1 107 ? -11.487 -4.965  0.260   1.00 0.00 ? 107 PHE A HB3  1 
ATOM 1646 H HD1  . PHE A 1 107 ? -14.844 -4.884  -1.174  1.00 0.00 ? 107 PHE A HD1  1 
ATOM 1647 H HD2  . PHE A 1 107 ? -12.523 -4.333  2.352   1.00 0.00 ? 107 PHE A HD2  1 
ATOM 1648 H HE1  . PHE A 1 107 ? -16.895 -4.951  0.184   1.00 0.00 ? 107 PHE A HE1  1 
ATOM 1649 H HE2  . PHE A 1 107 ? -14.570 -4.400  3.714   1.00 0.00 ? 107 PHE A HE2  1 
ATOM 1650 H HZ   . PHE A 1 107 ? -16.760 -4.710  2.630   1.00 0.00 ? 107 PHE A HZ   1 
ATOM 1651 N N    . TYR A 1 108 ? -14.022 -1.955  -0.928  1.00 0.00 ? 108 TYR A N    1 
ATOM 1652 C CA   . TYR A 1 108 ? -15.170 -1.345  -1.588  1.00 0.00 ? 108 TYR A CA   1 
ATOM 1653 C C    . TYR A 1 108 ? -14.757 -0.092  -2.353  1.00 0.00 ? 108 TYR A C    1 
ATOM 1654 O O    . TYR A 1 108 ? -13.767 0.566   -2.029  1.00 0.00 ? 108 TYR A O    1 
ATOM 1655 C CB   . TYR A 1 108 ? -16.249 -0.997  -0.561  1.00 0.00 ? 108 TYR A CB   1 
ATOM 1656 C CG   . TYR A 1 108 ? -15.844 0.104   0.393   1.00 0.00 ? 108 TYR A CG   1 
ATOM 1657 C CD1  . TYR A 1 108 ? -15.025 -0.162  1.484   1.00 0.00 ? 108 TYR A CD1  1 
ATOM 1658 C CD2  . TYR A 1 108 ? -16.281 1.409   0.205   1.00 0.00 ? 108 TYR A CD2  1 
ATOM 1659 C CE1  . TYR A 1 108 ? -14.653 0.840   2.359   1.00 0.00 ? 108 TYR A CE1  1 
ATOM 1660 C CE2  . TYR A 1 108 ? -15.913 2.418   1.075   1.00 0.00 ? 108 TYR A CE2  1 
ATOM 1661 C CZ   . TYR A 1 108 ? -15.100 2.128   2.150   1.00 0.00 ? 108 TYR A CZ   1 
ATOM 1662 O OH   . TYR A 1 108 ? -14.732 3.129   3.019   1.00 0.00 ? 108 TYR A OH   1 
ATOM 1663 H H    . TYR A 1 108 ? -13.959 -1.921  0.050   1.00 0.00 ? 108 TYR A H    1 
ATOM 1664 H HA   . TYR A 1 108 ? -15.571 -2.064  -2.287  1.00 0.00 ? 108 TYR A HA   1 
ATOM 1665 H HB2  . TYR A 1 108 ? -17.139 -0.674  -1.079  1.00 0.00 ? 108 TYR A HB2  1 
ATOM 1666 H HB3  . TYR A 1 108 ? -16.478 -1.876  0.023   1.00 0.00 ? 108 TYR A HB3  1 
ATOM 1667 H HD1  . TYR A 1 108 ? -14.677 -1.173  1.645   1.00 0.00 ? 108 TYR A HD1  1 
ATOM 1668 H HD2  . TYR A 1 108 ? -16.919 1.632   -0.638  1.00 0.00 ? 108 TYR A HD2  1 
ATOM 1669 H HE1  . TYR A 1 108 ? -14.016 0.614   3.202   1.00 0.00 ? 108 TYR A HE1  1 
ATOM 1670 H HE2  . TYR A 1 108 ? -16.263 3.427   0.911   1.00 0.00 ? 108 TYR A HE2  1 
ATOM 1671 H HH   . TYR A 1 108 ? -15.312 3.118   3.784   1.00 0.00 ? 108 TYR A HH   1 
ATOM 1672 N N    . PRO A 1 109 ? -15.531 0.249   -3.394  1.00 0.00 ? 109 PRO A N    1 
ATOM 1673 C CA   . PRO A 1 109 ? -15.267 1.425   -4.226  1.00 0.00 ? 109 PRO A CA   1 
ATOM 1674 C C    . PRO A 1 109 ? -15.525 2.731   -3.483  1.00 0.00 ? 109 PRO A C    1 
ATOM 1675 O O    . PRO A 1 109 ? -16.118 2.753   -2.403  1.00 0.00 ? 109 PRO A O    1 
ATOM 1676 C CB   . PRO A 1 109 ? -16.254 1.267   -5.386  1.00 0.00 ? 109 PRO A CB   1 
ATOM 1677 C CG   . PRO A 1 109 ? -17.362 0.440   -4.831  1.00 0.00 ? 109 PRO A CG   1 
ATOM 1678 C CD   . PRO A 1 109 ? -16.726 -0.490  -3.837  1.00 0.00 ? 109 PRO A CD   1 
ATOM 1679 H HA   . PRO A 1 109 ? -14.257 1.422   -4.607  1.00 0.00 ? 109 PRO A HA   1 
ATOM 1680 H HB2  . PRO A 1 109 ? -16.604 2.240   -5.700  1.00 0.00 ? 109 PRO A HB2  1 
ATOM 1681 H HB3  . PRO A 1 109 ? -15.766 0.771   -6.212  1.00 0.00 ? 109 PRO A HB3  1 
ATOM 1682 H HG2  . PRO A 1 109 ? -18.084 1.075   -4.342  1.00 0.00 ? 109 PRO A HG2  1 
ATOM 1683 H HG3  . PRO A 1 109 ? -17.830 -0.124  -5.624  1.00 0.00 ? 109 PRO A HG3  1 
ATOM 1684 H HD2  . PRO A 1 109 ? -17.396 -0.673  -3.009  1.00 0.00 ? 109 PRO A HD2  1 
ATOM 1685 H HD3  . PRO A 1 109 ? -16.449 -1.420  -4.313  1.00 0.00 ? 109 PRO A HD3  1 
ATOM 1686 N N    . PRO A 1 110 ? -15.069 3.847   -4.070  1.00 0.00 ? 110 PRO A N    1 
ATOM 1687 C CA   . PRO A 1 110 ? -15.241 5.179   -3.481  1.00 0.00 ? 110 PRO A CA   1 
ATOM 1688 C C    . PRO A 1 110 ? -16.694 5.641   -3.504  1.00 0.00 ? 110 PRO A C    1 
ATOM 1689 O O    . PRO A 1 110 ? -17.224 6.104   -2.494  1.00 0.00 ? 110 PRO A O    1 
ATOM 1690 C CB   . PRO A 1 110 ? -14.380 6.075   -4.374  1.00 0.00 ? 110 PRO A CB   1 
ATOM 1691 C CG   . PRO A 1 110 ? -14.322 5.364   -5.682  1.00 0.00 ? 110 PRO A CG   1 
ATOM 1692 C CD   . PRO A 1 110 ? -14.354 3.896   -5.356  1.00 0.00 ? 110 PRO A CD   1 
ATOM 1693 H HA   . PRO A 1 110 ? -14.869 5.214   -2.467  1.00 0.00 ? 110 PRO A HA   1 
ATOM 1694 H HB2  . PRO A 1 110 ? -14.846 7.046   -4.471  1.00 0.00 ? 110 PRO A HB2  1 
ATOM 1695 H HB3  . PRO A 1 110 ? -13.397 6.184   -3.940  1.00 0.00 ? 110 PRO A HB3  1 
ATOM 1696 H HG2  . PRO A 1 110 ? -15.176 5.633   -6.284  1.00 0.00 ? 110 PRO A HG2  1 
ATOM 1697 H HG3  . PRO A 1 110 ? -13.405 5.613   -6.195  1.00 0.00 ? 110 PRO A HG3  1 
ATOM 1698 H HD2  . PRO A 1 110 ? -14.893 3.353   -6.118  1.00 0.00 ? 110 PRO A HD2  1 
ATOM 1699 H HD3  . PRO A 1 110 ? -13.351 3.510   -5.253  1.00 0.00 ? 110 PRO A HD3  1 
ATOM 1700 N N    . ASP A 1 111 ? -17.331 5.513   -4.662  1.00 0.00 ? 111 ASP A N    1 
ATOM 1701 C CA   . ASP A 1 111 ? -18.725 5.916   -4.817  1.00 0.00 ? 111 ASP A CA   1 
ATOM 1702 C C    . ASP A 1 111 ? -19.208 5.664   -6.242  1.00 0.00 ? 111 ASP A C    1 
ATOM 1703 O O    . ASP A 1 111 ? -20.372 5.330   -6.461  1.00 0.00 ? 111 ASP A O    1 
ATOM 1704 C CB   . ASP A 1 111 ? -18.892 7.395   -4.463  1.00 0.00 ? 111 ASP A CB   1 
ATOM 1705 C CG   . ASP A 1 111 ? -19.762 7.602   -3.238  1.00 0.00 ? 111 ASP A CG   1 
ATOM 1706 O OD1  . ASP A 1 111 ? -19.744 6.732   -2.344  1.00 0.00 ? 111 ASP A OD1  1 
ATOM 1707 O OD2  . ASP A 1 111 ? -20.459 8.635   -3.176  1.00 0.00 ? 111 ASP A OD2  1 
ATOM 1708 H H    . ASP A 1 111 ? -16.854 5.137   -5.432  1.00 0.00 ? 111 ASP A H    1 
ATOM 1709 H HA   . ASP A 1 111 ? -19.318 5.324   -4.138  1.00 0.00 ? 111 ASP A HA   1 
ATOM 1710 H HB2  . ASP A 1 111 ? -17.919 7.824   -4.266  1.00 0.00 ? 111 ASP A HB2  1 
ATOM 1711 H HB3  . ASP A 1 111 ? -19.345 7.909   -5.297  1.00 0.00 ? 111 ASP A HB3  1 
ATOM 1712 N N    . GLU A 1 112 ? -18.308 5.827   -7.205  1.00 0.00 ? 112 GLU A N    1 
ATOM 1713 C CA   . GLU A 1 112 ? -18.644 5.619   -8.608  1.00 0.00 ? 112 GLU A CA   1 
ATOM 1714 C C    . GLU A 1 112 ? -19.305 4.258   -8.813  1.00 0.00 ? 112 GLU A C    1 
ATOM 1715 O O    . GLU A 1 112 ? -18.787 3.234   -8.368  1.00 0.00 ? 112 GLU A O    1 
ATOM 1716 C CB   . GLU A 1 112 ? -17.390 5.725   -9.479  1.00 0.00 ? 112 GLU A CB   1 
ATOM 1717 C CG   . GLU A 1 112 ? -17.451 6.850   -10.499 1.00 0.00 ? 112 GLU A CG   1 
ATOM 1718 C CD   . GLU A 1 112 ? -16.745 8.106   -10.025 1.00 0.00 ? 112 GLU A CD   1 
ATOM 1719 O OE1  . GLU A 1 112 ? -16.665 8.314   -8.797  1.00 0.00 ? 112 GLU A OE1  1 
ATOM 1720 O OE2  . GLU A 1 112 ? -16.274 8.880   -10.884 1.00 0.00 ? 112 GLU A OE2  1 
ATOM 1721 H H    . GLU A 1 112 ? -17.395 6.094   -6.967  1.00 0.00 ? 112 GLU A H    1 
ATOM 1722 H HA   . GLU A 1 112 ? -19.341 6.390   -8.900  1.00 0.00 ? 112 GLU A HA   1 
ATOM 1723 H HB2  . GLU A 1 112 ? -16.536 5.892   -8.839  1.00 0.00 ? 112 GLU A HB2  1 
ATOM 1724 H HB3  . GLU A 1 112 ? -17.255 4.794   -10.008 1.00 0.00 ? 112 GLU A HB3  1 
ATOM 1725 H HG2  . GLU A 1 112 ? -16.984 6.516   -11.412 1.00 0.00 ? 112 GLU A HG2  1 
ATOM 1726 H HG3  . GLU A 1 112 ? -18.487 7.088   -10.692 1.00 0.00 ? 112 GLU A HG3  1 
# 
